data_6UJM
#
_entry.id   6UJM
#
_cell.length_a   49.298
_cell.length_b   139.011
_cell.length_c   177.389
_cell.angle_alpha   90.000
_cell.angle_beta   93.410
_cell.angle_gamma   90.000
#
_symmetry.space_group_name_H-M   'P 1 21 1'
#
loop_
_entity.id
_entity.type
_entity.pdbx_description
1 polymer 'Glutaminase kidney isoform, mitochondrial'
2 non-polymer N-{5-[(3R)-3-{[5-(acetylamino)-1,3,4-thiadiazol-2-yl]amino}pyrrolidin-1-yl]-1,3,4-thiadiazol-2-yl}acetamide
#
_entity_poly.entity_id   1
_entity_poly.type   'polypeptide(L)'
_entity_poly.pdbx_seq_one_letter_code
;LSSSPSEILQELGKGSTHPQPGVSPPAAPAAPGPKDGPGETDAFGNSEGKELVASGENKIKQGLLPSLEDLLFYTIAEGQ
EKIPVHKFITALKSTGLRTSDPRLKECMDMLRLTLQTTSDGVMLDKDLFKKCVQSNIVLLTQAFRRKFVIPDFMSFTSHI
DELYESAKKQSGGKVADYIPQLAKFSPDLWGVSVCTADGQRHSTGDTKVPFCLQSCVKPLKYAIAVNDLGTEYVHRYVGK
EPSGLRFNKLFLNEDDKPHNPMVNAGAIVVTSLIKQGVNNAEKFDYVMQFLNKMAGNEYVGFSNATFQSERESGDRNFAI
GYYLKEKKCFPEGTDMVGILDFYFQLCSIEVTCESASVMAATLANGGFCPITGERVLSPEAVRNTLSLMHSCGMYDFSGQ
FAFHVGLPAKSGVAGGILLVVPNVMGMMCWSPPLDKMGNSVKGIHFCHDLVSLCNFHNYDNLRHFAKKLDPRREGGDQRH
SFGPLDYESLQQELALKETVWKKVSPESNEDISTTVVYRMESLGEKS
;
_entity_poly.pdbx_strand_id   A,B,C,D
#
loop_
_chem_comp.id
_chem_comp.type
_chem_comp.name
_chem_comp.formula
Q94 non-polymer N-{5-[(3R)-3-{[5-(acetylamino)-1,3,4-thiadiazol-2-yl]amino}pyrrolidin-1-yl]-1,3,4-thiadiazol-2-yl}acetamide 'C12 H16 N8 O2 S2'
#
# COMPACT_ATOMS: atom_id res chain seq x y z
N PRO A 66 32.75 -32.07 -57.48
CA PRO A 66 31.48 -31.94 -56.75
C PRO A 66 30.63 -30.76 -57.25
N SER A 67 29.35 -30.74 -56.88
CA SER A 67 28.48 -29.61 -57.21
C SER A 67 27.26 -29.63 -56.30
N LEU A 68 26.92 -28.47 -55.76
CA LEU A 68 25.94 -28.43 -54.67
C LEU A 68 24.53 -28.71 -55.16
N GLU A 69 24.19 -28.20 -56.35
CA GLU A 69 22.90 -28.51 -56.97
C GLU A 69 22.80 -29.98 -57.33
N ASP A 70 23.94 -30.64 -57.57
CA ASP A 70 23.97 -32.03 -57.99
C ASP A 70 23.86 -32.97 -56.80
N LEU A 71 24.61 -32.68 -55.73
CA LEU A 71 24.52 -33.55 -54.57
C LEU A 71 23.12 -33.48 -53.98
N LEU A 72 22.50 -32.30 -54.00
CA LEU A 72 21.10 -32.22 -53.62
C LEU A 72 20.21 -32.93 -54.63
N PHE A 73 20.50 -32.77 -55.93
CA PHE A 73 19.70 -33.44 -56.95
C PHE A 73 19.68 -34.95 -56.72
N TYR A 74 20.83 -35.54 -56.42
CA TYR A 74 20.86 -36.99 -56.24
C TYR A 74 20.15 -37.40 -54.96
N THR A 75 20.34 -36.67 -53.86
CA THR A 75 19.63 -37.02 -52.64
C THR A 75 18.13 -37.09 -52.90
N ILE A 76 17.61 -36.16 -53.70
CA ILE A 76 16.19 -36.16 -54.00
C ILE A 76 15.89 -37.13 -55.13
N ALA A 77 16.77 -37.21 -56.13
CA ALA A 77 16.52 -38.10 -57.26
C ALA A 77 16.49 -39.55 -56.80
N GLU A 78 17.23 -39.87 -55.75
CA GLU A 78 17.33 -41.23 -55.23
C GLU A 78 17.80 -42.20 -56.31
N GLY A 79 18.92 -41.85 -56.94
CA GLY A 79 19.48 -42.70 -57.99
C GLY A 79 18.68 -42.72 -59.27
N GLN A 80 17.50 -42.12 -59.32
CA GLN A 80 16.66 -42.17 -60.50
C GLN A 80 17.04 -41.12 -61.55
N GLU A 81 16.43 -41.30 -62.73
CA GLU A 81 16.52 -40.50 -63.96
C GLU A 81 16.43 -39.01 -63.68
N LYS A 82 15.19 -38.63 -63.42
CA LYS A 82 14.68 -37.27 -63.30
C LYS A 82 13.75 -37.21 -62.11
N ILE A 83 13.62 -36.01 -61.55
CA ILE A 83 12.77 -35.78 -60.39
C ILE A 83 11.44 -35.24 -60.91
N PRO A 84 10.33 -35.95 -60.68
CA PRO A 84 9.01 -35.34 -60.92
C PRO A 84 8.84 -34.10 -60.06
N VAL A 85 8.23 -33.06 -60.64
CA VAL A 85 8.22 -31.78 -59.96
C VAL A 85 7.39 -31.85 -58.68
N HIS A 86 6.30 -32.62 -58.70
CA HIS A 86 5.51 -32.79 -57.49
C HIS A 86 6.29 -33.50 -56.40
N LYS A 87 7.18 -34.43 -56.77
CA LYS A 87 8.01 -35.11 -55.78
C LYS A 87 9.00 -34.16 -55.14
N PHE A 88 9.54 -33.21 -55.90
CA PHE A 88 10.40 -32.20 -55.28
C PHE A 88 9.60 -31.29 -54.36
N ILE A 89 8.37 -30.91 -54.76
CA ILE A 89 7.55 -30.03 -53.94
C ILE A 89 7.17 -30.71 -52.62
N THR A 90 6.83 -31.99 -52.67
CA THR A 90 6.44 -32.70 -51.45
C THR A 90 7.60 -32.76 -50.47
N ALA A 91 8.79 -33.11 -50.96
CA ALA A 91 9.99 -33.08 -50.13
C ALA A 91 10.23 -31.70 -49.55
N LEU A 92 9.95 -30.64 -50.31
CA LEU A 92 10.08 -29.30 -49.77
C LEU A 92 9.12 -29.07 -48.61
N LYS A 93 7.84 -29.41 -48.80
CA LYS A 93 6.84 -29.08 -47.80
C LYS A 93 7.12 -29.78 -46.47
N SER A 94 7.64 -31.01 -46.53
CA SER A 94 7.88 -31.77 -45.31
C SER A 94 9.04 -31.25 -44.48
N THR A 95 9.93 -30.42 -45.06
CA THR A 95 10.94 -29.75 -44.23
C THR A 95 10.32 -28.68 -43.34
N GLY A 96 9.09 -28.27 -43.61
CA GLY A 96 8.45 -27.15 -42.96
C GLY A 96 8.30 -25.93 -43.85
N LEU A 97 9.16 -25.78 -44.85
CA LEU A 97 9.07 -24.63 -45.70
C LEU A 97 7.78 -24.70 -46.52
N ARG A 98 7.18 -23.54 -46.73
CA ARG A 98 6.04 -23.39 -47.63
C ARG A 98 6.55 -22.99 -49.00
N THR A 99 5.86 -23.46 -50.05
CA THR A 99 6.27 -23.07 -51.40
C THR A 99 6.18 -21.57 -51.63
N SER A 100 5.40 -20.85 -50.82
CA SER A 100 5.29 -19.39 -50.92
C SER A 100 6.36 -18.62 -50.13
N ASP A 101 7.29 -19.31 -49.47
CA ASP A 101 8.35 -18.67 -48.71
C ASP A 101 9.03 -17.60 -49.57
N PRO A 102 9.10 -16.35 -49.12
CA PRO A 102 9.74 -15.31 -49.94
C PRO A 102 11.16 -15.64 -50.37
N ARG A 103 11.92 -16.36 -49.56
CA ARG A 103 13.29 -16.73 -49.91
C ARG A 103 13.36 -17.79 -51.00
N LEU A 104 12.22 -18.30 -51.45
CA LEU A 104 12.18 -19.31 -52.50
C LEU A 104 11.56 -18.77 -53.79
N LYS A 105 11.27 -17.47 -53.85
CA LYS A 105 10.57 -16.93 -55.01
C LYS A 105 11.27 -17.27 -56.32
N GLU A 106 12.58 -17.01 -56.41
CA GLU A 106 13.27 -17.26 -57.68
C GLU A 106 13.13 -18.71 -58.10
N CYS A 107 13.27 -19.65 -57.17
CA CYS A 107 13.13 -21.06 -57.53
C CYS A 107 11.72 -21.34 -57.99
N MET A 108 10.73 -20.77 -57.29
CA MET A 108 9.35 -20.95 -57.69
C MET A 108 9.06 -20.24 -59.00
N ASP A 109 9.65 -19.05 -59.18
CA ASP A 109 9.47 -18.34 -60.46
C ASP A 109 10.02 -19.18 -61.60
N MET A 110 11.15 -19.86 -61.37
CA MET A 110 11.76 -20.70 -62.38
C MET A 110 10.97 -21.97 -62.60
N LEU A 111 10.32 -22.49 -61.56
CA LEU A 111 9.47 -23.67 -61.73
C LEU A 111 8.25 -23.33 -62.56
N ARG A 112 7.62 -22.18 -62.29
CA ARG A 112 6.47 -21.78 -63.09
C ARG A 112 6.84 -21.49 -64.54
N LEU A 113 8.05 -20.98 -64.79
CA LEU A 113 8.53 -20.82 -66.17
C LEU A 113 8.64 -22.16 -66.87
N THR A 114 9.26 -23.15 -66.22
CA THR A 114 9.47 -24.45 -66.87
C THR A 114 8.16 -25.22 -67.02
N LEU A 115 7.23 -25.04 -66.08
CA LEU A 115 5.97 -25.78 -66.15
C LEU A 115 5.09 -25.33 -67.31
N GLN A 116 5.47 -24.26 -68.00
CA GLN A 116 4.95 -23.88 -69.31
C GLN A 116 5.70 -24.53 -70.46
N THR A 117 7.04 -24.42 -70.49
CA THR A 117 7.81 -24.89 -71.66
C THR A 117 7.52 -26.35 -71.98
N THR A 118 7.42 -27.19 -70.95
CA THR A 118 7.30 -28.63 -71.14
C THR A 118 6.06 -29.07 -70.36
N SER A 119 4.88 -28.77 -70.95
CA SER A 119 3.58 -29.00 -70.32
C SER A 119 3.15 -30.47 -70.34
N ASP A 120 4.08 -31.43 -70.24
CA ASP A 120 3.87 -32.82 -70.58
C ASP A 120 5.13 -33.56 -70.15
N GLY A 121 4.99 -34.51 -69.23
CA GLY A 121 6.13 -35.16 -68.60
C GLY A 121 7.04 -34.22 -67.80
N VAL A 122 6.52 -33.65 -66.71
CA VAL A 122 7.12 -32.48 -66.05
C VAL A 122 8.32 -32.86 -65.19
N MET A 123 9.18 -33.72 -65.71
CA MET A 123 10.32 -34.24 -64.98
C MET A 123 11.49 -33.28 -65.06
N LEU A 124 12.26 -33.24 -63.98
CA LEU A 124 13.45 -32.40 -63.89
C LEU A 124 14.66 -33.31 -63.96
N ASP A 125 15.50 -33.14 -64.97
CA ASP A 125 16.78 -33.82 -64.92
C ASP A 125 17.78 -32.93 -64.19
N LYS A 126 19.00 -33.45 -64.01
CA LYS A 126 20.02 -32.74 -63.25
C LYS A 126 20.20 -31.33 -63.78
N ASP A 127 20.31 -31.20 -65.10
CA ASP A 127 20.54 -29.92 -65.73
C ASP A 127 19.39 -28.96 -65.48
N LEU A 128 18.15 -29.46 -65.57
CA LEU A 128 16.98 -28.61 -65.41
C LEU A 128 16.70 -28.32 -63.94
N PHE A 129 16.85 -29.33 -63.09
CA PHE A 129 16.75 -29.13 -61.66
C PHE A 129 17.71 -28.05 -61.20
N LYS A 130 18.98 -28.12 -61.63
CA LYS A 130 19.95 -27.11 -61.26
C LYS A 130 19.46 -25.73 -61.64
N LYS A 131 18.85 -25.63 -62.81
CA LYS A 131 18.44 -24.33 -63.34
C LYS A 131 17.38 -23.70 -62.45
N CYS A 132 16.58 -24.52 -61.77
CA CYS A 132 15.54 -24.00 -60.90
C CYS A 132 16.04 -23.73 -59.47
N VAL A 133 16.92 -24.56 -58.93
CA VAL A 133 17.32 -24.43 -57.53
C VAL A 133 18.59 -23.60 -57.33
N GLN A 134 19.33 -23.29 -58.38
CA GLN A 134 20.67 -22.76 -58.22
C GLN A 134 20.66 -21.49 -57.36
N SER A 135 19.66 -20.64 -57.56
CA SER A 135 19.65 -19.34 -56.91
C SER A 135 19.44 -19.45 -55.41
N ASN A 136 18.67 -20.45 -54.97
CA ASN A 136 18.32 -20.61 -53.56
C ASN A 136 18.94 -21.87 -52.95
N ILE A 137 20.13 -22.25 -53.43
CA ILE A 137 20.66 -23.57 -53.12
C ILE A 137 21.06 -23.69 -51.66
N VAL A 138 21.63 -22.64 -51.07
CA VAL A 138 22.07 -22.75 -49.68
C VAL A 138 20.90 -23.06 -48.77
N LEU A 139 19.76 -22.38 -48.99
CA LEU A 139 18.60 -22.60 -48.14
C LEU A 139 17.99 -23.99 -48.39
N LEU A 140 17.90 -24.39 -49.65
CA LEU A 140 17.38 -25.73 -49.93
C LEU A 140 18.30 -26.80 -49.38
N THR A 141 19.60 -26.52 -49.32
CA THR A 141 20.52 -27.50 -48.78
C THR A 141 20.36 -27.61 -47.27
N GLN A 142 20.29 -26.48 -46.58
CA GLN A 142 20.05 -26.51 -45.15
C GLN A 142 18.75 -27.24 -44.84
N ALA A 143 17.72 -27.01 -45.64
CA ALA A 143 16.44 -27.68 -45.42
C ALA A 143 16.56 -29.19 -45.68
N PHE A 144 17.25 -29.58 -46.75
CA PHE A 144 17.23 -31.00 -47.10
C PHE A 144 18.29 -31.82 -46.36
N ARG A 145 19.38 -31.19 -45.91
CA ARG A 145 20.32 -31.84 -45.01
C ARG A 145 19.90 -31.72 -43.52
N ARG A 146 18.63 -31.39 -43.29
CA ARG A 146 18.02 -31.34 -41.96
C ARG A 146 18.86 -30.52 -40.99
N LYS A 147 19.26 -29.35 -41.43
CA LYS A 147 20.05 -28.42 -40.63
C LYS A 147 19.17 -27.39 -39.96
N PHE A 148 17.85 -27.51 -40.10
CA PHE A 148 16.97 -26.53 -39.46
C PHE A 148 16.87 -26.78 -37.96
N VAL A 149 16.40 -25.76 -37.25
CA VAL A 149 16.38 -25.78 -35.79
C VAL A 149 15.56 -26.95 -35.27
N ILE A 150 14.49 -27.32 -35.96
CA ILE A 150 13.73 -28.50 -35.60
C ILE A 150 13.80 -29.46 -36.79
N PRO A 151 14.72 -30.44 -36.72
CA PRO A 151 14.99 -31.29 -37.91
C PRO A 151 13.81 -32.13 -38.34
N ASP A 152 13.18 -32.82 -37.40
CA ASP A 152 12.00 -33.66 -37.69
C ASP A 152 10.77 -32.83 -37.39
N PHE A 153 10.49 -31.89 -38.31
CA PHE A 153 9.40 -30.94 -38.10
C PHE A 153 8.04 -31.62 -38.18
N MET A 154 7.91 -32.65 -39.00
CA MET A 154 6.61 -33.27 -39.11
C MET A 154 6.25 -34.01 -37.84
N SER A 155 7.23 -34.64 -37.20
CA SER A 155 7.03 -35.16 -35.85
C SER A 155 6.63 -34.04 -34.90
N PHE A 156 7.36 -32.93 -34.90
CA PHE A 156 7.04 -31.82 -34.00
C PHE A 156 5.61 -31.32 -34.21
N THR A 157 5.19 -31.08 -35.47
CA THR A 157 3.83 -30.56 -35.69
C THR A 157 2.77 -31.57 -35.24
N SER A 158 3.07 -32.85 -35.32
CA SER A 158 2.12 -33.86 -34.83
C SER A 158 1.87 -33.69 -33.33
N HIS A 159 2.87 -33.25 -32.57
CA HIS A 159 2.68 -32.93 -31.17
C HIS A 159 1.92 -31.63 -31.01
N ILE A 160 2.22 -30.64 -31.86
CA ILE A 160 1.48 -29.38 -31.81
C ILE A 160 -0.01 -29.64 -31.99
N ASP A 161 -0.36 -30.48 -32.95
CA ASP A 161 -1.76 -30.82 -33.18
C ASP A 161 -2.38 -31.52 -31.98
N GLU A 162 -1.60 -32.35 -31.29
CA GLU A 162 -2.11 -33.04 -30.12
C GLU A 162 -2.36 -32.06 -28.98
N LEU A 163 -1.42 -31.15 -28.72
CA LEU A 163 -1.65 -30.08 -27.76
C LEU A 163 -2.83 -29.21 -28.16
N TYR A 164 -2.97 -28.92 -29.45
CA TYR A 164 -4.09 -28.12 -29.92
C TYR A 164 -5.43 -28.78 -29.55
N GLU A 165 -5.56 -30.08 -29.80
CA GLU A 165 -6.83 -30.78 -29.60
C GLU A 165 -7.18 -30.90 -28.12
N SER A 166 -6.16 -31.06 -27.27
CA SER A 166 -6.42 -31.18 -25.85
C SER A 166 -6.88 -29.86 -25.27
N ALA A 167 -6.23 -28.76 -25.71
CA ALA A 167 -6.68 -27.43 -25.32
C ALA A 167 -8.09 -27.13 -25.82
N LYS A 168 -8.45 -27.66 -26.99
CA LYS A 168 -9.75 -27.37 -27.56
C LYS A 168 -10.89 -27.84 -26.65
N LYS A 169 -10.63 -28.83 -25.81
CA LYS A 169 -11.70 -29.31 -24.94
C LYS A 169 -11.87 -28.44 -23.69
N GLN A 170 -10.97 -27.49 -23.47
CA GLN A 170 -11.04 -26.54 -22.36
C GLN A 170 -12.00 -25.40 -22.74
N SER A 171 -13.29 -25.64 -22.54
CA SER A 171 -14.32 -24.75 -23.08
C SER A 171 -14.73 -23.60 -22.17
N GLY A 172 -14.07 -23.41 -21.03
CA GLY A 172 -14.47 -22.35 -20.11
C GLY A 172 -14.09 -20.96 -20.61
N GLY A 173 -14.33 -19.97 -19.75
CA GLY A 173 -13.93 -18.60 -20.02
C GLY A 173 -15.02 -17.75 -20.64
N LYS A 174 -14.73 -16.45 -20.70
CA LYS A 174 -15.73 -15.47 -21.10
C LYS A 174 -15.19 -14.60 -22.23
N VAL A 175 -15.93 -14.53 -23.33
CA VAL A 175 -15.52 -13.65 -24.40
C VAL A 175 -15.73 -12.22 -23.94
N ALA A 176 -14.70 -11.40 -24.08
CA ALA A 176 -14.78 -10.01 -23.68
C ALA A 176 -15.85 -9.31 -24.51
N ASP A 177 -16.69 -8.53 -23.82
CA ASP A 177 -17.87 -7.94 -24.44
C ASP A 177 -17.99 -6.44 -24.14
N TYR A 178 -16.90 -5.78 -23.80
CA TYR A 178 -17.01 -4.38 -23.45
C TYR A 178 -17.15 -3.49 -24.67
N ILE A 179 -16.71 -3.96 -25.83
CA ILE A 179 -17.00 -3.27 -27.07
C ILE A 179 -17.72 -4.30 -27.94
N PRO A 180 -18.66 -3.87 -28.80
CA PRO A 180 -19.41 -4.84 -29.62
C PRO A 180 -18.57 -5.61 -30.63
N GLN A 181 -17.29 -5.29 -30.81
CA GLN A 181 -16.50 -5.96 -31.84
C GLN A 181 -15.80 -7.22 -31.33
N LEU A 182 -15.50 -7.27 -30.03
CA LEU A 182 -15.04 -8.52 -29.45
C LEU A 182 -16.21 -9.40 -29.06
N ALA A 183 -17.35 -8.78 -28.73
CA ALA A 183 -18.59 -9.52 -28.46
C ALA A 183 -19.02 -10.38 -29.65
N LYS A 184 -18.76 -9.92 -30.88
CA LYS A 184 -19.25 -10.61 -32.06
C LYS A 184 -18.36 -11.80 -32.47
N PHE A 185 -17.39 -12.17 -31.64
CA PHE A 185 -16.55 -13.34 -31.89
C PHE A 185 -17.08 -14.56 -31.13
N SER A 186 -16.85 -15.75 -31.73
CA SER A 186 -17.33 -17.02 -31.19
C SER A 186 -16.44 -17.49 -30.05
N PRO A 187 -17.01 -18.20 -29.07
CA PRO A 187 -16.16 -18.84 -28.06
C PRO A 187 -15.35 -20.02 -28.60
N ASP A 188 -15.82 -20.65 -29.67
CA ASP A 188 -15.20 -21.85 -30.22
C ASP A 188 -14.09 -21.57 -31.23
N LEU A 189 -13.77 -20.32 -31.52
CA LEU A 189 -12.64 -20.04 -32.39
C LEU A 189 -11.33 -20.41 -31.69
N TRP A 190 -10.48 -21.18 -32.37
CA TRP A 190 -9.25 -21.63 -31.74
C TRP A 190 -8.24 -21.97 -32.84
N GLY A 191 -7.09 -21.30 -32.83
CA GLY A 191 -6.05 -21.58 -33.81
C GLY A 191 -4.65 -21.38 -33.25
N VAL A 192 -3.72 -22.22 -33.69
CA VAL A 192 -2.33 -22.13 -33.26
C VAL A 192 -1.47 -22.12 -34.51
N SER A 193 -0.48 -21.22 -34.52
CA SER A 193 0.42 -21.04 -35.65
C SER A 193 1.86 -20.99 -35.16
N VAL A 194 2.73 -21.67 -35.89
CA VAL A 194 4.14 -21.77 -35.60
C VAL A 194 4.94 -21.30 -36.82
N CYS A 195 5.95 -20.47 -36.59
CA CYS A 195 6.99 -20.18 -37.56
C CYS A 195 8.33 -20.23 -36.82
N THR A 196 9.20 -21.18 -37.21
CA THR A 196 10.49 -21.35 -36.53
C THR A 196 11.44 -20.24 -36.96
N ALA A 197 12.62 -20.23 -36.33
CA ALA A 197 13.64 -19.26 -36.73
C ALA A 197 14.19 -19.56 -38.11
N ASP A 198 13.79 -20.66 -38.72
CA ASP A 198 14.23 -20.99 -40.06
C ASP A 198 13.11 -20.89 -41.10
N GLY A 199 11.93 -20.46 -40.69
CA GLY A 199 10.86 -20.35 -41.66
C GLY A 199 9.99 -21.58 -41.77
N GLN A 200 10.17 -22.56 -40.90
CA GLN A 200 9.27 -23.70 -40.92
C GLN A 200 7.89 -23.27 -40.40
N ARG A 201 6.83 -23.71 -41.08
CA ARG A 201 5.49 -23.22 -40.77
C ARG A 201 4.53 -24.36 -40.51
N HIS A 202 3.67 -24.17 -39.51
CA HIS A 202 2.59 -25.10 -39.25
C HIS A 202 1.44 -24.34 -38.62
N SER A 203 0.23 -24.71 -39.02
CA SER A 203 -0.98 -24.11 -38.49
C SER A 203 -2.01 -25.19 -38.30
N THR A 204 -2.87 -24.96 -37.33
CA THR A 204 -3.99 -25.82 -37.02
C THR A 204 -5.02 -24.92 -36.35
N GLY A 205 -6.29 -25.13 -36.68
CA GLY A 205 -7.37 -24.25 -36.26
C GLY A 205 -7.64 -23.04 -37.14
N ASP A 206 -8.12 -21.96 -36.50
CA ASP A 206 -8.59 -20.78 -37.22
C ASP A 206 -7.46 -19.75 -37.32
N THR A 207 -6.47 -20.09 -38.14
CA THR A 207 -5.25 -19.33 -38.20
C THR A 207 -5.25 -18.25 -39.29
N LYS A 208 -6.29 -18.18 -40.11
CA LYS A 208 -6.43 -17.15 -41.12
C LYS A 208 -7.60 -16.21 -40.85
N VAL A 209 -8.12 -16.23 -39.63
CA VAL A 209 -9.20 -15.32 -39.22
C VAL A 209 -8.56 -14.08 -38.62
N PRO A 210 -8.81 -12.90 -39.18
CA PRO A 210 -8.26 -11.69 -38.55
C PRO A 210 -8.91 -11.38 -37.20
N PHE A 211 -8.11 -10.80 -36.31
CA PHE A 211 -8.56 -10.35 -35.00
C PHE A 211 -7.60 -9.27 -34.54
N CYS A 212 -8.07 -8.43 -33.62
CA CYS A 212 -7.26 -7.28 -33.25
C CYS A 212 -6.15 -7.71 -32.31
N LEU A 213 -5.04 -6.99 -32.37
CA LEU A 213 -3.90 -7.33 -31.53
C LEU A 213 -4.16 -6.96 -30.07
N GLN A 214 -4.80 -5.81 -29.85
CA GLN A 214 -5.03 -5.24 -28.51
C GLN A 214 -3.66 -5.16 -27.82
N SER A 215 -3.53 -5.62 -26.58
CA SER A 215 -2.28 -5.46 -25.84
C SER A 215 -1.12 -6.30 -26.38
N CYS A 216 -1.36 -7.25 -27.29
CA CYS A 216 -0.21 -7.94 -27.90
C CYS A 216 0.56 -7.03 -28.84
N VAL A 217 0.10 -5.79 -29.03
CA VAL A 217 0.88 -4.82 -29.79
C VAL A 217 1.88 -4.13 -28.87
N LYS A 218 1.64 -4.18 -27.56
CA LYS A 218 2.47 -3.42 -26.62
C LYS A 218 3.95 -3.75 -26.77
N PRO A 219 4.37 -5.02 -26.79
CA PRO A 219 5.79 -5.28 -27.03
C PRO A 219 6.24 -4.86 -28.42
N LEU A 220 5.37 -5.00 -29.43
CA LEU A 220 5.81 -4.61 -30.78
C LEU A 220 6.15 -3.13 -30.85
N LYS A 221 5.29 -2.27 -30.29
CA LYS A 221 5.59 -0.84 -30.41
C LYS A 221 6.72 -0.43 -29.47
N TYR A 222 6.85 -1.14 -28.35
CA TYR A 222 8.01 -0.98 -27.49
C TYR A 222 9.29 -1.34 -28.22
N ALA A 223 9.29 -2.48 -28.91
CA ALA A 223 10.45 -2.87 -29.72
C ALA A 223 10.81 -1.79 -30.72
N ILE A 224 9.80 -1.19 -31.37
CA ILE A 224 10.08 -0.13 -32.35
C ILE A 224 10.73 1.08 -31.68
N ALA A 225 10.13 1.54 -30.57
CA ALA A 225 10.68 2.70 -29.87
C ALA A 225 12.13 2.46 -29.47
N VAL A 226 12.42 1.30 -28.88
CA VAL A 226 13.81 1.02 -28.51
C VAL A 226 14.68 0.87 -29.76
N ASN A 227 14.14 0.28 -30.83
CA ASN A 227 14.87 0.21 -32.10
C ASN A 227 15.25 1.60 -32.62
N ASP A 228 14.31 2.56 -32.56
CA ASP A 228 14.53 3.88 -33.15
C ASP A 228 15.15 4.91 -32.22
N LEU A 229 14.92 4.81 -30.92
CA LEU A 229 15.33 5.86 -29.99
C LEU A 229 16.37 5.41 -28.98
N GLY A 230 16.47 4.12 -28.67
CA GLY A 230 17.46 3.58 -27.76
C GLY A 230 16.90 3.29 -26.37
N THR A 231 17.58 2.36 -25.68
CA THR A 231 17.19 1.92 -24.35
C THR A 231 17.12 3.07 -23.37
N GLU A 232 18.17 3.89 -23.35
CA GLU A 232 18.31 4.99 -22.41
C GLU A 232 17.13 5.96 -22.52
N TYR A 233 16.86 6.45 -23.73
CA TYR A 233 15.77 7.40 -23.96
C TYR A 233 14.43 6.80 -23.56
N VAL A 234 14.14 5.59 -24.05
CA VAL A 234 12.83 4.97 -23.78
C VAL A 234 12.59 4.89 -22.28
N HIS A 235 13.59 4.47 -21.53
CA HIS A 235 13.42 4.23 -20.12
C HIS A 235 13.66 5.46 -19.26
N ARG A 236 13.96 6.59 -19.88
CA ARG A 236 13.74 7.86 -19.19
C ARG A 236 12.27 8.05 -18.87
N TYR A 237 11.38 7.43 -19.65
CA TYR A 237 9.94 7.66 -19.54
C TYR A 237 9.15 6.47 -19.01
N VAL A 238 9.69 5.25 -19.05
CA VAL A 238 8.94 4.08 -18.65
C VAL A 238 9.85 3.16 -17.87
N GLY A 239 9.32 2.53 -16.83
CA GLY A 239 10.12 1.63 -16.02
C GLY A 239 10.40 0.33 -16.77
N LYS A 240 11.05 -0.60 -16.04
CA LYS A 240 11.45 -1.88 -16.61
C LYS A 240 11.22 -3.03 -15.66
N GLU A 241 10.21 -2.95 -14.80
CA GLU A 241 9.97 -3.98 -13.81
C GLU A 241 8.48 -4.28 -13.72
N PRO A 242 8.11 -5.47 -13.25
CA PRO A 242 6.72 -5.70 -12.88
C PRO A 242 6.44 -4.96 -11.59
N SER A 243 5.22 -4.46 -11.48
CA SER A 243 4.90 -3.58 -10.36
C SER A 243 4.85 -4.35 -9.05
N GLY A 244 4.28 -5.54 -9.08
CA GLY A 244 3.91 -6.22 -7.84
C GLY A 244 2.40 -6.36 -7.87
N LEU A 245 1.93 -7.58 -7.58
CA LEU A 245 0.51 -7.92 -7.69
C LEU A 245 -0.34 -7.07 -6.74
N ARG A 246 0.33 -6.19 -6.00
CA ARG A 246 -0.35 -5.23 -5.14
C ARG A 246 -0.12 -3.80 -5.65
N PHE A 247 0.20 -3.64 -6.96
CA PHE A 247 0.27 -2.35 -7.64
C PHE A 247 -0.36 -2.32 -9.02
N ASN A 248 -1.13 -3.31 -9.39
CA ASN A 248 -1.74 -3.22 -10.72
C ASN A 248 -2.65 -2.02 -10.87
N LYS A 249 -3.00 -1.32 -9.79
CA LYS A 249 -3.99 -0.24 -9.84
C LYS A 249 -3.36 1.16 -9.85
N LEU A 250 -2.07 1.28 -9.57
CA LEU A 250 -1.40 2.56 -9.66
C LEU A 250 -0.83 2.75 -11.06
N PHE A 251 -0.90 3.97 -11.56
CA PHE A 251 -0.36 4.21 -12.87
C PHE A 251 1.14 4.47 -12.85
N LEU A 252 1.69 4.87 -11.70
CA LEU A 252 3.08 5.31 -11.64
C LEU A 252 3.82 4.58 -10.52
N ASN A 253 5.09 4.29 -10.78
CA ASN A 253 5.99 3.78 -9.76
C ASN A 253 6.50 4.95 -8.91
N GLU A 254 7.47 4.67 -8.04
CA GLU A 254 7.93 5.71 -7.12
C GLU A 254 8.68 6.84 -7.80
N ASP A 255 9.29 6.58 -8.95
CA ASP A 255 9.95 7.59 -9.76
C ASP A 255 9.01 8.35 -10.68
N ASP A 256 7.70 8.13 -10.55
CA ASP A 256 6.68 8.80 -11.36
C ASP A 256 6.81 8.47 -12.85
N LYS A 257 7.32 7.26 -13.16
CA LYS A 257 7.25 6.61 -14.46
C LYS A 257 6.25 5.46 -14.39
N PRO A 258 5.60 5.13 -15.50
CA PRO A 258 4.83 3.88 -15.52
C PRO A 258 5.75 2.69 -15.26
N HIS A 259 5.17 1.63 -14.70
CA HIS A 259 6.01 0.55 -14.18
C HIS A 259 6.81 -0.11 -15.30
N ASN A 260 6.17 -0.39 -16.42
CA ASN A 260 6.83 -1.06 -17.52
C ASN A 260 6.02 -0.81 -18.79
N PRO A 261 6.55 -1.12 -19.96
CA PRO A 261 5.80 -0.86 -21.20
C PRO A 261 4.63 -1.81 -21.42
N MET A 262 4.51 -2.88 -20.63
CA MET A 262 3.46 -3.86 -20.91
C MET A 262 2.15 -3.54 -20.20
N VAL A 263 2.11 -2.54 -19.35
CA VAL A 263 0.86 -2.10 -18.75
C VAL A 263 0.39 -0.87 -19.52
N ASN A 264 -0.92 -0.61 -19.40
CA ASN A 264 -1.59 0.40 -20.21
C ASN A 264 -0.94 1.77 -20.07
N ALA A 265 -0.65 2.20 -18.85
CA ALA A 265 0.00 3.49 -18.66
C ALA A 265 1.39 3.49 -19.30
N GLY A 266 2.09 2.36 -19.26
CA GLY A 266 3.40 2.29 -19.89
C GLY A 266 3.33 2.31 -21.40
N ALA A 267 2.38 1.54 -21.97
CA ALA A 267 2.19 1.52 -23.42
C ALA A 267 1.73 2.88 -23.94
N ILE A 268 0.83 3.55 -23.19
CA ILE A 268 0.36 4.88 -23.57
C ILE A 268 1.54 5.84 -23.69
N VAL A 269 2.49 5.75 -22.73
CA VAL A 269 3.70 6.57 -22.82
C VAL A 269 4.54 6.15 -24.03
N VAL A 270 4.68 4.84 -24.28
CA VAL A 270 5.54 4.41 -25.38
C VAL A 270 4.94 4.85 -26.71
N THR A 271 3.62 4.81 -26.82
CA THR A 271 2.96 5.38 -27.99
C THR A 271 3.43 6.82 -28.25
N SER A 272 3.66 7.59 -27.19
CA SER A 272 4.00 9.00 -27.31
C SER A 272 5.45 9.23 -27.70
N LEU A 273 6.27 8.18 -27.75
CA LEU A 273 7.67 8.35 -28.11
C LEU A 273 7.94 8.12 -29.59
N ILE A 274 7.05 7.43 -30.29
CA ILE A 274 7.30 6.97 -31.64
C ILE A 274 7.08 8.12 -32.62
N LYS A 275 8.06 8.33 -33.50
CA LYS A 275 7.96 9.21 -34.67
C LYS A 275 7.32 10.56 -34.31
N GLN A 276 7.91 11.21 -33.30
CA GLN A 276 7.41 12.49 -32.78
C GLN A 276 7.45 13.59 -33.83
N GLY A 277 6.58 14.57 -33.68
CA GLY A 277 6.58 15.69 -34.58
C GLY A 277 5.91 15.43 -35.92
N VAL A 278 5.58 14.18 -36.20
CA VAL A 278 4.80 13.83 -37.36
C VAL A 278 3.36 13.62 -36.91
N ASN A 279 2.42 13.75 -37.84
CA ASN A 279 1.03 13.62 -37.47
C ASN A 279 0.63 12.15 -37.31
N ASN A 280 -0.61 11.94 -36.85
CA ASN A 280 -1.07 10.58 -36.53
C ASN A 280 -1.20 9.73 -37.77
N ALA A 281 -1.61 10.32 -38.89
CA ALA A 281 -1.70 9.55 -40.12
C ALA A 281 -0.36 8.95 -40.49
N GLU A 282 0.71 9.75 -40.39
CA GLU A 282 2.04 9.27 -40.74
C GLU A 282 2.60 8.35 -39.68
N LYS A 283 2.33 8.64 -38.40
CA LYS A 283 2.75 7.75 -37.34
C LYS A 283 2.17 6.34 -37.52
N PHE A 284 0.87 6.24 -37.76
CA PHE A 284 0.23 4.94 -37.99
C PHE A 284 0.85 4.23 -39.20
N ASP A 285 0.96 4.94 -40.33
CA ASP A 285 1.61 4.40 -41.53
C ASP A 285 2.96 3.75 -41.22
N TYR A 286 3.79 4.44 -40.42
CA TYR A 286 5.13 3.96 -40.14
C TYR A 286 5.11 2.69 -39.30
N VAL A 287 4.25 2.65 -38.28
CA VAL A 287 4.15 1.44 -37.46
C VAL A 287 3.67 0.28 -38.32
N MET A 288 2.70 0.54 -39.21
CA MET A 288 2.23 -0.51 -40.11
C MET A 288 3.34 -1.02 -41.00
N GLN A 289 4.12 -0.12 -41.60
CA GLN A 289 5.22 -0.54 -42.45
C GLN A 289 6.20 -1.37 -41.65
N PHE A 290 6.38 -1.01 -40.40
CA PHE A 290 7.24 -1.77 -39.51
C PHE A 290 6.64 -3.13 -39.24
N LEU A 291 5.33 -3.18 -38.98
CA LEU A 291 4.73 -4.47 -38.71
C LEU A 291 4.80 -5.37 -39.93
N ASN A 292 4.65 -4.80 -41.12
CA ASN A 292 4.78 -5.55 -42.37
C ASN A 292 6.13 -6.24 -42.49
N LYS A 293 7.22 -5.53 -42.20
CA LYS A 293 8.54 -6.16 -42.15
C LYS A 293 8.58 -7.28 -41.09
N MET A 294 8.04 -7.02 -39.90
CA MET A 294 8.08 -8.01 -38.83
C MET A 294 7.36 -9.29 -39.23
N ALA A 295 6.23 -9.17 -39.93
CA ALA A 295 5.44 -10.33 -40.30
C ALA A 295 5.82 -10.87 -41.67
N GLY A 296 6.96 -10.46 -42.22
CA GLY A 296 7.34 -10.89 -43.57
C GLY A 296 6.29 -10.57 -44.62
N ASN A 297 5.56 -9.46 -44.43
CA ASN A 297 4.50 -9.00 -45.34
C ASN A 297 3.31 -9.93 -45.38
N GLU A 298 3.11 -10.73 -44.35
CA GLU A 298 1.85 -11.45 -44.24
C GLU A 298 0.82 -10.50 -43.65
N TYR A 299 -0.40 -11.00 -43.45
CA TYR A 299 -1.56 -10.12 -43.23
C TYR A 299 -1.38 -9.20 -42.04
N VAL A 300 -1.50 -7.89 -42.29
CA VAL A 300 -1.60 -6.86 -41.26
C VAL A 300 -2.66 -5.86 -41.66
N GLY A 301 -3.68 -5.68 -40.81
CA GLY A 301 -4.79 -4.80 -41.15
C GLY A 301 -5.19 -3.87 -40.03
N PHE A 302 -6.43 -3.36 -40.08
CA PHE A 302 -6.88 -2.36 -39.14
C PHE A 302 -8.40 -2.43 -39.04
N SER A 303 -8.93 -2.45 -37.83
CA SER A 303 -10.38 -2.53 -37.60
C SER A 303 -10.87 -1.16 -37.16
N ASN A 304 -11.53 -0.44 -38.06
CA ASN A 304 -12.08 0.85 -37.71
C ASN A 304 -13.18 0.72 -36.64
N ALA A 305 -13.98 -0.34 -36.73
CA ALA A 305 -15.06 -0.55 -35.77
C ALA A 305 -14.51 -0.64 -34.34
N THR A 306 -13.57 -1.57 -34.10
CA THR A 306 -12.92 -1.68 -32.81
C THR A 306 -12.30 -0.36 -32.40
N PHE A 307 -11.76 0.38 -33.36
CA PHE A 307 -11.18 1.67 -33.03
C PHE A 307 -12.25 2.61 -32.47
N GLN A 308 -13.41 2.69 -33.15
CA GLN A 308 -14.48 3.56 -32.67
C GLN A 308 -14.93 3.18 -31.26
N SER A 309 -15.08 1.87 -30.98
CA SER A 309 -15.60 1.49 -29.67
C SER A 309 -14.58 1.66 -28.56
N GLU A 310 -13.29 1.49 -28.87
CA GLU A 310 -12.30 1.73 -27.84
C GLU A 310 -12.18 3.22 -27.54
N ARG A 311 -12.32 4.07 -28.56
CA ARG A 311 -12.20 5.50 -28.32
C ARG A 311 -13.42 6.06 -27.58
N GLU A 312 -14.59 5.43 -27.72
CA GLU A 312 -15.82 5.89 -27.06
C GLU A 312 -16.01 5.28 -25.68
N SER A 313 -15.11 4.43 -25.24
CA SER A 313 -15.26 3.71 -23.98
C SER A 313 -13.96 3.68 -23.18
N GLY A 314 -12.96 4.48 -23.53
CA GLY A 314 -11.70 4.35 -22.84
C GLY A 314 -11.59 5.37 -21.74
N ASP A 315 -12.69 5.49 -20.98
CA ASP A 315 -12.69 6.36 -19.81
C ASP A 315 -11.50 6.05 -18.92
N ARG A 316 -11.18 4.76 -18.75
CA ARG A 316 -9.99 4.44 -17.96
C ARG A 316 -8.74 4.95 -18.66
N ASN A 317 -8.71 4.83 -19.99
CA ASN A 317 -7.53 5.28 -20.73
C ASN A 317 -7.42 6.81 -20.75
N PHE A 318 -8.56 7.50 -20.84
CA PHE A 318 -8.52 8.96 -20.67
C PHE A 318 -8.10 9.34 -19.26
N ALA A 319 -8.56 8.59 -18.26
CA ALA A 319 -8.06 8.80 -16.89
C ALA A 319 -6.55 8.65 -16.82
N ILE A 320 -6.02 7.59 -17.44
CA ILE A 320 -4.57 7.41 -17.43
C ILE A 320 -3.89 8.59 -18.12
N GLY A 321 -4.45 9.03 -19.26
CA GLY A 321 -3.80 10.08 -20.03
C GLY A 321 -3.71 11.38 -19.27
N TYR A 322 -4.81 11.79 -18.64
CA TYR A 322 -4.76 13.04 -17.88
C TYR A 322 -3.83 12.90 -16.68
N TYR A 323 -3.85 11.75 -15.98
CA TYR A 323 -2.91 11.56 -14.86
C TYR A 323 -1.47 11.67 -15.32
N LEU A 324 -1.13 11.05 -16.45
CA LEU A 324 0.23 11.12 -16.98
C LEU A 324 0.58 12.55 -17.38
N LYS A 325 -0.40 13.25 -17.96
CA LYS A 325 -0.21 14.66 -18.31
C LYS A 325 0.08 15.50 -17.09
N GLU A 326 -0.71 15.33 -16.02
CA GLU A 326 -0.44 16.10 -14.81
C GLU A 326 0.95 15.82 -14.28
N LYS A 327 1.33 14.55 -14.15
CA LYS A 327 2.65 14.26 -13.61
C LYS A 327 3.76 14.40 -14.65
N LYS A 328 3.45 14.98 -15.82
CA LYS A 328 4.44 15.39 -16.82
C LYS A 328 5.30 14.22 -17.29
N CYS A 329 4.65 13.10 -17.61
CA CYS A 329 5.37 11.90 -17.97
C CYS A 329 5.67 11.83 -19.47
N PHE A 330 5.16 12.76 -20.23
CA PHE A 330 5.27 12.78 -21.67
C PHE A 330 6.45 13.62 -22.14
N PRO A 331 6.97 13.34 -23.33
CA PRO A 331 7.98 14.23 -23.93
C PRO A 331 7.38 15.60 -24.24
N GLU A 332 8.25 16.60 -24.28
CA GLU A 332 7.78 17.96 -24.49
C GLU A 332 7.07 18.08 -25.83
N GLY A 333 6.04 18.92 -25.87
CA GLY A 333 5.28 19.04 -27.09
C GLY A 333 4.34 17.89 -27.39
N THR A 334 4.01 17.08 -26.39
CA THR A 334 3.09 15.98 -26.61
C THR A 334 1.65 16.48 -26.57
N ASP A 335 0.86 16.02 -27.52
CA ASP A 335 -0.59 16.25 -27.53
C ASP A 335 -1.27 14.99 -26.98
N MET A 336 -1.60 15.02 -25.69
CA MET A 336 -2.07 13.82 -25.00
C MET A 336 -3.31 13.22 -25.67
N VAL A 337 -4.34 14.03 -25.91
CA VAL A 337 -5.60 13.50 -26.40
C VAL A 337 -5.43 12.91 -27.79
N GLY A 338 -4.51 13.48 -28.58
CA GLY A 338 -4.16 12.87 -29.84
C GLY A 338 -3.38 11.59 -29.66
N ILE A 339 -2.53 11.52 -28.62
CA ILE A 339 -1.79 10.28 -28.35
C ILE A 339 -2.76 9.15 -27.98
N LEU A 340 -3.81 9.47 -27.22
CA LEU A 340 -4.81 8.45 -26.90
C LEU A 340 -5.50 7.95 -28.15
N ASP A 341 -5.79 8.84 -29.09
CA ASP A 341 -6.37 8.41 -30.36
C ASP A 341 -5.44 7.44 -31.09
N PHE A 342 -4.16 7.79 -31.18
CA PHE A 342 -3.16 6.90 -31.77
C PHE A 342 -3.15 5.55 -31.06
N TYR A 343 -3.18 5.58 -29.72
CA TYR A 343 -3.15 4.36 -28.92
C TYR A 343 -4.32 3.45 -29.23
N PHE A 344 -5.53 4.01 -29.30
CA PHE A 344 -6.68 3.21 -29.71
C PHE A 344 -6.49 2.62 -31.10
N GLN A 345 -5.81 3.34 -32.00
CA GLN A 345 -5.59 2.80 -33.34
C GLN A 345 -4.66 1.60 -33.28
N LEU A 346 -3.52 1.78 -32.61
CA LEU A 346 -2.54 0.70 -32.54
C LEU A 346 -3.16 -0.60 -32.01
N CYS A 347 -4.11 -0.49 -31.07
CA CYS A 347 -4.75 -1.66 -30.47
C CYS A 347 -5.78 -2.30 -31.37
N SER A 348 -6.16 -1.63 -32.46
CA SER A 348 -7.11 -2.16 -33.41
C SER A 348 -6.44 -2.65 -34.66
N ILE A 349 -5.11 -2.74 -34.66
CA ILE A 349 -4.44 -3.42 -35.75
C ILE A 349 -4.82 -4.89 -35.71
N GLU A 350 -5.06 -5.45 -36.88
CA GLU A 350 -5.51 -6.82 -37.04
C GLU A 350 -4.37 -7.70 -37.57
N VAL A 351 -4.34 -8.94 -37.12
CA VAL A 351 -3.42 -9.97 -37.60
C VAL A 351 -4.21 -11.28 -37.74
N THR A 352 -3.52 -12.30 -38.23
CA THR A 352 -3.97 -13.67 -38.11
C THR A 352 -3.00 -14.42 -37.20
N CYS A 353 -3.34 -15.67 -36.87
CA CYS A 353 -2.39 -16.47 -36.14
C CYS A 353 -1.15 -16.67 -37.00
N GLU A 354 -1.34 -16.83 -38.30
CA GLU A 354 -0.22 -17.11 -39.18
C GLU A 354 0.71 -15.91 -39.27
N SER A 355 0.14 -14.74 -39.58
CA SER A 355 0.97 -13.56 -39.73
C SER A 355 1.58 -13.16 -38.41
N ALA A 356 0.80 -13.22 -37.34
CA ALA A 356 1.33 -12.85 -36.04
C ALA A 356 2.40 -13.83 -35.56
N SER A 357 2.25 -15.13 -35.86
CA SER A 357 3.30 -16.08 -35.51
C SER A 357 4.64 -15.71 -36.16
N VAL A 358 4.61 -15.07 -37.34
CA VAL A 358 5.83 -14.62 -37.99
C VAL A 358 6.43 -13.44 -37.25
N MET A 359 5.59 -12.54 -36.76
CA MET A 359 6.09 -11.44 -35.95
C MET A 359 6.82 -11.97 -34.72
N ALA A 360 6.23 -12.97 -34.04
CA ALA A 360 6.88 -13.56 -32.89
C ALA A 360 8.18 -14.26 -33.27
N ALA A 361 8.25 -14.79 -34.49
CA ALA A 361 9.47 -15.46 -34.93
C ALA A 361 10.61 -14.46 -35.17
N THR A 362 10.29 -13.25 -35.58
CA THR A 362 11.32 -12.22 -35.66
C THR A 362 11.95 -11.97 -34.30
N LEU A 363 11.14 -11.98 -33.23
CA LEU A 363 11.62 -11.76 -31.86
C LEU A 363 12.38 -12.97 -31.33
N ALA A 364 11.98 -14.18 -31.75
CA ALA A 364 12.76 -15.38 -31.43
C ALA A 364 14.08 -15.44 -32.18
N ASN A 365 14.27 -14.61 -33.22
CA ASN A 365 15.38 -14.71 -34.16
C ASN A 365 16.28 -13.46 -34.14
N GLY A 366 16.37 -12.79 -33.00
CA GLY A 366 17.26 -11.65 -32.88
C GLY A 366 16.91 -10.45 -33.73
N GLY A 367 15.64 -10.29 -34.11
CA GLY A 367 15.24 -9.15 -34.94
C GLY A 367 15.36 -9.36 -36.43
N PHE A 368 15.71 -10.55 -36.90
CA PHE A 368 15.69 -10.88 -38.32
C PHE A 368 14.41 -11.65 -38.66
N CYS A 369 13.70 -11.17 -39.66
CA CYS A 369 12.49 -11.86 -40.08
C CYS A 369 12.83 -13.21 -40.67
N PRO A 370 12.30 -14.32 -40.14
CA PRO A 370 12.78 -15.63 -40.60
C PRO A 370 12.37 -16.02 -42.01
N ILE A 371 11.27 -15.50 -42.55
CA ILE A 371 10.84 -15.93 -43.88
C ILE A 371 11.26 -14.95 -44.98
N THR A 372 11.96 -13.87 -44.63
CA THR A 372 12.52 -12.96 -45.63
C THR A 372 14.00 -12.71 -45.47
N GLY A 373 14.59 -12.91 -44.30
CA GLY A 373 15.98 -12.56 -44.05
C GLY A 373 16.27 -11.10 -43.76
N GLU A 374 15.24 -10.26 -43.67
CA GLU A 374 15.42 -8.84 -43.41
C GLU A 374 15.76 -8.57 -41.94
N ARG A 375 16.75 -7.70 -41.72
CA ARG A 375 16.98 -7.16 -40.37
C ARG A 375 15.90 -6.14 -40.06
N VAL A 376 15.08 -6.42 -39.06
CA VAL A 376 13.95 -5.60 -38.70
C VAL A 376 14.20 -4.82 -37.41
N LEU A 377 14.68 -5.49 -36.36
CA LEU A 377 14.90 -4.83 -35.09
C LEU A 377 16.32 -5.03 -34.63
N SER A 378 16.85 -4.01 -33.97
CA SER A 378 18.15 -4.13 -33.35
C SER A 378 18.12 -5.23 -32.30
N PRO A 379 19.26 -5.88 -32.05
CA PRO A 379 19.29 -6.87 -30.96
C PRO A 379 18.91 -6.30 -29.61
N GLU A 380 19.35 -5.10 -29.30
CA GLU A 380 18.93 -4.43 -28.07
C GLU A 380 17.41 -4.33 -27.95
N ALA A 381 16.73 -3.97 -29.04
CA ALA A 381 15.26 -3.86 -28.98
C ALA A 381 14.62 -5.20 -28.66
N VAL A 382 15.10 -6.26 -29.31
CA VAL A 382 14.48 -7.56 -29.15
C VAL A 382 14.73 -8.13 -27.75
N ARG A 383 15.92 -7.91 -27.20
CA ARG A 383 16.22 -8.43 -25.86
C ARG A 383 15.36 -7.75 -24.79
N ASN A 384 15.35 -6.41 -24.76
CA ASN A 384 14.50 -5.67 -23.82
C ASN A 384 13.06 -6.14 -23.92
N THR A 385 12.56 -6.29 -25.14
CA THR A 385 11.18 -6.70 -25.31
C THR A 385 10.95 -8.08 -24.73
N LEU A 386 11.83 -9.03 -25.06
CA LEU A 386 11.69 -10.37 -24.52
C LEU A 386 11.81 -10.38 -22.99
N SER A 387 12.67 -9.53 -22.43
CA SER A 387 12.84 -9.49 -20.98
C SER A 387 11.57 -9.03 -20.26
N LEU A 388 10.88 -8.01 -20.80
CA LEU A 388 9.68 -7.49 -20.15
C LEU A 388 8.45 -8.30 -20.48
N MET A 389 8.45 -9.02 -21.61
CA MET A 389 7.40 -9.99 -21.86
C MET A 389 7.48 -11.12 -20.86
N HIS A 390 8.69 -11.47 -20.43
CA HIS A 390 8.87 -12.55 -19.48
C HIS A 390 8.18 -12.26 -18.15
N SER A 391 8.43 -11.08 -17.57
CA SER A 391 7.94 -10.73 -16.25
C SER A 391 6.62 -9.95 -16.25
N CYS A 392 6.21 -9.32 -17.36
CA CYS A 392 5.08 -8.39 -17.34
C CYS A 392 4.00 -8.66 -18.38
N GLY A 393 3.99 -9.83 -19.01
CA GLY A 393 3.25 -10.00 -20.25
C GLY A 393 1.86 -10.60 -20.20
N MET A 394 1.47 -11.15 -19.06
CA MET A 394 0.21 -11.89 -18.97
C MET A 394 -0.67 -11.33 -17.85
N TYR A 395 -0.68 -10.01 -17.72
CA TYR A 395 -1.54 -9.32 -16.74
C TYR A 395 -1.18 -9.91 -15.36
N ASP A 396 -2.15 -10.11 -14.47
CA ASP A 396 -1.81 -10.55 -13.12
C ASP A 396 -1.27 -11.96 -13.07
N PHE A 397 -1.32 -12.71 -14.17
CA PHE A 397 -0.77 -14.06 -14.23
C PHE A 397 0.70 -14.06 -14.60
N SER A 398 1.32 -12.89 -14.75
CA SER A 398 2.70 -12.82 -15.25
C SER A 398 3.67 -13.66 -14.39
N GLY A 399 3.65 -13.45 -13.08
CA GLY A 399 4.55 -14.19 -12.22
C GLY A 399 4.34 -15.69 -12.28
N GLN A 400 3.08 -16.12 -12.36
CA GLN A 400 2.79 -17.55 -12.45
C GLN A 400 3.26 -18.12 -13.78
N PHE A 401 3.05 -17.36 -14.86
CA PHE A 401 3.43 -17.77 -16.20
C PHE A 401 4.94 -17.89 -16.34
N ALA A 402 5.68 -16.92 -15.80
CA ALA A 402 7.13 -16.97 -15.85
C ALA A 402 7.66 -18.18 -15.09
N PHE A 403 7.03 -18.52 -13.97
CA PHE A 403 7.46 -19.67 -13.18
C PHE A 403 7.18 -20.98 -13.92
N HIS A 404 5.94 -21.21 -14.34
CA HIS A 404 5.61 -22.53 -14.90
C HIS A 404 5.87 -22.66 -16.39
N VAL A 405 5.76 -21.58 -17.16
CA VAL A 405 5.96 -21.66 -18.61
C VAL A 405 7.35 -21.21 -19.01
N GLY A 406 7.83 -20.13 -18.40
CA GLY A 406 9.20 -19.68 -18.64
C GLY A 406 9.49 -19.29 -20.07
N LEU A 407 8.53 -18.70 -20.75
CA LEU A 407 8.70 -18.16 -22.08
C LEU A 407 8.15 -16.73 -22.12
N PRO A 408 8.79 -15.85 -22.88
CA PRO A 408 8.19 -14.53 -23.11
C PRO A 408 6.88 -14.66 -23.88
N ALA A 409 5.82 -14.08 -23.33
CA ALA A 409 4.53 -14.13 -24.01
C ALA A 409 3.78 -12.83 -23.72
N LYS A 410 2.89 -12.47 -24.63
CA LYS A 410 2.03 -11.31 -24.37
C LYS A 410 0.64 -11.61 -24.85
N SER A 411 -0.32 -11.46 -23.95
CA SER A 411 -1.73 -11.68 -24.23
C SER A 411 -2.48 -10.36 -24.46
N GLY A 412 -3.61 -10.47 -25.17
CA GLY A 412 -4.49 -9.33 -25.34
C GLY A 412 -5.95 -9.75 -25.24
N VAL A 413 -6.80 -8.74 -25.06
CA VAL A 413 -8.20 -8.94 -24.65
C VAL A 413 -9.03 -9.57 -25.75
N ALA A 414 -8.52 -9.60 -26.97
CA ALA A 414 -9.21 -10.32 -28.02
C ALA A 414 -8.97 -11.83 -27.95
N GLY A 415 -8.16 -12.33 -27.01
CA GLY A 415 -7.92 -13.76 -26.85
C GLY A 415 -6.67 -14.32 -27.50
N GLY A 416 -5.70 -13.46 -27.83
CA GLY A 416 -4.47 -13.87 -28.46
C GLY A 416 -3.32 -13.93 -27.47
N ILE A 417 -2.36 -14.82 -27.76
CA ILE A 417 -1.13 -14.91 -26.98
C ILE A 417 0.05 -15.01 -27.95
N LEU A 418 0.92 -14.02 -27.92
CA LEU A 418 2.12 -14.00 -28.73
C LEU A 418 3.23 -14.67 -27.92
N LEU A 419 3.72 -15.80 -28.42
CA LEU A 419 4.63 -16.68 -27.69
C LEU A 419 5.96 -16.73 -28.40
N VAL A 420 7.05 -16.57 -27.64
CA VAL A 420 8.40 -16.57 -28.20
C VAL A 420 9.22 -17.64 -27.49
N VAL A 421 9.76 -18.58 -28.26
CA VAL A 421 10.79 -19.51 -27.79
C VAL A 421 12.13 -19.07 -28.40
N PRO A 422 12.95 -18.31 -27.69
CA PRO A 422 14.15 -17.70 -28.31
C PRO A 422 15.04 -18.75 -28.95
N ASN A 423 15.52 -18.43 -30.16
CA ASN A 423 16.36 -19.28 -31.00
C ASN A 423 15.63 -20.51 -31.54
N VAL A 424 14.34 -20.66 -31.29
CA VAL A 424 13.63 -21.82 -31.79
C VAL A 424 12.48 -21.43 -32.71
N MET A 425 11.54 -20.63 -32.20
CA MET A 425 10.32 -20.39 -32.98
C MET A 425 9.53 -19.25 -32.37
N GLY A 426 8.62 -18.71 -33.18
CA GLY A 426 7.60 -17.78 -32.73
C GLY A 426 6.24 -18.44 -32.90
N MET A 427 5.26 -18.01 -32.10
CA MET A 427 3.95 -18.62 -32.13
C MET A 427 2.88 -17.57 -31.87
N MET A 428 1.68 -17.82 -32.40
CA MET A 428 0.48 -17.08 -31.99
C MET A 428 -0.66 -18.07 -31.73
N CYS A 429 -1.21 -18.04 -30.51
CA CYS A 429 -2.43 -18.77 -30.15
C CYS A 429 -3.60 -17.81 -30.03
N TRP A 430 -4.77 -18.25 -30.46
CA TRP A 430 -5.94 -17.38 -30.43
C TRP A 430 -7.19 -18.19 -30.13
N SER A 431 -7.82 -17.89 -28.98
CA SER A 431 -9.18 -18.27 -28.65
C SER A 431 -9.77 -17.13 -27.83
N PRO A 432 -10.90 -16.57 -28.25
CA PRO A 432 -11.45 -15.34 -27.62
C PRO A 432 -11.81 -15.50 -26.13
N PRO A 433 -12.37 -16.64 -25.69
CA PRO A 433 -12.74 -16.75 -24.24
C PRO A 433 -11.57 -16.51 -23.29
N LEU A 434 -11.71 -15.50 -22.44
CA LEU A 434 -10.69 -15.17 -21.46
C LEU A 434 -10.97 -15.83 -20.11
N ASP A 435 -9.93 -15.95 -19.30
CA ASP A 435 -10.14 -16.34 -17.91
C ASP A 435 -10.25 -15.07 -17.07
N LYS A 436 -10.48 -15.25 -15.76
CA LYS A 436 -10.74 -14.12 -14.88
C LYS A 436 -9.57 -13.13 -14.81
N MET A 437 -8.40 -13.47 -15.32
CA MET A 437 -7.31 -12.50 -15.34
C MET A 437 -7.13 -11.82 -16.70
N GLY A 438 -7.93 -12.16 -17.71
CA GLY A 438 -7.82 -11.52 -19.01
C GLY A 438 -7.10 -12.31 -20.08
N ASN A 439 -6.60 -13.50 -19.76
CA ASN A 439 -5.80 -14.33 -20.64
C ASN A 439 -6.66 -15.40 -21.29
N SER A 440 -6.38 -15.69 -22.55
CA SER A 440 -7.15 -16.71 -23.24
C SER A 440 -6.98 -18.07 -22.58
N VAL A 441 -8.13 -18.70 -22.29
CA VAL A 441 -8.14 -19.98 -21.59
C VAL A 441 -7.44 -21.06 -22.40
N LYS A 442 -7.87 -21.27 -23.65
CA LYS A 442 -7.25 -22.30 -24.48
C LYS A 442 -5.78 -22.00 -24.73
N GLY A 443 -5.44 -20.72 -24.95
CA GLY A 443 -4.04 -20.34 -25.09
C GLY A 443 -3.23 -20.66 -23.86
N ILE A 444 -3.72 -20.24 -22.68
CA ILE A 444 -2.99 -20.48 -21.44
C ILE A 444 -2.78 -21.97 -21.21
N HIS A 445 -3.84 -22.76 -21.44
CA HIS A 445 -3.73 -24.21 -21.30
C HIS A 445 -2.69 -24.78 -22.27
N PHE A 446 -2.74 -24.31 -23.54
CA PHE A 446 -1.82 -24.78 -24.56
C PHE A 446 -0.36 -24.53 -24.18
N CYS A 447 -0.03 -23.35 -23.67
CA CYS A 447 1.39 -23.08 -23.42
C CYS A 447 1.90 -23.82 -22.19
N HIS A 448 1.01 -24.20 -21.28
CA HIS A 448 1.43 -25.06 -20.18
C HIS A 448 1.80 -26.44 -20.71
N ASP A 449 0.93 -27.02 -21.55
CA ASP A 449 1.21 -28.31 -22.14
C ASP A 449 2.48 -28.27 -22.98
N LEU A 450 2.67 -27.19 -23.76
CA LEU A 450 3.84 -27.13 -24.63
C LEU A 450 5.14 -27.28 -23.85
N VAL A 451 5.27 -26.54 -22.74
CA VAL A 451 6.48 -26.59 -21.94
C VAL A 451 6.53 -27.83 -21.06
N SER A 452 5.38 -28.43 -20.77
CA SER A 452 5.41 -29.70 -20.06
C SER A 452 5.91 -30.83 -20.94
N LEU A 453 5.76 -30.70 -22.27
CA LEU A 453 6.22 -31.71 -23.23
C LEU A 453 7.63 -31.45 -23.73
N CYS A 454 8.02 -30.19 -23.94
CA CYS A 454 9.29 -29.91 -24.57
C CYS A 454 10.11 -29.04 -23.63
N ASN A 455 11.43 -29.18 -23.73
CA ASN A 455 12.35 -28.54 -22.80
C ASN A 455 12.55 -27.10 -23.22
N PHE A 456 11.44 -26.40 -23.42
CA PHE A 456 11.44 -25.02 -23.90
C PHE A 456 11.43 -23.98 -22.80
N HIS A 457 11.20 -24.40 -21.55
CA HIS A 457 11.25 -23.48 -20.43
C HIS A 457 12.58 -22.78 -20.43
N ASN A 458 12.55 -21.46 -20.28
CA ASN A 458 13.78 -20.67 -20.30
C ASN A 458 14.90 -21.24 -19.43
N TYR A 459 14.54 -21.94 -18.35
CA TYR A 459 15.55 -22.49 -17.44
C TYR A 459 15.49 -24.01 -17.41
N ASP A 460 15.01 -24.63 -18.49
CA ASP A 460 15.33 -26.02 -18.73
C ASP A 460 16.79 -26.14 -19.14
N ASN A 461 17.36 -27.32 -18.93
CA ASN A 461 18.74 -27.58 -19.31
C ASN A 461 18.69 -28.31 -20.65
N LEU A 462 19.61 -27.96 -21.54
CA LEU A 462 19.56 -28.62 -22.85
C LEU A 462 20.21 -30.00 -22.85
N ARG A 463 20.85 -30.38 -21.75
CA ARG A 463 21.57 -31.64 -21.65
C ARG A 463 20.86 -32.63 -20.76
N HIS A 464 20.39 -32.18 -19.59
CA HIS A 464 19.66 -33.02 -18.65
C HIS A 464 18.28 -32.42 -18.48
N PHE A 465 17.27 -33.12 -19.02
CA PHE A 465 15.89 -32.63 -19.05
C PHE A 465 14.90 -33.77 -18.89
N ALA A 466 15.31 -34.85 -18.24
CA ALA A 466 14.42 -35.89 -17.70
C ALA A 466 13.62 -36.49 -18.85
N LYS A 467 12.30 -36.63 -18.72
CA LYS A 467 11.46 -37.34 -19.67
C LYS A 467 10.93 -36.46 -20.78
N LYS A 468 11.35 -35.20 -20.84
CA LYS A 468 10.83 -34.22 -21.77
C LYS A 468 11.41 -34.43 -23.18
N LEU A 469 10.72 -33.84 -24.16
CA LEU A 469 11.10 -33.89 -25.58
C LEU A 469 11.96 -32.69 -25.95
N ASP A 470 12.98 -32.92 -26.80
CA ASP A 470 13.78 -31.82 -27.37
C ASP A 470 13.66 -31.85 -28.88
N PRO A 471 12.73 -31.07 -29.44
CA PRO A 471 12.53 -31.09 -30.90
C PRO A 471 13.72 -30.62 -31.70
N ARG A 472 14.70 -29.98 -31.06
CA ARG A 472 15.92 -29.61 -31.79
C ARG A 472 16.83 -30.79 -32.11
N ARG A 473 16.63 -31.95 -31.51
CA ARG A 473 17.55 -33.06 -31.73
C ARG A 473 16.85 -34.20 -32.49
N GLU A 474 17.66 -35.12 -32.98
CA GLU A 474 17.14 -36.20 -33.79
C GLU A 474 16.70 -37.38 -32.92
N PRO B 66 -44.03 46.61 35.84
CA PRO B 66 -42.73 46.63 35.16
C PRO B 66 -42.93 46.55 33.66
N SER B 67 -41.88 46.78 32.86
CA SER B 67 -41.95 46.64 31.40
C SER B 67 -40.53 46.52 30.87
N LEU B 68 -40.33 45.61 29.92
CA LEU B 68 -38.97 45.20 29.54
C LEU B 68 -38.23 46.33 28.83
N GLU B 69 -38.93 47.10 28.00
CA GLU B 69 -38.31 48.28 27.39
C GLU B 69 -37.89 49.28 28.46
N ASP B 70 -38.57 49.27 29.61
CA ASP B 70 -38.30 50.24 30.67
C ASP B 70 -37.15 49.79 31.54
N LEU B 71 -37.11 48.50 31.89
CA LEU B 71 -36.02 48.02 32.75
C LEU B 71 -34.68 48.19 32.06
N LEU B 72 -34.64 47.98 30.75
CA LEU B 72 -33.42 48.25 29.99
C LEU B 72 -33.11 49.74 29.98
N PHE B 73 -34.15 50.57 29.88
CA PHE B 73 -33.93 52.02 29.93
C PHE B 73 -33.20 52.41 31.21
N TYR B 74 -33.63 51.85 32.34
CA TYR B 74 -32.96 52.18 33.61
C TYR B 74 -31.55 51.59 33.64
N THR B 75 -31.38 50.39 33.10
CA THR B 75 -30.06 49.79 33.06
C THR B 75 -29.05 50.73 32.39
N ILE B 76 -29.43 51.31 31.26
CA ILE B 76 -28.53 52.19 30.53
C ILE B 76 -28.60 53.62 31.05
N ALA B 77 -29.80 54.09 31.43
CA ALA B 77 -29.93 55.49 31.83
C ALA B 77 -29.06 55.81 33.03
N GLU B 78 -28.80 54.81 33.88
CA GLU B 78 -27.90 54.95 35.04
C GLU B 78 -28.28 56.14 35.90
N GLY B 79 -29.54 56.12 36.35
CA GLY B 79 -30.07 57.18 37.18
C GLY B 79 -30.33 58.47 36.45
N GLN B 80 -29.85 58.61 35.23
CA GLN B 80 -30.16 59.84 34.54
C GLN B 80 -31.54 59.74 33.87
N GLU B 81 -32.01 60.89 33.48
CA GLU B 81 -33.34 61.24 33.01
C GLU B 81 -33.57 60.82 31.56
N LYS B 82 -32.57 61.09 30.74
CA LYS B 82 -32.63 60.88 29.31
C LYS B 82 -31.31 60.27 28.88
N ILE B 83 -31.36 59.45 27.83
CA ILE B 83 -30.20 58.74 27.32
C ILE B 83 -29.70 59.51 26.10
N PRO B 84 -28.46 60.00 26.10
CA PRO B 84 -27.88 60.47 24.83
C PRO B 84 -27.85 59.31 23.86
N VAL B 85 -28.25 59.55 22.62
CA VAL B 85 -28.42 58.41 21.73
C VAL B 85 -27.07 57.78 21.37
N HIS B 86 -26.01 58.60 21.25
CA HIS B 86 -24.68 58.04 21.01
C HIS B 86 -24.22 57.19 22.19
N LYS B 87 -24.63 57.56 23.41
CA LYS B 87 -24.30 56.72 24.54
C LYS B 87 -25.00 55.37 24.43
N PHE B 88 -26.23 55.36 23.91
CA PHE B 88 -26.88 54.07 23.69
C PHE B 88 -26.15 53.27 22.62
N ILE B 89 -25.71 53.92 21.55
CA ILE B 89 -25.03 53.22 20.47
C ILE B 89 -23.72 52.63 20.97
N THR B 90 -22.97 53.38 21.79
CA THR B 90 -21.68 52.89 22.25
C THR B 90 -21.85 51.66 23.14
N ALA B 91 -22.79 51.71 24.08
CA ALA B 91 -23.09 50.52 24.88
C ALA B 91 -23.48 49.34 24.00
N LEU B 92 -24.28 49.58 22.96
CA LEU B 92 -24.70 48.51 22.07
C LEU B 92 -23.49 47.85 21.40
N LYS B 93 -22.61 48.68 20.81
CA LYS B 93 -21.47 48.15 20.06
C LYS B 93 -20.52 47.34 20.95
N SER B 94 -20.36 47.75 22.21
CA SER B 94 -19.38 47.06 23.05
C SER B 94 -19.79 45.63 23.36
N THR B 95 -21.06 45.29 23.16
CA THR B 95 -21.48 43.90 23.28
C THR B 95 -20.93 43.03 22.17
N GLY B 96 -20.45 43.63 21.09
CA GLY B 96 -20.06 42.87 19.91
C GLY B 96 -21.00 43.03 18.75
N LEU B 97 -22.23 43.48 19.00
CA LEU B 97 -23.17 43.68 17.93
C LEU B 97 -22.70 44.80 17.01
N ARG B 98 -22.94 44.64 15.72
CA ARG B 98 -22.76 45.72 14.78
C ARG B 98 -24.08 46.46 14.70
N THR B 99 -24.00 47.77 14.60
CA THR B 99 -25.24 48.53 14.47
C THR B 99 -25.94 48.24 13.14
N SER B 100 -25.23 47.67 12.17
CA SER B 100 -25.83 47.25 10.91
C SER B 100 -26.45 45.85 10.99
N ASP B 101 -26.42 45.21 12.16
CA ASP B 101 -26.97 43.87 12.35
C ASP B 101 -28.38 43.81 11.74
N PRO B 102 -28.65 42.86 10.84
CA PRO B 102 -29.99 42.76 10.25
C PRO B 102 -31.12 42.63 11.25
N ARG B 103 -30.90 41.98 12.39
CA ARG B 103 -31.93 41.88 13.41
C ARG B 103 -32.17 43.17 14.16
N LEU B 104 -31.41 44.22 13.86
CA LEU B 104 -31.56 45.52 14.49
C LEU B 104 -32.06 46.60 13.53
N LYS B 105 -32.46 46.23 12.31
CA LYS B 105 -32.86 47.24 11.33
C LYS B 105 -33.96 48.14 11.88
N GLU B 106 -35.03 47.55 12.44
CA GLU B 106 -36.14 48.38 12.95
C GLU B 106 -35.64 49.37 14.00
N CYS B 107 -34.78 48.92 14.89
CA CYS B 107 -34.32 49.85 15.91
C CYS B 107 -33.47 50.99 15.35
N MET B 108 -32.55 50.70 14.44
CA MET B 108 -31.72 51.75 13.87
C MET B 108 -32.53 52.66 12.95
N ASP B 109 -33.47 52.08 12.19
CA ASP B 109 -34.35 52.91 11.37
C ASP B 109 -35.13 53.88 12.23
N MET B 110 -35.57 53.43 13.41
CA MET B 110 -36.32 54.34 14.27
C MET B 110 -35.40 55.40 14.87
N LEU B 111 -34.14 55.05 15.13
CA LEU B 111 -33.24 56.06 15.70
C LEU B 111 -32.86 57.11 14.67
N ARG B 112 -32.52 56.69 13.46
CA ARG B 112 -32.12 57.64 12.42
C ARG B 112 -33.26 58.60 12.12
N LEU B 113 -34.47 58.07 12.08
CA LEU B 113 -35.63 58.92 11.89
C LEU B 113 -35.76 59.92 13.03
N THR B 114 -35.47 59.50 14.26
CA THR B 114 -35.61 60.40 15.39
C THR B 114 -34.60 61.55 15.33
N LEU B 115 -33.38 61.28 14.87
CA LEU B 115 -32.41 62.37 14.75
C LEU B 115 -32.71 63.29 13.57
N GLN B 116 -33.67 62.92 12.72
CA GLN B 116 -34.22 63.86 11.75
C GLN B 116 -35.37 64.67 12.34
N THR B 117 -36.43 63.99 12.82
CA THR B 117 -37.66 64.60 13.31
C THR B 117 -37.45 65.51 14.52
N THR B 118 -36.46 65.24 15.34
CA THR B 118 -36.22 66.01 16.56
C THR B 118 -34.77 66.48 16.50
N SER B 119 -34.47 67.39 15.56
CA SER B 119 -33.08 67.73 15.29
C SER B 119 -32.50 68.67 16.33
N ASP B 120 -33.23 68.95 17.39
CA ASP B 120 -32.68 69.60 18.55
C ASP B 120 -32.28 68.54 19.57
N GLY B 121 -31.06 68.67 20.09
CA GLY B 121 -30.50 67.80 21.12
C GLY B 121 -30.86 66.33 21.12
N VAL B 122 -29.86 65.48 20.89
CA VAL B 122 -30.05 64.08 20.53
C VAL B 122 -30.36 63.21 21.74
N MET B 123 -31.45 63.53 22.45
CA MET B 123 -31.76 62.89 23.72
C MET B 123 -32.98 61.97 23.65
N LEU B 124 -32.86 60.80 24.29
CA LEU B 124 -33.94 59.82 24.36
C LEU B 124 -34.50 59.83 25.77
N ASP B 125 -35.78 60.13 25.89
CA ASP B 125 -36.41 59.87 27.15
C ASP B 125 -36.93 58.44 27.10
N LYS B 126 -37.44 57.99 28.23
CA LYS B 126 -38.06 56.68 28.34
C LYS B 126 -39.14 56.48 27.29
N ASP B 127 -40.03 57.47 27.07
CA ASP B 127 -41.08 57.32 26.07
C ASP B 127 -40.48 57.09 24.68
N LEU B 128 -39.42 57.83 24.35
CA LEU B 128 -38.78 57.76 23.04
C LEU B 128 -37.86 56.56 22.92
N PHE B 129 -37.12 56.25 23.98
CA PHE B 129 -36.33 55.04 23.98
C PHE B 129 -37.22 53.83 23.69
N LYS B 130 -38.36 53.74 24.36
CA LYS B 130 -39.23 52.57 24.20
C LYS B 130 -39.64 52.37 22.75
N LYS B 131 -40.05 53.44 22.07
CA LYS B 131 -40.54 53.29 20.71
C LYS B 131 -39.44 52.90 19.72
N CYS B 132 -38.18 53.23 20.03
CA CYS B 132 -37.08 52.89 19.11
C CYS B 132 -36.62 51.46 19.28
N VAL B 133 -36.58 50.95 20.51
CA VAL B 133 -36.05 49.62 20.80
C VAL B 133 -37.09 48.52 20.83
N GLN B 134 -38.38 48.85 20.82
CA GLN B 134 -39.42 47.89 21.17
C GLN B 134 -39.41 46.66 20.26
N SER B 135 -39.20 46.85 18.96
CA SER B 135 -39.35 45.74 18.02
C SER B 135 -38.25 44.72 18.19
N ASN B 136 -37.06 45.15 18.61
CA ASN B 136 -35.90 44.28 18.74
C ASN B 136 -35.49 44.11 20.21
N ILE B 137 -36.47 44.20 21.12
CA ILE B 137 -36.20 44.36 22.55
C ILE B 137 -35.56 43.10 23.12
N VAL B 138 -36.00 41.92 22.68
CA VAL B 138 -35.47 40.67 23.23
C VAL B 138 -33.96 40.58 23.01
N LEU B 139 -33.52 40.90 21.80
CA LEU B 139 -32.09 40.81 21.51
C LEU B 139 -31.31 41.86 22.28
N LEU B 140 -31.85 43.08 22.38
CA LEU B 140 -31.16 44.14 23.09
C LEU B 140 -30.99 43.83 24.57
N THR B 141 -31.93 43.10 25.17
CA THR B 141 -31.79 42.77 26.58
C THR B 141 -30.74 41.67 26.75
N GLN B 142 -30.79 40.65 25.90
CA GLN B 142 -29.76 39.62 25.91
C GLN B 142 -28.39 40.26 25.77
N ALA B 143 -28.26 41.26 24.90
CA ALA B 143 -26.98 41.93 24.73
C ALA B 143 -26.59 42.70 25.97
N PHE B 144 -27.55 43.38 26.59
CA PHE B 144 -27.25 44.29 27.68
C PHE B 144 -27.26 43.61 29.04
N ARG B 145 -28.00 42.51 29.19
CA ARG B 145 -27.91 41.70 30.39
C ARG B 145 -26.78 40.68 30.32
N ARG B 146 -25.82 40.91 29.40
CA ARG B 146 -24.62 40.07 29.28
C ARG B 146 -24.99 38.60 29.19
N LYS B 147 -25.96 38.29 28.35
CA LYS B 147 -26.38 36.92 28.14
C LYS B 147 -25.78 36.29 26.90
N PHE B 148 -24.87 36.97 26.21
CA PHE B 148 -24.33 36.39 24.99
C PHE B 148 -23.28 35.32 25.33
N VAL B 149 -22.96 34.49 24.34
CA VAL B 149 -22.07 33.36 24.57
C VAL B 149 -20.72 33.83 25.12
N ILE B 150 -20.23 34.98 24.65
CA ILE B 150 -19.03 35.60 25.19
C ILE B 150 -19.42 36.94 25.79
N PRO B 151 -19.62 37.00 27.12
CA PRO B 151 -20.16 38.22 27.72
C PRO B 151 -19.21 39.41 27.67
N ASP B 152 -17.93 39.18 27.98
CA ASP B 152 -16.94 40.25 27.93
C ASP B 152 -16.24 40.17 26.57
N PHE B 153 -16.99 40.60 25.55
CA PHE B 153 -16.51 40.49 24.19
C PHE B 153 -15.33 41.42 23.95
N MET B 154 -15.28 42.55 24.65
CA MET B 154 -14.16 43.45 24.42
C MET B 154 -12.87 42.84 24.92
N SER B 155 -12.94 42.15 26.06
CA SER B 155 -11.78 41.39 26.56
C SER B 155 -11.31 40.35 25.55
N PHE B 156 -12.22 39.51 25.06
CA PHE B 156 -11.86 38.45 24.13
C PHE B 156 -11.18 38.99 22.87
N THR B 157 -11.75 40.03 22.24
CA THR B 157 -11.19 40.55 21.00
C THR B 157 -9.80 41.12 21.21
N SER B 158 -9.52 41.67 22.40
CA SER B 158 -8.15 42.10 22.65
C SER B 158 -7.20 40.91 22.68
N HIS B 159 -7.70 39.72 23.01
CA HIS B 159 -6.88 38.52 22.87
C HIS B 159 -6.75 38.10 21.42
N ILE B 160 -7.85 38.16 20.68
CA ILE B 160 -7.79 37.85 19.25
C ILE B 160 -6.76 38.75 18.57
N ASP B 161 -6.79 40.03 18.90
CA ASP B 161 -5.84 40.96 18.32
C ASP B 161 -4.40 40.58 18.68
N GLU B 162 -4.19 40.11 19.91
CA GLU B 162 -2.84 39.72 20.34
C GLU B 162 -2.37 38.46 19.60
N LEU B 163 -3.24 37.45 19.49
CA LEU B 163 -2.91 36.31 18.64
C LEU B 163 -2.68 36.75 17.20
N TYR B 164 -3.52 37.65 16.69
CA TYR B 164 -3.34 38.14 15.32
C TYR B 164 -1.94 38.73 15.13
N GLU B 165 -1.49 39.58 16.06
CA GLU B 165 -0.20 40.24 15.91
C GLU B 165 0.93 39.25 15.99
N SER B 166 0.77 38.22 16.81
CA SER B 166 1.85 37.25 16.97
C SER B 166 2.01 36.39 15.72
N ALA B 167 0.90 35.92 15.17
CA ALA B 167 0.91 35.20 13.91
C ALA B 167 1.50 36.03 12.78
N LYS B 168 1.30 37.36 12.84
CA LYS B 168 1.78 38.25 11.80
C LYS B 168 3.29 38.15 11.67
N LYS B 169 3.97 37.78 12.74
CA LYS B 169 5.42 37.74 12.70
C LYS B 169 5.96 36.46 12.07
N GLN B 170 5.10 35.47 11.83
CA GLN B 170 5.47 34.22 11.16
C GLN B 170 5.46 34.42 9.65
N SER B 171 6.57 34.95 9.12
CA SER B 171 6.61 35.44 7.75
C SER B 171 6.94 34.36 6.72
N GLY B 172 7.00 33.09 7.11
CA GLY B 172 7.36 32.01 6.20
C GLY B 172 6.25 31.60 5.23
N GLY B 173 6.54 30.57 4.44
CA GLY B 173 5.56 29.99 3.54
C GLY B 173 5.66 30.55 2.12
N LYS B 174 4.93 29.89 1.22
CA LYS B 174 4.98 30.20 -0.20
C LYS B 174 3.56 30.34 -0.74
N VAL B 175 3.29 31.45 -1.41
CA VAL B 175 1.97 31.64 -1.99
C VAL B 175 1.80 30.70 -3.18
N ALA B 176 0.66 30.03 -3.23
CA ALA B 176 0.39 29.12 -4.33
C ALA B 176 0.33 29.90 -5.64
N ASP B 177 1.03 29.38 -6.65
CA ASP B 177 1.28 30.11 -7.89
C ASP B 177 0.99 29.24 -9.10
N TYR B 178 0.14 28.22 -8.96
CA TYR B 178 -0.11 27.33 -10.09
C TYR B 178 -1.03 27.95 -11.14
N ILE B 179 -1.81 28.96 -10.76
CA ILE B 179 -2.50 29.77 -11.77
C ILE B 179 -2.07 31.21 -11.52
N PRO B 180 -2.01 32.05 -12.55
CA PRO B 180 -1.55 33.43 -12.34
C PRO B 180 -2.41 34.25 -11.39
N GLN B 181 -3.57 33.75 -10.95
CA GLN B 181 -4.50 34.54 -10.15
C GLN B 181 -4.26 34.43 -8.66
N LEU B 182 -3.76 33.30 -8.19
CA LEU B 182 -3.34 33.19 -6.81
C LEU B 182 -1.93 33.76 -6.65
N ALA B 183 -1.13 33.71 -7.73
CA ALA B 183 0.18 34.33 -7.73
C ALA B 183 0.12 35.83 -7.42
N LYS B 184 -0.95 36.52 -7.81
CA LYS B 184 -0.97 37.97 -7.60
C LYS B 184 -1.33 38.37 -6.19
N PHE B 185 -1.43 37.42 -5.26
CA PHE B 185 -1.71 37.80 -3.89
C PHE B 185 -0.43 38.02 -3.11
N SER B 186 -0.49 38.98 -2.17
CA SER B 186 0.67 39.34 -1.37
C SER B 186 0.89 38.30 -0.28
N PRO B 187 2.14 38.04 0.09
CA PRO B 187 2.37 37.16 1.24
C PRO B 187 1.97 37.81 2.54
N ASP B 188 1.95 39.13 2.56
CA ASP B 188 1.72 39.91 3.77
C ASP B 188 0.26 40.15 4.08
N LEU B 189 -0.66 39.74 3.20
CA LEU B 189 -2.08 39.87 3.52
C LEU B 189 -2.45 38.90 4.65
N TRP B 190 -3.10 39.42 5.69
CA TRP B 190 -3.40 38.57 6.84
C TRP B 190 -4.63 39.12 7.54
N GLY B 191 -5.67 38.29 7.63
CA GLY B 191 -6.87 38.75 8.30
C GLY B 191 -7.62 37.68 9.05
N VAL B 192 -8.21 38.06 10.18
CA VAL B 192 -8.99 37.14 11.00
C VAL B 192 -10.33 37.82 11.33
N SER B 193 -11.42 37.09 11.17
CA SER B 193 -12.75 37.59 11.40
C SER B 193 -13.49 36.61 12.28
N VAL B 194 -14.25 37.15 13.23
CA VAL B 194 -14.99 36.35 14.19
C VAL B 194 -16.46 36.74 14.11
N CYS B 195 -17.34 35.73 14.08
CA CYS B 195 -18.79 35.91 14.27
C CYS B 195 -19.27 34.83 15.22
N THR B 196 -19.75 35.23 16.40
CA THR B 196 -20.20 34.27 17.40
C THR B 196 -21.58 33.72 17.05
N ALA B 197 -22.03 32.75 17.84
CA ALA B 197 -23.35 32.17 17.63
C ALA B 197 -24.44 33.16 17.99
N ASP B 198 -24.10 34.32 18.54
CA ASP B 198 -25.06 35.36 18.84
C ASP B 198 -24.92 36.56 17.93
N GLY B 199 -24.00 36.53 16.96
CA GLY B 199 -23.81 37.64 16.07
C GLY B 199 -22.79 38.68 16.49
N GLN B 200 -22.05 38.45 17.58
CA GLN B 200 -20.99 39.39 17.93
C GLN B 200 -19.86 39.30 16.92
N ARG B 201 -19.36 40.46 16.50
CA ARG B 201 -18.44 40.54 15.37
C ARG B 201 -17.14 41.22 15.79
N HIS B 202 -16.04 40.74 15.21
CA HIS B 202 -14.74 41.39 15.35
C HIS B 202 -13.90 41.01 14.13
N SER B 203 -13.13 41.97 13.64
CA SER B 203 -12.23 41.75 12.53
C SER B 203 -10.93 42.48 12.78
N THR B 204 -9.85 41.92 12.24
CA THR B 204 -8.56 42.58 12.35
C THR B 204 -7.71 42.12 11.17
N GLY B 205 -6.95 43.05 10.61
CA GLY B 205 -6.21 42.75 9.40
C GLY B 205 -7.01 42.97 8.14
N ASP B 206 -6.72 42.19 7.10
CA ASP B 206 -7.29 42.43 5.76
C ASP B 206 -8.56 41.61 5.57
N THR B 207 -9.61 42.04 6.26
CA THR B 207 -10.83 41.24 6.37
C THR B 207 -11.87 41.60 5.33
N LYS B 208 -11.62 42.62 4.52
CA LYS B 208 -12.52 43.01 3.43
C LYS B 208 -11.89 42.80 2.06
N VAL B 209 -10.86 41.98 1.98
CA VAL B 209 -10.22 41.64 0.72
C VAL B 209 -10.88 40.37 0.18
N PRO B 210 -11.44 40.40 -1.04
CA PRO B 210 -12.02 39.18 -1.61
C PRO B 210 -10.94 38.18 -2.00
N PHE B 211 -11.31 36.90 -1.88
CA PHE B 211 -10.46 35.78 -2.27
C PHE B 211 -11.38 34.58 -2.47
N CYS B 212 -10.89 33.59 -3.19
CA CYS B 212 -11.71 32.45 -3.53
C CYS B 212 -11.71 31.43 -2.38
N LEU B 213 -12.80 30.66 -2.32
CA LEU B 213 -12.94 29.70 -1.23
C LEU B 213 -12.00 28.52 -1.41
N GLN B 214 -11.86 28.08 -2.67
CA GLN B 214 -11.12 26.88 -3.09
C GLN B 214 -11.68 25.70 -2.28
N SER B 215 -10.85 24.89 -1.63
CA SER B 215 -11.38 23.73 -0.94
C SER B 215 -12.23 24.09 0.27
N CYS B 216 -12.24 25.35 0.69
CA CYS B 216 -13.12 25.73 1.80
C CYS B 216 -14.59 25.66 1.41
N VAL B 217 -14.87 25.41 0.13
CA VAL B 217 -16.24 25.23 -0.33
C VAL B 217 -16.69 23.79 -0.12
N LYS B 218 -15.74 22.86 0.00
CA LYS B 218 -16.12 21.45 0.09
C LYS B 218 -17.04 21.16 1.26
N PRO B 219 -16.76 21.61 2.49
CA PRO B 219 -17.74 21.39 3.56
C PRO B 219 -19.07 22.09 3.29
N LEU B 220 -19.04 23.28 2.70
CA LEU B 220 -20.30 24.00 2.44
C LEU B 220 -21.16 23.23 1.46
N LYS B 221 -20.58 22.75 0.36
CA LYS B 221 -21.44 22.07 -0.61
C LYS B 221 -21.83 20.67 -0.14
N TYR B 222 -20.97 19.99 0.61
CA TYR B 222 -21.41 18.75 1.25
C TYR B 222 -22.56 19.03 2.22
N ALA B 223 -22.44 20.07 3.04
CA ALA B 223 -23.55 20.44 3.93
C ALA B 223 -24.83 20.65 3.13
N ILE B 224 -24.72 21.30 1.96
CA ILE B 224 -25.90 21.54 1.12
C ILE B 224 -26.48 20.22 0.61
N ALA B 225 -25.62 19.34 0.10
CA ALA B 225 -26.09 18.05 -0.42
C ALA B 225 -26.82 17.25 0.66
N VAL B 226 -26.24 17.16 1.85
CA VAL B 226 -26.85 16.39 2.92
C VAL B 226 -28.16 17.05 3.38
N ASN B 227 -28.18 18.39 3.42
CA ASN B 227 -29.41 19.10 3.76
C ASN B 227 -30.55 18.74 2.81
N ASP B 228 -30.27 18.70 1.49
CA ASP B 228 -31.29 18.50 0.45
C ASP B 228 -31.56 17.03 0.13
N LEU B 229 -30.58 16.14 0.35
CA LEU B 229 -30.66 14.74 -0.05
C LEU B 229 -30.65 13.75 1.10
N GLY B 230 -30.10 14.10 2.26
CA GLY B 230 -30.10 13.20 3.39
C GLY B 230 -28.79 12.44 3.53
N THR B 231 -28.53 12.00 4.76
CA THR B 231 -27.29 11.26 5.03
C THR B 231 -27.16 10.04 4.14
N GLU B 232 -28.22 9.24 4.09
CA GLU B 232 -28.20 7.96 3.38
C GLU B 232 -27.79 8.13 1.93
N TYR B 233 -28.49 9.01 1.22
CA TYR B 233 -28.22 9.19 -0.19
C TYR B 233 -26.79 9.61 -0.43
N VAL B 234 -26.36 10.68 0.25
CA VAL B 234 -25.04 11.25 -0.02
C VAL B 234 -23.96 10.20 0.14
N HIS B 235 -24.03 9.41 1.21
CA HIS B 235 -22.95 8.50 1.54
C HIS B 235 -23.06 7.14 0.89
N ARG B 236 -24.07 6.94 0.04
CA ARG B 236 -23.96 5.91 -0.98
C ARG B 236 -22.87 6.24 -2.00
N TYR B 237 -22.53 7.51 -2.17
CA TYR B 237 -21.58 7.89 -3.21
C TYR B 237 -20.25 8.37 -2.67
N VAL B 238 -20.17 8.71 -1.38
CA VAL B 238 -18.94 9.23 -0.80
C VAL B 238 -18.76 8.65 0.59
N GLY B 239 -17.51 8.33 0.94
CA GLY B 239 -17.20 7.74 2.23
C GLY B 239 -17.30 8.76 3.37
N LYS B 240 -16.97 8.29 4.57
CA LYS B 240 -17.05 9.16 5.73
C LYS B 240 -15.84 9.05 6.63
N GLU B 241 -14.66 8.76 6.09
CA GLU B 241 -13.49 8.55 6.92
C GLU B 241 -12.27 9.23 6.31
N PRO B 242 -11.28 9.58 7.13
CA PRO B 242 -9.98 9.98 6.58
C PRO B 242 -9.27 8.77 5.98
N SER B 243 -8.49 9.02 4.93
CA SER B 243 -7.96 7.91 4.13
C SER B 243 -6.87 7.13 4.85
N GLY B 244 -6.01 7.81 5.59
CA GLY B 244 -4.77 7.16 6.00
C GLY B 244 -3.65 8.04 5.50
N LEU B 245 -2.68 8.31 6.38
CA LEU B 245 -1.70 9.37 6.17
C LEU B 245 -0.95 9.30 4.85
N ARG B 246 -1.05 8.19 4.13
CA ARG B 246 -0.49 8.19 2.79
C ARG B 246 -1.29 7.21 1.92
N PHE B 247 -2.54 7.60 1.73
CA PHE B 247 -3.48 7.09 0.74
C PHE B 247 -4.06 8.32 0.07
N ASN B 248 -3.26 9.39 0.17
CA ASN B 248 -3.41 10.68 -0.48
C ASN B 248 -3.40 10.59 -1.99
N LYS B 249 -2.88 9.49 -2.53
CA LYS B 249 -2.72 9.37 -3.95
C LYS B 249 -3.79 8.49 -4.58
N LEU B 250 -4.57 7.78 -3.78
CA LEU B 250 -5.68 6.97 -4.29
C LEU B 250 -6.94 7.80 -4.29
N PHE B 251 -7.73 7.66 -5.36
CA PHE B 251 -9.00 8.37 -5.46
C PHE B 251 -10.15 7.65 -4.79
N LEU B 252 -10.04 6.33 -4.61
CA LEU B 252 -11.15 5.51 -4.17
C LEU B 252 -10.75 4.65 -2.98
N ASN B 253 -11.70 4.44 -2.07
CA ASN B 253 -11.49 3.47 -1.02
C ASN B 253 -11.78 2.08 -1.58
N GLU B 254 -11.82 1.06 -0.72
CA GLU B 254 -12.05 -0.31 -1.17
C GLU B 254 -13.49 -0.55 -1.58
N ASP B 255 -14.44 0.25 -1.11
CA ASP B 255 -15.81 0.14 -1.61
C ASP B 255 -15.99 0.85 -2.93
N ASP B 256 -14.89 1.31 -3.52
CA ASP B 256 -14.92 2.05 -4.79
C ASP B 256 -15.70 3.37 -4.66
N LYS B 257 -15.75 3.92 -3.44
CA LYS B 257 -16.20 5.27 -3.19
C LYS B 257 -15.01 6.15 -2.82
N PRO B 258 -15.06 7.43 -3.13
CA PRO B 258 -14.06 8.36 -2.59
C PRO B 258 -14.07 8.34 -1.07
N HIS B 259 -12.93 8.66 -0.47
CA HIS B 259 -12.79 8.43 0.96
C HIS B 259 -13.74 9.30 1.77
N ASN B 260 -13.84 10.57 1.42
CA ASN B 260 -14.65 11.52 2.18
C ASN B 260 -14.92 12.72 1.30
N PRO B 261 -15.85 13.61 1.70
CA PRO B 261 -16.16 14.78 0.85
C PRO B 261 -15.06 15.85 0.88
N MET B 262 -14.09 15.75 1.76
CA MET B 262 -13.10 16.81 1.87
C MET B 262 -11.88 16.61 0.96
N VAL B 263 -11.79 15.49 0.25
CA VAL B 263 -10.76 15.33 -0.77
C VAL B 263 -11.39 15.59 -2.13
N ASN B 264 -10.53 15.92 -3.10
CA ASN B 264 -10.98 16.38 -4.42
C ASN B 264 -11.95 15.41 -5.08
N ALA B 265 -11.64 14.11 -5.06
CA ALA B 265 -12.55 13.15 -5.68
C ALA B 265 -13.90 13.11 -4.98
N GLY B 266 -13.90 13.18 -3.64
CA GLY B 266 -15.16 13.15 -2.93
C GLY B 266 -15.97 14.42 -3.17
N ALA B 267 -15.30 15.58 -3.19
CA ALA B 267 -16.00 16.83 -3.51
C ALA B 267 -16.54 16.81 -4.92
N ILE B 268 -15.77 16.27 -5.87
CA ILE B 268 -16.25 16.13 -7.25
C ILE B 268 -17.49 15.25 -7.31
N VAL B 269 -17.49 14.15 -6.56
CA VAL B 269 -18.70 13.33 -6.50
C VAL B 269 -19.85 14.12 -5.87
N VAL B 270 -19.56 14.90 -4.83
CA VAL B 270 -20.61 15.65 -4.14
C VAL B 270 -21.16 16.78 -5.02
N THR B 271 -20.26 17.46 -5.75
CA THR B 271 -20.71 18.44 -6.73
C THR B 271 -21.74 17.83 -7.68
N SER B 272 -21.57 16.56 -8.01
CA SER B 272 -22.43 15.85 -8.96
C SER B 272 -23.75 15.39 -8.34
N LEU B 273 -23.93 15.55 -7.04
CA LEU B 273 -25.19 15.17 -6.42
C LEU B 273 -26.18 16.32 -6.31
N ILE B 274 -25.70 17.56 -6.36
CA ILE B 274 -26.53 18.72 -6.03
C ILE B 274 -27.42 19.05 -7.21
N LYS B 275 -28.70 19.29 -6.94
CA LYS B 275 -29.65 19.89 -7.88
C LYS B 275 -29.56 19.22 -9.24
N GLN B 276 -29.70 17.89 -9.25
CA GLN B 276 -29.61 17.12 -10.48
C GLN B 276 -30.73 17.50 -11.43
N GLY B 277 -30.48 17.32 -12.74
CA GLY B 277 -31.49 17.56 -13.75
C GLY B 277 -31.70 19.01 -14.16
N VAL B 278 -31.10 19.94 -13.45
CA VAL B 278 -31.11 21.34 -13.81
C VAL B 278 -29.76 21.67 -14.44
N ASN B 279 -29.70 22.73 -15.27
CA ASN B 279 -28.46 23.05 -15.97
C ASN B 279 -27.48 23.78 -15.03
N ASN B 280 -26.26 24.04 -15.52
CA ASN B 280 -25.19 24.56 -14.67
C ASN B 280 -25.46 25.99 -14.19
N ALA B 281 -26.12 26.81 -15.01
CA ALA B 281 -26.45 28.18 -14.61
C ALA B 281 -27.33 28.19 -13.35
N GLU B 282 -28.33 27.32 -13.30
CA GLU B 282 -29.25 27.26 -12.17
C GLU B 282 -28.63 26.53 -10.98
N LYS B 283 -27.87 25.47 -11.22
CA LYS B 283 -27.16 24.81 -10.13
C LYS B 283 -26.30 25.82 -9.38
N PHE B 284 -25.53 26.63 -10.13
CA PHE B 284 -24.70 27.67 -9.55
C PHE B 284 -25.56 28.69 -8.79
N ASP B 285 -26.56 29.26 -9.47
CA ASP B 285 -27.49 30.17 -8.80
C ASP B 285 -28.00 29.60 -7.49
N TYR B 286 -28.39 28.32 -7.51
CA TYR B 286 -28.99 27.71 -6.32
C TYR B 286 -28.00 27.63 -5.17
N VAL B 287 -26.74 27.27 -5.46
CA VAL B 287 -25.72 27.23 -4.42
C VAL B 287 -25.39 28.63 -3.91
N MET B 288 -25.30 29.61 -4.82
CA MET B 288 -25.02 30.97 -4.42
C MET B 288 -26.08 31.49 -3.47
N GLN B 289 -27.35 31.25 -3.81
CA GLN B 289 -28.45 31.66 -2.96
C GLN B 289 -28.32 31.02 -1.58
N PHE B 290 -27.84 29.78 -1.55
CA PHE B 290 -27.63 29.05 -0.30
C PHE B 290 -26.49 29.64 0.51
N LEU B 291 -25.38 29.94 -0.16
CA LEU B 291 -24.25 30.55 0.55
C LEU B 291 -24.57 31.95 1.03
N ASN B 292 -25.37 32.71 0.27
CA ASN B 292 -25.79 34.03 0.71
C ASN B 292 -26.51 33.97 2.05
N LYS B 293 -27.45 33.03 2.18
CA LYS B 293 -28.15 32.82 3.46
C LYS B 293 -27.17 32.41 4.56
N MET B 294 -26.21 31.55 4.24
CA MET B 294 -25.23 31.15 5.24
C MET B 294 -24.46 32.37 5.74
N ALA B 295 -24.12 33.29 4.84
CA ALA B 295 -23.32 34.46 5.18
C ALA B 295 -24.17 35.65 5.60
N GLY B 296 -25.44 35.42 5.94
CA GLY B 296 -26.34 36.49 6.31
C GLY B 296 -26.40 37.58 5.27
N ASN B 297 -26.23 37.20 4.00
CA ASN B 297 -26.28 38.12 2.86
C ASN B 297 -25.10 39.08 2.81
N GLU B 298 -23.96 38.72 3.42
CA GLU B 298 -22.75 39.49 3.21
C GLU B 298 -22.05 38.99 1.95
N TYR B 299 -20.89 39.56 1.63
CA TYR B 299 -20.31 39.39 0.30
C TYR B 299 -20.09 37.93 -0.02
N VAL B 300 -20.72 37.49 -1.11
CA VAL B 300 -20.45 36.21 -1.76
C VAL B 300 -20.33 36.51 -3.23
N GLY B 301 -19.17 36.25 -3.81
CA GLY B 301 -18.98 36.63 -5.20
C GLY B 301 -18.38 35.56 -6.06
N PHE B 302 -17.79 35.94 -7.19
CA PHE B 302 -17.36 34.94 -8.14
C PHE B 302 -16.23 35.48 -8.99
N SER B 303 -15.17 34.69 -9.13
CA SER B 303 -14.00 35.06 -9.92
C SER B 303 -14.06 34.26 -11.21
N ASN B 304 -14.45 34.92 -12.30
CA ASN B 304 -14.38 34.23 -13.60
C ASN B 304 -12.92 33.96 -13.96
N ALA B 305 -12.03 34.90 -13.64
CA ALA B 305 -10.62 34.74 -13.93
C ALA B 305 -10.08 33.45 -13.31
N THR B 306 -10.28 33.26 -12.01
CA THR B 306 -9.89 32.02 -11.35
C THR B 306 -10.55 30.81 -12.01
N PHE B 307 -11.79 30.96 -12.46
CA PHE B 307 -12.48 29.85 -13.10
C PHE B 307 -11.77 29.44 -14.39
N GLN B 308 -11.48 30.41 -15.25
CA GLN B 308 -10.79 30.10 -16.51
C GLN B 308 -9.47 29.39 -16.25
N SER B 309 -8.70 29.85 -15.27
CA SER B 309 -7.37 29.28 -15.06
C SER B 309 -7.41 27.90 -14.43
N GLU B 310 -8.40 27.64 -13.59
CA GLU B 310 -8.50 26.30 -13.03
C GLU B 310 -9.01 25.31 -14.06
N ARG B 311 -9.91 25.74 -14.95
CA ARG B 311 -10.41 24.82 -15.97
C ARG B 311 -9.38 24.54 -17.06
N GLU B 312 -8.47 25.49 -17.34
CA GLU B 312 -7.47 25.30 -18.38
C GLU B 312 -6.21 24.62 -17.88
N SER B 313 -6.15 24.29 -16.61
CA SER B 313 -4.93 23.74 -16.04
C SER B 313 -5.21 22.62 -15.06
N GLY B 314 -6.42 22.07 -15.05
CA GLY B 314 -6.81 21.06 -14.08
C GLY B 314 -6.75 19.65 -14.61
N ASP B 315 -5.61 19.28 -15.19
CA ASP B 315 -5.42 17.91 -15.67
C ASP B 315 -5.73 16.89 -14.57
N ARG B 316 -5.27 17.14 -13.35
CA ARG B 316 -5.49 16.17 -12.28
C ARG B 316 -6.98 15.97 -12.00
N ASN B 317 -7.75 17.05 -12.03
CA ASN B 317 -9.18 16.91 -11.77
C ASN B 317 -9.89 16.20 -12.93
N PHE B 318 -9.45 16.43 -14.16
CA PHE B 318 -9.96 15.61 -15.26
C PHE B 318 -9.58 14.15 -15.10
N ALA B 319 -8.34 13.88 -14.66
CA ALA B 319 -7.97 12.50 -14.35
C ALA B 319 -8.92 11.89 -13.33
N ILE B 320 -9.23 12.64 -12.26
CA ILE B 320 -10.20 12.16 -11.28
C ILE B 320 -11.54 11.89 -11.96
N GLY B 321 -11.96 12.82 -12.83
CA GLY B 321 -13.28 12.73 -13.43
C GLY B 321 -13.49 11.50 -14.29
N TYR B 322 -12.52 11.19 -15.17
CA TYR B 322 -12.66 10.00 -15.99
C TYR B 322 -12.55 8.74 -15.13
N TYR B 323 -11.63 8.73 -14.17
CA TYR B 323 -11.52 7.58 -13.29
C TYR B 323 -12.84 7.31 -12.57
N LEU B 324 -13.47 8.35 -12.03
CA LEU B 324 -14.73 8.17 -11.31
C LEU B 324 -15.83 7.68 -12.25
N LYS B 325 -15.86 8.21 -13.48
CA LYS B 325 -16.82 7.72 -14.46
C LYS B 325 -16.60 6.23 -14.73
N GLU B 326 -15.34 5.84 -14.98
CA GLU B 326 -15.06 4.45 -15.28
C GLU B 326 -15.55 3.55 -14.16
N LYS B 327 -15.23 3.91 -12.92
CA LYS B 327 -15.65 3.10 -11.79
C LYS B 327 -17.08 3.40 -11.36
N LYS B 328 -17.85 4.12 -12.20
CA LYS B 328 -19.30 4.30 -12.05
C LYS B 328 -19.67 4.93 -10.69
N CYS B 329 -18.97 5.99 -10.34
CA CYS B 329 -19.12 6.58 -9.02
C CYS B 329 -20.15 7.70 -8.97
N PHE B 330 -20.66 8.13 -10.10
CA PHE B 330 -21.61 9.21 -10.22
C PHE B 330 -23.04 8.70 -10.31
N PRO B 331 -24.03 9.52 -9.96
CA PRO B 331 -25.43 9.13 -10.20
C PRO B 331 -25.67 9.01 -11.70
N GLU B 332 -26.66 8.18 -12.05
CA GLU B 332 -26.94 7.90 -13.45
C GLU B 332 -27.33 9.17 -14.21
N GLY B 333 -26.95 9.23 -15.48
CA GLY B 333 -27.22 10.41 -16.27
C GLY B 333 -26.33 11.60 -15.98
N THR B 334 -25.19 11.39 -15.31
CA THR B 334 -24.27 12.47 -15.00
C THR B 334 -23.42 12.80 -16.22
N ASP B 335 -23.31 14.09 -16.53
CA ASP B 335 -22.39 14.55 -17.56
C ASP B 335 -21.13 14.97 -16.82
N MET B 336 -20.14 14.07 -16.83
CA MET B 336 -18.94 14.22 -15.99
C MET B 336 -18.22 15.53 -16.28
N VAL B 337 -17.97 15.82 -17.55
CA VAL B 337 -17.19 17.00 -17.87
C VAL B 337 -17.96 18.25 -17.52
N GLY B 338 -19.29 18.22 -17.64
CA GLY B 338 -20.08 19.33 -17.15
C GLY B 338 -20.01 19.44 -15.65
N ILE B 339 -19.96 18.29 -14.96
CA ILE B 339 -19.81 18.33 -13.52
C ILE B 339 -18.45 18.91 -13.15
N LEU B 340 -17.41 18.59 -13.92
CA LEU B 340 -16.11 19.19 -13.68
C LEU B 340 -16.17 20.70 -13.84
N ASP B 341 -16.92 21.17 -14.84
CA ASP B 341 -17.14 22.60 -15.02
C ASP B 341 -17.77 23.24 -13.80
N PHE B 342 -18.85 22.62 -13.29
CA PHE B 342 -19.49 23.11 -12.07
C PHE B 342 -18.50 23.18 -10.92
N TYR B 343 -17.71 22.09 -10.74
CA TYR B 343 -16.72 22.02 -9.67
C TYR B 343 -15.73 23.18 -9.73
N PHE B 344 -15.19 23.47 -10.91
CA PHE B 344 -14.29 24.62 -11.05
C PHE B 344 -14.97 25.93 -10.68
N GLN B 345 -16.27 26.03 -10.93
CA GLN B 345 -16.99 27.25 -10.57
C GLN B 345 -17.10 27.38 -9.06
N LEU B 346 -17.55 26.30 -8.39
CA LEU B 346 -17.70 26.35 -6.94
C LEU B 346 -16.40 26.75 -6.24
N CYS B 347 -15.23 26.38 -6.78
CA CYS B 347 -13.96 26.75 -6.15
C CYS B 347 -13.56 28.21 -6.40
N SER B 348 -14.18 28.89 -7.34
CA SER B 348 -13.87 30.28 -7.62
C SER B 348 -14.90 31.25 -7.06
N ILE B 349 -15.82 30.76 -6.22
CA ILE B 349 -16.68 31.65 -5.45
C ILE B 349 -15.83 32.46 -4.49
N GLU B 350 -16.11 33.74 -4.38
CA GLU B 350 -15.30 34.64 -3.58
C GLU B 350 -16.01 34.99 -2.29
N VAL B 351 -15.22 35.13 -1.23
CA VAL B 351 -15.69 35.61 0.05
C VAL B 351 -14.66 36.60 0.57
N THR B 352 -15.01 37.20 1.70
CA THR B 352 -14.07 37.96 2.50
C THR B 352 -13.88 37.25 3.83
N CYS B 353 -12.96 37.76 4.62
CA CYS B 353 -12.82 37.18 5.95
C CYS B 353 -14.08 37.42 6.75
N GLU B 354 -14.68 38.61 6.59
CA GLU B 354 -15.85 38.98 7.38
C GLU B 354 -17.07 38.15 7.00
N SER B 355 -17.37 38.08 5.70
CA SER B 355 -18.55 37.34 5.25
C SER B 355 -18.41 35.85 5.52
N ALA B 356 -17.24 35.28 5.28
CA ALA B 356 -17.04 33.85 5.49
C ALA B 356 -17.10 33.45 6.95
N SER B 357 -16.68 34.35 7.86
CA SER B 357 -16.82 34.07 9.29
C SER B 357 -18.27 33.82 9.69
N VAL B 358 -19.24 34.47 9.00
CA VAL B 358 -20.66 34.26 9.29
C VAL B 358 -21.09 32.88 8.80
N MET B 359 -20.54 32.43 7.68
CA MET B 359 -20.82 31.07 7.20
C MET B 359 -20.39 30.03 8.22
N ALA B 360 -19.17 30.17 8.75
CA ALA B 360 -18.70 29.23 9.75
C ALA B 360 -19.52 29.35 11.04
N ALA B 361 -20.05 30.54 11.32
CA ALA B 361 -20.87 30.72 12.52
C ALA B 361 -22.23 30.03 12.37
N THR B 362 -22.77 29.98 11.15
CA THR B 362 -23.97 29.18 10.92
C THR B 362 -23.72 27.71 11.26
N LEU B 363 -22.52 27.21 10.95
CA LEU B 363 -22.13 25.84 11.30
C LEU B 363 -21.86 25.69 12.79
N ALA B 364 -21.33 26.72 13.45
CA ALA B 364 -21.22 26.70 14.91
C ALA B 364 -22.57 26.82 15.61
N ASN B 365 -23.64 27.20 14.90
CA ASN B 365 -24.92 27.55 15.52
C ASN B 365 -26.05 26.61 15.10
N GLY B 366 -25.72 25.35 14.81
CA GLY B 366 -26.73 24.35 14.49
C GLY B 366 -27.49 24.60 13.20
N GLY B 367 -26.91 25.34 12.26
CA GLY B 367 -27.52 25.62 10.98
C GLY B 367 -28.41 26.84 10.92
N PHE B 368 -28.49 27.63 12.00
CA PHE B 368 -29.18 28.91 12.00
C PHE B 368 -28.16 30.03 11.79
N CYS B 369 -28.41 30.91 10.85
CA CYS B 369 -27.49 32.04 10.63
C CYS B 369 -27.58 32.99 11.81
N PRO B 370 -26.48 33.26 12.50
CA PRO B 370 -26.58 33.99 13.78
C PRO B 370 -26.96 35.45 13.62
N ILE B 371 -26.69 36.07 12.48
CA ILE B 371 -26.99 37.47 12.35
C ILE B 371 -28.32 37.71 11.65
N THR B 372 -29.07 36.66 11.32
CA THR B 372 -30.41 36.82 10.77
C THR B 372 -31.49 36.01 11.47
N GLY B 373 -31.15 34.99 12.25
CA GLY B 373 -32.13 34.08 12.78
C GLY B 373 -32.64 33.06 11.77
N GLU B 374 -32.10 33.04 10.55
CA GLU B 374 -32.58 32.15 9.51
C GLU B 374 -32.01 30.74 9.65
N ARG B 375 -32.91 29.75 9.62
CA ARG B 375 -32.49 28.36 9.52
C ARG B 375 -32.02 28.11 8.09
N VAL B 376 -30.76 27.75 7.93
CA VAL B 376 -30.20 27.52 6.61
C VAL B 376 -30.04 26.03 6.35
N LEU B 377 -29.44 25.31 7.29
CA LEU B 377 -29.15 23.89 7.12
C LEU B 377 -29.76 23.09 8.26
N SER B 378 -30.17 21.88 7.91
CA SER B 378 -30.66 20.91 8.87
C SER B 378 -29.58 20.66 9.92
N PRO B 379 -29.96 20.26 11.13
CA PRO B 379 -28.93 19.84 12.10
C PRO B 379 -28.08 18.67 11.60
N GLU B 380 -28.70 17.70 10.94
CA GLU B 380 -27.96 16.58 10.34
C GLU B 380 -26.84 17.05 9.40
N ALA B 381 -27.11 18.03 8.53
CA ALA B 381 -26.08 18.48 7.62
C ALA B 381 -24.90 19.09 8.38
N VAL B 382 -25.20 19.87 9.41
CA VAL B 382 -24.18 20.61 10.15
C VAL B 382 -23.32 19.65 10.97
N ARG B 383 -23.94 18.62 11.56
CA ARG B 383 -23.17 17.67 12.35
C ARG B 383 -22.21 16.88 11.46
N ASN B 384 -22.74 16.30 10.37
CA ASN B 384 -21.89 15.55 9.44
C ASN B 384 -20.73 16.40 8.94
N THR B 385 -21.01 17.64 8.56
CA THR B 385 -19.96 18.51 8.05
C THR B 385 -18.90 18.75 9.10
N LEU B 386 -19.32 19.12 10.30
CA LEU B 386 -18.36 19.34 11.39
C LEU B 386 -17.60 18.06 11.70
N SER B 387 -18.28 16.91 11.63
CA SER B 387 -17.60 15.66 11.94
C SER B 387 -16.48 15.38 10.96
N LEU B 388 -16.73 15.63 9.66
CA LEU B 388 -15.74 15.32 8.63
C LEU B 388 -14.74 16.45 8.46
N MET B 389 -15.10 17.68 8.83
CA MET B 389 -14.06 18.69 8.90
C MET B 389 -13.05 18.34 9.99
N HIS B 390 -13.52 17.72 11.08
CA HIS B 390 -12.67 17.39 12.22
C HIS B 390 -11.52 16.48 11.79
N SER B 391 -11.82 15.39 11.08
CA SER B 391 -10.80 14.42 10.72
C SER B 391 -10.22 14.61 9.32
N CYS B 392 -10.86 15.36 8.42
CA CYS B 392 -10.45 15.34 7.01
C CYS B 392 -10.20 16.71 6.42
N GLY B 393 -10.12 17.76 7.23
CA GLY B 393 -10.28 19.10 6.69
C GLY B 393 -9.01 19.85 6.39
N MET B 394 -7.87 19.33 6.77
CA MET B 394 -6.65 20.10 6.68
C MET B 394 -5.58 19.32 5.94
N TYR B 395 -5.97 18.63 4.87
CA TYR B 395 -5.01 17.93 3.98
C TYR B 395 -4.25 16.90 4.82
N ASP B 396 -2.96 16.71 4.54
CA ASP B 396 -2.19 15.70 5.27
C ASP B 396 -1.98 16.08 6.73
N PHE B 397 -2.28 17.32 7.12
CA PHE B 397 -2.16 17.80 8.48
C PHE B 397 -3.41 17.54 9.31
N SER B 398 -4.43 16.87 8.75
CA SER B 398 -5.70 16.72 9.46
C SER B 398 -5.52 16.07 10.84
N GLY B 399 -4.86 14.92 10.88
CA GLY B 399 -4.71 14.20 12.14
C GLY B 399 -3.94 14.96 13.20
N GLN B 400 -2.87 15.66 12.79
CA GLN B 400 -2.13 16.48 13.75
C GLN B 400 -2.99 17.66 14.20
N PHE B 401 -3.77 18.23 13.28
CA PHE B 401 -4.61 19.37 13.61
C PHE B 401 -5.70 19.01 14.61
N ALA B 402 -6.38 17.89 14.38
CA ALA B 402 -7.44 17.46 15.28
C ALA B 402 -6.90 17.15 16.66
N PHE B 403 -5.69 16.58 16.72
CA PHE B 403 -5.08 16.28 18.01
C PHE B 403 -4.75 17.57 18.76
N HIS B 404 -4.03 18.50 18.13
CA HIS B 404 -3.55 19.68 18.84
C HIS B 404 -4.56 20.83 18.90
N VAL B 405 -5.39 20.99 17.87
CA VAL B 405 -6.38 22.08 17.83
C VAL B 405 -7.75 21.59 18.24
N GLY B 406 -8.15 20.42 17.75
CA GLY B 406 -9.43 19.87 18.15
C GLY B 406 -10.60 20.73 17.76
N LEU B 407 -10.52 21.38 16.59
CA LEU B 407 -11.66 22.12 16.05
C LEU B 407 -11.88 21.74 14.61
N PRO B 408 -13.14 21.67 14.17
CA PRO B 408 -13.43 21.50 12.74
C PRO B 408 -12.95 22.71 11.95
N ALA B 409 -12.12 22.46 10.95
CA ALA B 409 -11.61 23.53 10.13
C ALA B 409 -11.42 23.02 8.72
N LYS B 410 -11.44 23.93 7.75
CA LYS B 410 -11.19 23.56 6.36
C LYS B 410 -10.35 24.63 5.68
N SER B 411 -9.24 24.20 5.09
CA SER B 411 -8.27 25.04 4.41
C SER B 411 -8.44 24.97 2.91
N GLY B 412 -8.01 26.04 2.24
CA GLY B 412 -7.99 26.07 0.79
C GLY B 412 -6.72 26.75 0.30
N VAL B 413 -6.42 26.56 -0.98
CA VAL B 413 -5.11 26.93 -1.52
C VAL B 413 -4.94 28.43 -1.64
N ALA B 414 -6.04 29.18 -1.53
CA ALA B 414 -5.93 30.63 -1.46
C ALA B 414 -5.50 31.12 -0.08
N GLY B 415 -5.31 30.22 0.87
CA GLY B 415 -4.82 30.60 2.18
C GLY B 415 -5.89 30.83 3.23
N GLY B 416 -7.10 30.34 3.02
CA GLY B 416 -8.18 30.55 3.94
C GLY B 416 -8.31 29.35 4.83
N ILE B 417 -8.76 29.58 6.07
CA ILE B 417 -9.10 28.48 6.96
C ILE B 417 -10.43 28.81 7.63
N LEU B 418 -11.44 28.00 7.34
CA LEU B 418 -12.77 28.14 7.92
C LEU B 418 -12.79 27.38 9.24
N LEU B 419 -13.01 28.10 10.35
CA LEU B 419 -12.87 27.55 11.69
C LEU B 419 -14.21 27.58 12.42
N VAL B 420 -14.56 26.47 13.07
CA VAL B 420 -15.81 26.36 13.80
C VAL B 420 -15.50 25.97 15.24
N VAL B 421 -15.90 26.80 16.19
CA VAL B 421 -15.91 26.43 17.60
C VAL B 421 -17.38 26.14 17.93
N PRO B 422 -17.81 24.88 17.95
CA PRO B 422 -19.24 24.58 18.05
C PRO B 422 -19.89 25.25 19.26
N ASN B 423 -21.06 25.84 19.03
CA ASN B 423 -21.85 26.58 20.03
C ASN B 423 -21.17 27.87 20.48
N VAL B 424 -20.04 28.25 19.89
CA VAL B 424 -19.40 29.50 20.31
C VAL B 424 -19.26 30.49 19.15
N MET B 425 -18.61 30.10 18.07
CA MET B 425 -18.32 31.09 17.04
C MET B 425 -17.78 30.42 15.79
N GLY B 426 -17.84 31.15 14.68
CA GLY B 426 -17.15 30.80 13.47
C GLY B 426 -16.10 31.84 13.14
N MET B 427 -15.05 31.40 12.45
CA MET B 427 -13.94 32.27 12.08
C MET B 427 -13.49 31.96 10.67
N MET B 428 -12.91 32.95 10.01
CA MET B 428 -12.12 32.74 8.81
C MET B 428 -10.79 33.45 8.99
N CYS B 429 -9.69 32.70 8.87
CA CYS B 429 -8.35 33.25 8.79
C CYS B 429 -7.85 33.16 7.35
N TRP B 430 -7.14 34.19 6.91
CA TRP B 430 -6.64 34.24 5.53
C TRP B 430 -5.27 34.89 5.50
N SER B 431 -4.27 34.13 5.08
CA SER B 431 -2.95 34.57 4.66
C SER B 431 -2.59 33.64 3.51
N PRO B 432 -2.29 34.18 2.34
CA PRO B 432 -2.06 33.34 1.12
C PRO B 432 -0.89 32.38 1.25
N PRO B 433 0.25 32.75 1.86
CA PRO B 433 1.38 31.80 1.92
C PRO B 433 1.00 30.46 2.54
N LEU B 434 1.15 29.39 1.77
CA LEU B 434 0.90 28.06 2.27
C LEU B 434 2.20 27.41 2.73
N ASP B 435 2.05 26.43 3.62
CA ASP B 435 3.17 25.59 4.04
C ASP B 435 3.24 24.37 3.13
N LYS B 436 4.23 23.50 3.34
CA LYS B 436 4.45 22.38 2.42
C LYS B 436 3.27 21.41 2.34
N MET B 437 2.30 21.52 3.25
CA MET B 437 1.11 20.67 3.20
C MET B 437 -0.07 21.36 2.54
N GLY B 438 0.07 22.61 2.14
CA GLY B 438 -1.03 23.30 1.51
C GLY B 438 -1.80 24.21 2.44
N ASN B 439 -1.44 24.24 3.74
CA ASN B 439 -2.18 24.98 4.78
C ASN B 439 -1.48 26.31 5.05
N SER B 440 -2.30 27.35 5.25
CA SER B 440 -1.79 28.70 5.42
C SER B 440 -0.95 28.80 6.69
N VAL B 441 0.26 29.34 6.55
CA VAL B 441 1.19 29.36 7.67
C VAL B 441 0.65 30.20 8.82
N LYS B 442 0.24 31.43 8.53
CA LYS B 442 -0.29 32.31 9.57
C LYS B 442 -1.58 31.75 10.17
N GLY B 443 -2.46 31.19 9.35
CA GLY B 443 -3.67 30.59 9.88
C GLY B 443 -3.39 29.46 10.84
N ILE B 444 -2.55 28.51 10.42
CA ILE B 444 -2.23 27.35 11.26
C ILE B 444 -1.61 27.83 12.56
N HIS B 445 -0.69 28.78 12.47
CA HIS B 445 -0.06 29.31 13.67
C HIS B 445 -1.10 29.91 14.60
N PHE B 446 -2.04 30.68 14.03
CA PHE B 446 -3.12 31.28 14.79
C PHE B 446 -3.99 30.23 15.48
N CYS B 447 -4.34 29.14 14.79
CA CYS B 447 -5.30 28.19 15.37
C CYS B 447 -4.70 27.36 16.49
N HIS B 448 -3.38 27.18 16.49
CA HIS B 448 -2.71 26.58 17.64
C HIS B 448 -2.78 27.51 18.83
N ASP B 449 -2.47 28.80 18.61
CA ASP B 449 -2.49 29.77 19.70
C ASP B 449 -3.87 29.90 20.30
N LEU B 450 -4.91 29.99 19.45
CA LEU B 450 -6.27 30.20 19.96
C LEU B 450 -6.65 29.09 20.92
N VAL B 451 -6.34 27.84 20.58
CA VAL B 451 -6.69 26.73 21.46
C VAL B 451 -5.72 26.63 22.64
N SER B 452 -4.49 27.13 22.50
CA SER B 452 -3.57 27.11 23.62
C SER B 452 -3.95 28.14 24.68
N LEU B 453 -4.62 29.23 24.28
CA LEU B 453 -5.06 30.28 25.20
C LEU B 453 -6.43 30.01 25.77
N CYS B 454 -7.31 29.40 24.99
CA CYS B 454 -8.70 29.25 25.37
C CYS B 454 -9.08 27.78 25.38
N ASN B 455 -10.03 27.43 26.24
CA ASN B 455 -10.42 26.03 26.37
C ASN B 455 -11.44 25.65 25.30
N PHE B 456 -11.11 25.93 24.05
CA PHE B 456 -11.99 25.64 22.91
C PHE B 456 -11.74 24.28 22.26
N HIS B 457 -10.66 23.58 22.61
CA HIS B 457 -10.40 22.25 22.07
C HIS B 457 -11.58 21.35 22.36
N ASN B 458 -12.01 20.64 21.34
CA ASN B 458 -13.11 19.70 21.38
C ASN B 458 -13.14 18.87 22.65
N TYR B 459 -11.97 18.56 23.21
CA TYR B 459 -11.89 17.71 24.38
C TYR B 459 -11.23 18.42 25.58
N ASP B 460 -11.26 19.75 25.61
CA ASP B 460 -11.08 20.40 26.90
C ASP B 460 -12.33 20.17 27.74
N ASN B 461 -12.18 20.35 29.04
CA ASN B 461 -13.31 20.22 29.97
C ASN B 461 -13.82 21.61 30.31
N LEU B 462 -15.13 21.76 30.41
CA LEU B 462 -15.65 23.09 30.72
C LEU B 462 -15.53 23.44 32.18
N ARG B 463 -15.13 22.50 33.03
CA ARG B 463 -15.02 22.75 34.47
C ARG B 463 -13.58 22.78 34.95
N HIS B 464 -12.75 21.82 34.52
CA HIS B 464 -11.36 21.76 34.93
C HIS B 464 -10.49 21.90 33.68
N PHE B 465 -9.78 23.04 33.56
CA PHE B 465 -8.99 23.33 32.37
C PHE B 465 -7.72 24.12 32.69
N ALA B 466 -7.21 23.98 33.91
CA ALA B 466 -5.85 24.40 34.27
C ALA B 466 -5.73 25.91 34.04
N LYS B 467 -4.69 26.38 33.38
CA LYS B 467 -4.39 27.80 33.23
C LYS B 467 -5.07 28.41 32.01
N LYS B 468 -5.88 27.65 31.30
CA LYS B 468 -6.46 28.17 30.07
C LYS B 468 -7.58 29.15 30.41
N LEU B 469 -7.93 29.98 29.43
CA LEU B 469 -8.96 30.99 29.57
C LEU B 469 -10.27 30.45 29.02
N ASP B 470 -11.38 30.78 29.67
CA ASP B 470 -12.72 30.45 29.17
C ASP B 470 -13.46 31.75 28.92
N PRO B 471 -13.46 32.24 27.68
CA PRO B 471 -14.14 33.51 27.39
C PRO B 471 -15.65 33.46 27.57
N ARG B 472 -16.25 32.28 27.66
CA ARG B 472 -17.67 32.23 27.92
C ARG B 472 -18.03 32.68 29.32
N ARG B 473 -17.05 32.85 30.20
CA ARG B 473 -17.33 33.09 31.61
C ARG B 473 -16.84 34.48 32.05
N GLU B 474 -17.32 34.90 33.23
CA GLU B 474 -17.08 36.27 33.70
C GLU B 474 -15.81 36.49 34.52
N GLY B 475 -15.84 36.11 35.79
CA GLY B 475 -14.71 36.34 36.68
C GLY B 475 -14.12 35.07 37.27
N PRO C 66 -29.68 34.11 57.73
CA PRO C 66 -29.78 33.01 56.75
C PRO C 66 -28.91 31.81 57.16
N SER C 67 -29.17 30.62 56.61
CA SER C 67 -28.30 29.47 56.90
C SER C 67 -28.57 28.35 55.91
N LEU C 68 -27.52 27.90 55.21
CA LEU C 68 -27.76 27.00 54.09
C LEU C 68 -28.17 25.62 54.58
N GLU C 69 -27.64 25.17 55.73
CA GLU C 69 -28.13 23.91 56.29
C GLU C 69 -29.62 23.98 56.65
N ASP C 70 -30.09 25.15 57.04
CA ASP C 70 -31.48 25.29 57.49
C ASP C 70 -32.45 25.61 56.36
N LEU C 71 -32.09 26.50 55.42
CA LEU C 71 -33.01 26.65 54.29
C LEU C 71 -33.10 25.34 53.52
N LEU C 72 -32.02 24.55 53.51
CA LEU C 72 -32.12 23.20 52.97
C LEU C 72 -33.07 22.35 53.80
N PHE C 73 -33.01 22.49 55.12
CA PHE C 73 -33.93 21.77 56.00
C PHE C 73 -35.37 22.05 55.64
N TYR C 74 -35.72 23.31 55.35
CA TYR C 74 -37.11 23.61 55.01
C TYR C 74 -37.50 23.01 53.67
N THR C 75 -36.61 23.07 52.68
CA THR C 75 -36.93 22.47 51.38
C THR C 75 -37.30 20.99 51.53
N ILE C 76 -36.58 20.27 52.38
CA ILE C 76 -36.88 18.85 52.57
C ILE C 76 -37.94 18.63 53.64
N ALA C 77 -37.91 19.40 54.75
CA ALA C 77 -38.87 19.22 55.84
C ALA C 77 -40.28 19.43 55.34
N GLU C 78 -40.41 20.27 54.31
CA GLU C 78 -41.62 20.38 53.52
C GLU C 78 -42.80 20.84 54.39
N GLY C 79 -42.53 21.97 55.05
CA GLY C 79 -43.36 22.73 55.97
C GLY C 79 -43.51 22.10 57.33
N GLN C 80 -43.18 20.82 57.41
CA GLN C 80 -43.29 20.11 58.68
C GLN C 80 -42.02 20.29 59.52
N GLU C 81 -42.15 19.82 60.74
CA GLU C 81 -41.32 20.21 61.88
C GLU C 81 -40.02 19.43 61.94
N LYS C 82 -40.07 18.11 61.71
CA LYS C 82 -38.91 17.24 61.76
C LYS C 82 -38.95 16.27 60.59
N ILE C 83 -37.75 15.89 60.13
CA ILE C 83 -37.57 15.07 58.95
C ILE C 83 -37.32 13.62 59.38
N PRO C 84 -38.19 12.68 59.01
CA PRO C 84 -37.82 11.27 59.16
C PRO C 84 -36.58 10.98 58.30
N VAL C 85 -35.65 10.21 58.87
CA VAL C 85 -34.34 10.08 58.25
C VAL C 85 -34.43 9.34 56.90
N HIS C 86 -35.34 8.35 56.81
CA HIS C 86 -35.54 7.67 55.53
C HIS C 86 -36.06 8.62 54.47
N LYS C 87 -36.84 9.63 54.87
CA LYS C 87 -37.29 10.64 53.91
C LYS C 87 -36.11 11.41 53.35
N PHE C 88 -35.14 11.72 54.21
CA PHE C 88 -33.92 12.37 53.72
C PHE C 88 -33.10 11.41 52.86
N ILE C 89 -32.98 10.15 53.28
CA ILE C 89 -32.20 9.20 52.51
C ILE C 89 -32.84 8.96 51.15
N THR C 90 -34.17 8.82 51.12
CA THR C 90 -34.88 8.59 49.87
C THR C 90 -34.75 9.79 48.93
N ALA C 91 -34.94 11.00 49.48
CA ALA C 91 -34.74 12.22 48.71
C ALA C 91 -33.32 12.31 48.18
N LEU C 92 -32.34 11.92 49.00
CA LEU C 92 -30.96 11.95 48.55
C LEU C 92 -30.76 11.02 47.35
N LYS C 93 -31.25 9.77 47.46
CA LYS C 93 -30.98 8.80 46.40
C LYS C 93 -31.55 9.25 45.07
N SER C 94 -32.70 9.92 45.09
CA SER C 94 -33.37 10.33 43.87
C SER C 94 -32.66 11.47 43.15
N THR C 95 -31.74 12.18 43.82
CA THR C 95 -30.90 13.12 43.08
C THR C 95 -29.90 12.42 42.18
N GLY C 96 -29.68 11.11 42.38
CA GLY C 96 -28.63 10.38 41.71
C GLY C 96 -27.48 9.98 42.62
N LEU C 97 -27.30 10.67 43.73
CA LEU C 97 -26.23 10.34 44.64
C LEU C 97 -26.51 8.99 45.30
N ARG C 98 -25.44 8.27 45.55
CA ARG C 98 -25.47 7.04 46.34
C ARG C 98 -25.20 7.37 47.78
N THR C 99 -25.81 6.62 48.71
CA THR C 99 -25.55 6.88 50.13
C THR C 99 -24.09 6.64 50.49
N SER C 100 -23.39 5.83 49.70
CA SER C 100 -21.98 5.51 49.88
C SER C 100 -21.01 6.48 49.23
N ASP C 101 -21.50 7.56 48.63
CA ASP C 101 -20.63 8.51 47.96
C ASP C 101 -19.48 8.91 48.89
N PRO C 102 -18.22 8.70 48.49
CA PRO C 102 -17.09 9.08 49.36
C PRO C 102 -17.15 10.51 49.87
N ARG C 103 -17.68 11.45 49.09
CA ARG C 103 -17.80 12.84 49.53
C ARG C 103 -18.88 13.05 50.57
N LEU C 104 -19.65 12.02 50.91
CA LEU C 104 -20.75 12.11 51.86
C LEU C 104 -20.46 11.36 53.15
N LYS C 105 -19.25 10.81 53.31
CA LYS C 105 -18.96 9.95 54.45
C LYS C 105 -19.23 10.66 55.78
N GLU C 106 -18.69 11.88 55.94
CA GLU C 106 -18.87 12.59 57.21
C GLU C 106 -20.34 12.69 57.57
N CYS C 107 -21.19 13.03 56.58
CA CYS C 107 -22.61 13.11 56.83
C CYS C 107 -23.17 11.72 57.17
N MET C 108 -22.77 10.70 56.41
CA MET C 108 -23.28 9.37 56.70
C MET C 108 -22.78 8.88 58.05
N ASP C 109 -21.53 9.21 58.40
CA ASP C 109 -21.01 8.86 59.71
C ASP C 109 -21.83 9.52 60.81
N MET C 110 -22.28 10.75 60.56
CA MET C 110 -23.07 11.44 61.56
C MET C 110 -24.45 10.82 61.69
N LEU C 111 -25.01 10.33 60.59
CA LEU C 111 -26.29 9.63 60.68
C LEU C 111 -26.10 8.30 61.39
N ARG C 112 -24.99 7.62 61.14
CA ARG C 112 -24.70 6.34 61.77
C ARG C 112 -24.57 6.51 63.28
N LEU C 113 -23.95 7.60 63.73
CA LEU C 113 -23.91 7.89 65.17
C LEU C 113 -25.29 8.20 65.70
N THR C 114 -26.03 9.09 65.03
CA THR C 114 -27.32 9.55 65.53
C THR C 114 -28.39 8.47 65.47
N LEU C 115 -28.40 7.67 64.40
CA LEU C 115 -29.42 6.63 64.38
C LEU C 115 -29.09 5.47 65.29
N GLN C 116 -27.90 5.51 65.87
CA GLN C 116 -27.52 4.66 66.99
C GLN C 116 -28.13 5.20 68.28
N THR C 117 -27.97 6.51 68.53
CA THR C 117 -28.36 7.13 69.79
C THR C 117 -29.84 6.95 70.13
N THR C 118 -30.75 7.25 69.18
CA THR C 118 -32.17 7.41 69.49
C THR C 118 -33.03 6.51 68.59
N SER C 119 -33.11 5.22 68.92
CA SER C 119 -33.81 4.35 67.96
C SER C 119 -35.34 4.53 68.02
N ASP C 120 -35.82 5.38 68.91
CA ASP C 120 -37.17 5.92 68.94
C ASP C 120 -37.08 7.43 68.72
N GLY C 121 -37.92 7.95 67.82
CA GLY C 121 -37.83 9.35 67.52
C GLY C 121 -36.54 9.60 66.79
N VAL C 122 -36.32 8.76 65.77
CA VAL C 122 -35.14 8.83 64.93
C VAL C 122 -35.24 10.00 63.96
N MET C 123 -36.30 10.78 64.11
CA MET C 123 -36.56 11.89 63.24
C MET C 123 -35.56 12.98 63.58
N LEU C 124 -35.16 13.72 62.57
CA LEU C 124 -34.16 14.76 62.73
C LEU C 124 -34.85 16.11 62.87
N ASP C 125 -34.60 16.79 63.97
CA ASP C 125 -35.08 18.15 64.07
C ASP C 125 -34.08 19.09 63.39
N LYS C 126 -34.43 20.37 63.35
CA LYS C 126 -33.63 21.37 62.67
C LYS C 126 -32.18 21.35 63.14
N ASP C 127 -31.99 21.34 64.46
CA ASP C 127 -30.66 21.33 65.04
C ASP C 127 -29.91 20.05 64.68
N LEU C 128 -30.62 18.93 64.69
CA LEU C 128 -30.00 17.63 64.46
C LEU C 128 -29.69 17.39 63.00
N PHE C 129 -30.60 17.80 62.10
CA PHE C 129 -30.32 17.74 60.66
C PHE C 129 -29.06 18.50 60.32
N LYS C 130 -28.95 19.74 60.81
CA LYS C 130 -27.74 20.52 60.52
C LYS C 130 -26.51 19.79 61.03
N LYS C 131 -26.61 19.19 62.20
CA LYS C 131 -25.46 18.56 62.81
C LYS C 131 -24.95 17.41 61.96
N CYS C 132 -25.85 16.78 61.21
CA CYS C 132 -25.40 15.69 60.34
C CYS C 132 -24.95 16.17 58.96
N VAL C 133 -25.65 17.16 58.38
CA VAL C 133 -25.38 17.58 57.00
C VAL C 133 -24.36 18.70 56.89
N GLN C 134 -23.98 19.32 58.01
CA GLN C 134 -23.21 20.56 57.95
C GLN C 134 -21.92 20.40 57.16
N SER C 135 -21.24 19.27 57.34
CA SER C 135 -19.91 19.09 56.76
C SER C 135 -19.96 18.97 55.24
N ASN C 136 -21.04 18.42 54.69
CA ASN C 136 -21.17 18.19 53.26
C ASN C 136 -22.30 19.03 52.66
N ILE C 137 -22.54 20.22 53.23
CA ILE C 137 -23.75 20.96 52.88
C ILE C 137 -23.65 21.48 51.44
N VAL C 138 -22.46 21.90 51.02
CA VAL C 138 -22.29 22.45 49.67
C VAL C 138 -22.70 21.41 48.62
N LEU C 139 -22.26 20.17 48.82
CA LEU C 139 -22.60 19.12 47.86
C LEU C 139 -24.08 18.74 47.96
N LEU C 140 -24.61 18.65 49.18
CA LEU C 140 -26.03 18.35 49.34
C LEU C 140 -26.90 19.48 48.82
N THR C 141 -26.43 20.73 48.87
CA THR C 141 -27.28 21.81 48.37
C THR C 141 -27.42 21.74 46.86
N GLN C 142 -26.30 21.52 46.15
CA GLN C 142 -26.35 21.36 44.70
C GLN C 142 -27.22 20.20 44.29
N ALA C 143 -27.15 19.09 45.03
CA ALA C 143 -27.97 17.93 44.71
C ALA C 143 -29.45 18.24 44.86
N PHE C 144 -29.79 19.01 45.89
CA PHE C 144 -31.21 19.23 46.19
C PHE C 144 -31.80 20.42 45.46
N ARG C 145 -30.98 21.42 45.12
CA ARG C 145 -31.42 22.53 44.28
C ARG C 145 -31.26 22.25 42.78
N ARG C 146 -31.11 20.97 42.41
CA ARG C 146 -31.04 20.51 41.02
C ARG C 146 -29.98 21.23 40.19
N LYS C 147 -28.78 21.33 40.74
CA LYS C 147 -27.66 21.98 40.07
C LYS C 147 -26.72 20.99 39.37
N PHE C 148 -27.08 19.71 39.36
CA PHE C 148 -26.22 18.71 38.74
C PHE C 148 -26.40 18.72 37.23
N VAL C 149 -25.42 18.12 36.53
CA VAL C 149 -25.40 18.17 35.07
C VAL C 149 -26.67 17.57 34.49
N ILE C 150 -27.21 16.53 35.12
CA ILE C 150 -28.49 15.99 34.71
C ILE C 150 -29.44 16.26 35.87
N PRO C 151 -30.24 17.32 35.80
CA PRO C 151 -31.06 17.72 36.95
C PRO C 151 -32.10 16.68 37.31
N ASP C 152 -32.86 16.20 36.33
CA ASP C 152 -33.91 15.19 36.56
C ASP C 152 -33.30 13.82 36.23
N PHE C 153 -32.51 13.32 37.18
CA PHE C 153 -31.77 12.10 36.93
C PHE C 153 -32.69 10.89 36.82
N MET C 154 -33.82 10.90 37.53
CA MET C 154 -34.68 9.72 37.53
C MET C 154 -35.30 9.50 36.16
N SER C 155 -35.73 10.58 35.52
CA SER C 155 -36.18 10.47 34.13
C SER C 155 -35.06 9.91 33.25
N PHE C 156 -33.85 10.47 33.39
CA PHE C 156 -32.72 10.03 32.55
C PHE C 156 -32.48 8.53 32.67
N THR C 157 -32.44 7.99 33.89
CA THR C 157 -32.21 6.55 34.03
C THR C 157 -33.36 5.74 33.46
N SER C 158 -34.56 6.33 33.40
CA SER C 158 -35.67 5.65 32.76
C SER C 158 -35.41 5.48 31.27
N HIS C 159 -34.76 6.46 30.66
CA HIS C 159 -34.36 6.32 29.26
C HIS C 159 -33.20 5.36 29.13
N ILE C 160 -32.23 5.44 30.06
CA ILE C 160 -31.13 4.49 30.07
C ILE C 160 -31.67 3.06 30.18
N ASP C 161 -32.64 2.85 31.05
CA ASP C 161 -33.21 1.51 31.19
C ASP C 161 -33.89 1.07 29.90
N GLU C 162 -34.52 2.01 29.17
CA GLU C 162 -35.14 1.66 27.89
C GLU C 162 -34.10 1.31 26.84
N LEU C 163 -33.04 2.12 26.73
CA LEU C 163 -31.96 1.80 25.80
C LEU C 163 -31.34 0.45 26.14
N TYR C 164 -31.17 0.17 27.43
CA TYR C 164 -30.63 -1.10 27.85
C TYR C 164 -31.47 -2.27 27.32
N GLU C 165 -32.80 -2.20 27.50
CA GLU C 165 -33.63 -3.34 27.12
C GLU C 165 -33.62 -3.56 25.62
N SER C 166 -33.57 -2.48 24.84
CA SER C 166 -33.58 -2.62 23.39
C SER C 166 -32.25 -3.21 22.90
N ALA C 167 -31.14 -2.79 23.50
CA ALA C 167 -29.85 -3.42 23.21
C ALA C 167 -29.85 -4.88 23.64
N LYS C 168 -30.53 -5.19 24.74
CA LYS C 168 -30.49 -6.53 25.31
C LYS C 168 -30.99 -7.59 24.33
N LYS C 169 -31.87 -7.23 23.41
CA LYS C 169 -32.46 -8.22 22.51
C LYS C 169 -31.64 -8.51 21.28
N GLN C 170 -30.56 -7.78 21.03
CA GLN C 170 -29.66 -8.01 19.89
C GLN C 170 -28.74 -9.18 20.24
N SER C 171 -29.21 -10.39 19.95
CA SER C 171 -28.55 -11.61 20.40
C SER C 171 -27.43 -12.08 19.48
N GLY C 172 -27.08 -11.30 18.46
CA GLY C 172 -26.05 -11.73 17.55
C GLY C 172 -24.67 -11.59 18.14
N GLY C 173 -23.66 -11.96 17.37
CA GLY C 173 -22.28 -11.84 17.77
C GLY C 173 -21.74 -13.12 18.37
N LYS C 174 -20.42 -13.14 18.53
CA LYS C 174 -19.66 -14.31 18.92
C LYS C 174 -18.75 -13.97 20.09
N VAL C 175 -18.76 -14.82 21.12
CA VAL C 175 -17.85 -14.61 22.24
C VAL C 175 -16.45 -14.92 21.77
N ALA C 176 -15.49 -14.12 22.21
CA ALA C 176 -14.11 -14.39 21.84
C ALA C 176 -13.74 -15.77 22.35
N ASP C 177 -13.13 -16.56 21.48
CA ASP C 177 -12.88 -17.96 21.74
C ASP C 177 -11.38 -18.19 21.60
N TYR C 178 -10.65 -17.11 21.84
CA TYR C 178 -9.21 -17.00 21.73
C TYR C 178 -8.48 -17.54 22.96
N ILE C 179 -9.09 -17.46 24.13
CA ILE C 179 -8.55 -18.04 25.37
C ILE C 179 -9.66 -18.80 26.08
N PRO C 180 -9.30 -19.78 26.92
CA PRO C 180 -10.34 -20.45 27.73
C PRO C 180 -11.00 -19.56 28.80
N GLN C 181 -10.47 -18.33 29.05
CA GLN C 181 -10.98 -17.46 30.12
C GLN C 181 -12.01 -16.43 29.67
N LEU C 182 -11.91 -15.93 28.44
CA LEU C 182 -12.99 -15.14 27.88
C LEU C 182 -14.07 -16.05 27.31
N ALA C 183 -13.67 -17.24 26.84
CA ALA C 183 -14.59 -18.29 26.41
C ALA C 183 -15.53 -18.76 27.51
N LYS C 184 -15.09 -18.74 28.77
CA LYS C 184 -15.95 -19.23 29.82
C LYS C 184 -17.01 -18.21 30.24
N PHE C 185 -17.08 -17.05 29.55
CA PHE C 185 -18.13 -16.08 29.82
C PHE C 185 -19.29 -16.38 28.88
N SER C 186 -20.54 -16.20 29.40
CA SER C 186 -21.81 -16.52 28.72
C SER C 186 -22.23 -15.39 27.77
N PRO C 187 -22.94 -15.72 26.68
CA PRO C 187 -23.48 -14.66 25.83
C PRO C 187 -24.55 -13.81 26.51
N ASP C 188 -25.15 -14.30 27.59
CA ASP C 188 -26.28 -13.60 28.18
C ASP C 188 -25.90 -12.48 29.11
N LEU C 189 -24.62 -12.29 29.43
CA LEU C 189 -24.25 -11.19 30.31
C LEU C 189 -24.33 -9.85 29.59
N TRP C 190 -25.02 -8.89 30.22
CA TRP C 190 -25.20 -7.58 29.62
C TRP C 190 -25.39 -6.57 30.75
N GLY C 191 -24.50 -5.58 30.80
CA GLY C 191 -24.61 -4.56 31.83
C GLY C 191 -24.20 -3.18 31.37
N VAL C 192 -24.91 -2.17 31.88
CA VAL C 192 -24.63 -0.77 31.59
C VAL C 192 -24.61 0.00 32.91
N SER C 193 -23.60 0.84 33.09
CA SER C 193 -23.41 1.66 34.28
C SER C 193 -23.09 3.09 33.88
N VAL C 194 -23.68 4.03 34.62
CA VAL C 194 -23.52 5.47 34.40
C VAL C 194 -23.01 6.11 35.68
N CYS C 195 -22.01 6.99 35.53
CA CYS C 195 -21.56 7.89 36.58
C CYS C 195 -21.35 9.27 35.94
N THR C 196 -22.14 10.27 36.33
CA THR C 196 -21.99 11.60 35.75
C THR C 196 -20.78 12.30 36.34
N ALA C 197 -20.47 13.49 35.81
CA ALA C 197 -19.37 14.27 36.36
C ALA C 197 -19.70 14.83 37.74
N ASP C 198 -20.91 14.62 38.23
CA ASP C 198 -21.29 15.04 39.56
C ASP C 198 -21.43 13.88 40.52
N GLY C 199 -21.13 12.66 40.08
CA GLY C 199 -21.21 11.50 40.95
C GLY C 199 -22.54 10.81 40.98
N GLN C 200 -23.49 11.22 40.14
CA GLN C 200 -24.77 10.54 40.07
C GLN C 200 -24.60 9.19 39.40
N ARG C 201 -25.21 8.16 39.99
CA ARG C 201 -24.92 6.80 39.57
C ARG C 201 -26.20 6.08 39.19
N HIS C 202 -26.10 5.22 38.18
CA HIS C 202 -27.18 4.33 37.79
C HIS C 202 -26.59 3.10 37.11
N SER C 203 -27.20 1.94 37.36
CA SER C 203 -26.81 0.69 36.75
C SER C 203 -28.04 -0.10 36.36
N THR C 204 -27.86 -0.97 35.38
CA THR C 204 -28.88 -1.93 34.99
C THR C 204 -28.16 -3.11 34.36
N GLY C 205 -28.60 -4.32 34.70
CA GLY C 205 -27.91 -5.51 34.28
C GLY C 205 -26.78 -5.99 35.17
N ASP C 206 -25.79 -6.65 34.57
CA ASP C 206 -24.75 -7.33 35.34
C ASP C 206 -23.56 -6.40 35.54
N THR C 207 -23.80 -5.39 36.39
CA THR C 207 -22.86 -4.29 36.53
C THR C 207 -21.87 -4.52 37.67
N LYS C 208 -22.00 -5.63 38.40
CA LYS C 208 -21.07 -6.01 39.46
C LYS C 208 -20.33 -7.31 39.15
N VAL C 209 -20.36 -7.79 37.90
CA VAL C 209 -19.65 -8.99 37.50
C VAL C 209 -18.26 -8.54 37.02
N PRO C 210 -17.19 -8.98 37.65
CA PRO C 210 -15.86 -8.59 37.18
C PRO C 210 -15.54 -9.20 35.82
N PHE C 211 -14.76 -8.46 35.03
CA PHE C 211 -14.27 -8.88 33.73
C PHE C 211 -13.02 -8.07 33.41
N CYS C 212 -12.21 -8.60 32.50
CA CYS C 212 -10.91 -7.98 32.20
C CYS C 212 -11.08 -6.82 31.24
N LEU C 213 -10.20 -5.82 31.40
CA LEU C 213 -10.30 -4.59 30.62
C LEU C 213 -9.89 -4.81 29.18
N GLN C 214 -8.87 -5.65 28.97
CA GLN C 214 -8.26 -5.92 27.68
C GLN C 214 -7.87 -4.57 27.08
N SER C 215 -8.19 -4.29 25.81
CA SER C 215 -7.76 -3.04 25.19
C SER C 215 -8.43 -1.80 25.78
N CYS C 216 -9.43 -1.94 26.66
CA CYS C 216 -9.96 -0.73 27.31
C CYS C 216 -8.97 -0.14 28.31
N VAL C 217 -7.85 -0.82 28.56
CA VAL C 217 -6.83 -0.25 29.42
C VAL C 217 -5.91 0.69 28.66
N LYS C 218 -5.91 0.59 27.34
CA LYS C 218 -4.99 1.40 26.55
C LYS C 218 -5.17 2.88 26.78
N PRO C 219 -6.37 3.45 26.74
CA PRO C 219 -6.47 4.89 27.01
C PRO C 219 -6.00 5.24 28.41
N LEU C 220 -6.29 4.38 29.38
CA LEU C 220 -5.88 4.65 30.76
C LEU C 220 -4.36 4.69 30.88
N LYS C 221 -3.67 3.71 30.26
CA LYS C 221 -2.21 3.71 30.41
C LYS C 221 -1.57 4.79 29.58
N TYR C 222 -2.21 5.16 28.46
CA TYR C 222 -1.78 6.34 27.73
C TYR C 222 -1.99 7.60 28.58
N ALA C 223 -3.14 7.70 29.25
CA ALA C 223 -3.41 8.83 30.14
C ALA C 223 -2.33 9.00 31.19
N ILE C 224 -1.93 7.90 31.84
CA ILE C 224 -0.90 7.96 32.88
C ILE C 224 0.42 8.43 32.28
N ALA C 225 0.80 7.80 31.17
CA ALA C 225 2.07 8.13 30.53
C ALA C 225 2.12 9.60 30.19
N VAL C 226 1.06 10.12 29.57
CA VAL C 226 1.06 11.54 29.24
C VAL C 226 1.03 12.36 30.52
N ASN C 227 0.28 11.90 31.52
CA ASN C 227 0.29 12.59 32.81
C ASN C 227 1.69 12.68 33.38
N ASP C 228 2.46 11.60 33.31
CA ASP C 228 3.75 11.63 34.02
C ASP C 228 4.89 12.17 33.17
N LEU C 229 4.79 12.06 31.86
CA LEU C 229 5.91 12.41 31.01
C LEU C 229 5.64 13.60 30.10
N GLY C 230 4.39 13.85 29.74
CA GLY C 230 4.03 14.97 28.89
C GLY C 230 3.82 14.54 27.45
N THR C 231 3.03 15.35 26.74
CA THR C 231 2.64 15.06 25.36
C THR C 231 3.84 14.88 24.44
N GLU C 232 4.78 15.83 24.48
CA GLU C 232 5.90 15.80 23.56
C GLU C 232 6.69 14.52 23.70
N TYR C 233 7.08 14.17 24.94
CA TYR C 233 7.91 12.98 25.14
C TYR C 233 7.20 11.73 24.64
N VAL C 234 5.96 11.51 25.11
CA VAL C 234 5.24 10.29 24.77
C VAL C 234 5.22 10.11 23.27
N HIS C 235 5.02 11.18 22.53
CA HIS C 235 4.82 11.09 21.10
C HIS C 235 6.11 11.11 20.29
N ARG C 236 7.27 11.16 20.94
CA ARG C 236 8.48 10.68 20.29
C ARG C 236 8.38 9.20 19.98
N TYR C 237 7.53 8.47 20.70
CA TYR C 237 7.51 7.03 20.57
C TYR C 237 6.27 6.49 19.89
N VAL C 238 5.18 7.24 19.83
CA VAL C 238 3.93 6.75 19.27
C VAL C 238 3.23 7.87 18.52
N GLY C 239 2.63 7.54 17.39
CA GLY C 239 1.97 8.53 16.55
C GLY C 239 0.66 8.95 17.20
N LYS C 240 -0.07 9.80 16.48
CA LYS C 240 -1.31 10.35 17.02
C LYS C 240 -2.43 10.38 16.01
N GLU C 241 -2.44 9.48 15.05
CA GLU C 241 -3.47 9.46 14.01
C GLU C 241 -3.94 8.02 13.80
N PRO C 242 -5.16 7.84 13.32
CA PRO C 242 -5.56 6.50 12.89
C PRO C 242 -4.84 6.17 11.59
N SER C 243 -4.52 4.89 11.42
CA SER C 243 -3.62 4.49 10.34
C SER C 243 -4.31 4.61 8.99
N GLY C 244 -5.57 4.22 8.93
CA GLY C 244 -6.27 4.02 7.67
C GLY C 244 -6.60 2.54 7.64
N LEU C 245 -7.87 2.24 7.34
CA LEU C 245 -8.38 0.87 7.34
C LEU C 245 -7.63 0.03 6.31
N ARG C 246 -6.69 0.67 5.61
CA ARG C 246 -5.83 -0.03 4.68
C ARG C 246 -4.39 -0.08 5.17
N PHE C 247 -4.15 0.29 6.44
CA PHE C 247 -2.86 0.11 7.10
C PHE C 247 -3.04 -0.42 8.51
N ASN C 248 -4.18 -1.08 8.80
CA ASN C 248 -4.39 -1.79 10.08
C ASN C 248 -3.44 -2.97 10.30
N LYS C 249 -2.71 -3.42 9.27
CA LYS C 249 -1.86 -4.60 9.35
C LYS C 249 -0.39 -4.26 9.53
N LEU C 250 0.00 -2.99 9.39
CA LEU C 250 1.36 -2.55 9.62
C LEU C 250 1.54 -2.14 11.08
N PHE C 251 2.71 -2.44 11.63
CA PHE C 251 2.99 -2.05 13.01
C PHE C 251 3.50 -0.62 13.13
N LEU C 252 4.07 -0.06 12.07
CA LEU C 252 4.70 1.26 12.14
C LEU C 252 4.22 2.17 11.02
N ASN C 253 4.14 3.45 11.32
CA ASN C 253 3.89 4.45 10.28
C ASN C 253 5.21 4.72 9.57
N GLU C 254 5.23 5.67 8.66
CA GLU C 254 6.47 5.90 7.93
C GLU C 254 7.55 6.55 8.78
N ASP C 255 7.18 7.21 9.87
CA ASP C 255 8.19 7.72 10.79
C ASP C 255 8.72 6.63 11.73
N ASP C 256 8.32 5.37 11.52
CA ASP C 256 8.78 4.21 12.31
C ASP C 256 8.37 4.31 13.78
N LYS C 257 7.24 4.98 14.04
CA LYS C 257 6.51 4.86 15.29
C LYS C 257 5.21 4.11 15.03
N PRO C 258 4.69 3.39 16.02
CA PRO C 258 3.33 2.87 15.87
C PRO C 258 2.32 4.01 15.68
N HIS C 259 1.22 3.68 15.01
CA HIS C 259 0.32 4.72 14.50
C HIS C 259 -0.28 5.57 15.62
N ASN C 260 -0.71 4.94 16.70
CA ASN C 260 -1.36 5.63 17.80
C ASN C 260 -1.32 4.70 19.01
N PRO C 261 -1.65 5.19 20.20
CA PRO C 261 -1.58 4.33 21.38
C PRO C 261 -2.73 3.34 21.46
N MET C 262 -3.75 3.44 20.62
CA MET C 262 -4.90 2.57 20.80
C MET C 262 -4.78 1.22 20.10
N VAL C 263 -3.73 1.01 19.30
CA VAL C 263 -3.47 -0.27 18.67
C VAL C 263 -2.36 -0.99 19.44
N ASN C 264 -2.30 -2.31 19.29
CA ASN C 264 -1.41 -3.15 20.10
C ASN C 264 0.05 -2.68 20.05
N ALA C 265 0.56 -2.38 18.86
CA ALA C 265 1.94 -1.92 18.76
C ALA C 265 2.14 -0.61 19.51
N GLY C 266 1.15 0.29 19.43
CA GLY C 266 1.27 1.56 20.13
C GLY C 266 1.10 1.42 21.63
N ALA C 267 0.17 0.57 22.06
CA ALA C 267 0.01 0.31 23.48
C ALA C 267 1.25 -0.34 24.07
N ILE C 268 1.86 -1.28 23.33
CA ILE C 268 3.07 -1.95 23.77
C ILE C 268 4.18 -0.93 24.01
N VAL C 269 4.31 0.06 23.11
CA VAL C 269 5.30 1.13 23.28
C VAL C 269 4.97 1.98 24.49
N VAL C 270 3.69 2.26 24.72
CA VAL C 270 3.31 3.12 25.84
C VAL C 270 3.56 2.41 27.17
N THR C 271 3.29 1.11 27.22
CA THR C 271 3.65 0.31 28.39
C THR C 271 5.12 0.51 28.78
N SER C 272 5.99 0.66 27.78
CA SER C 272 7.43 0.76 28.00
C SER C 272 7.87 2.14 28.48
N LEU C 273 6.98 3.12 28.53
CA LEU C 273 7.38 4.43 29.00
C LEU C 273 7.10 4.63 30.49
N ILE C 274 6.20 3.83 31.07
CA ILE C 274 5.70 4.09 32.42
C ILE C 274 6.72 3.63 33.44
N LYS C 275 7.05 4.52 34.38
CA LYS C 275 7.89 4.22 35.54
C LYS C 275 9.15 3.43 35.13
N GLN C 276 9.91 4.03 34.21
CA GLN C 276 11.12 3.39 33.72
C GLN C 276 12.12 3.24 34.87
N GLY C 277 12.98 2.21 34.78
CA GLY C 277 14.04 2.04 35.76
C GLY C 277 13.64 1.43 37.10
N VAL C 278 12.35 1.31 37.42
CA VAL C 278 11.90 0.48 38.53
C VAL C 278 11.39 -0.81 37.92
N ASN C 279 11.39 -1.88 38.70
CA ASN C 279 11.08 -3.17 38.10
C ASN C 279 9.59 -3.30 37.80
N ASN C 280 9.24 -4.42 37.18
CA ASN C 280 7.89 -4.62 36.70
C ASN C 280 6.90 -4.78 37.85
N ALA C 281 7.32 -5.42 38.96
CA ALA C 281 6.43 -5.55 40.11
C ALA C 281 5.98 -4.19 40.62
N GLU C 282 6.90 -3.23 40.67
CA GLU C 282 6.57 -1.91 41.16
C GLU C 282 5.75 -1.12 40.14
N LYS C 283 6.07 -1.29 38.85
CA LYS C 283 5.29 -0.69 37.78
C LYS C 283 3.81 -1.09 37.85
N PHE C 284 3.55 -2.40 37.99
CA PHE C 284 2.16 -2.88 38.10
C PHE C 284 1.45 -2.26 39.31
N ASP C 285 2.07 -2.36 40.51
CA ASP C 285 1.54 -1.68 41.69
C ASP C 285 1.20 -0.22 41.42
N TYR C 286 2.09 0.48 40.72
CA TYR C 286 1.92 1.91 40.46
C TYR C 286 0.71 2.15 39.54
N VAL C 287 0.54 1.31 38.53
CA VAL C 287 -0.61 1.42 37.64
C VAL C 287 -1.91 1.12 38.38
N MET C 288 -1.88 0.07 39.21
CA MET C 288 -3.05 -0.27 40.02
C MET C 288 -3.43 0.87 40.95
N GLN C 289 -2.44 1.46 41.62
CA GLN C 289 -2.75 2.59 42.50
C GLN C 289 -3.35 3.74 41.71
N PHE C 290 -2.86 3.95 40.49
CA PHE C 290 -3.38 5.01 39.63
C PHE C 290 -4.80 4.67 39.18
N LEU C 291 -5.03 3.42 38.79
CA LEU C 291 -6.39 3.05 38.41
C LEU C 291 -7.33 3.18 39.59
N ASN C 292 -6.84 2.91 40.80
CA ASN C 292 -7.65 3.05 42.01
C ASN C 292 -8.16 4.48 42.18
N LYS C 293 -7.30 5.49 42.05
CA LYS C 293 -7.77 6.86 42.11
C LYS C 293 -8.79 7.13 41.01
N MET C 294 -8.51 6.63 39.80
CA MET C 294 -9.39 6.86 38.67
C MET C 294 -10.81 6.37 38.92
N ALA C 295 -10.96 5.19 39.54
CA ALA C 295 -12.28 4.64 39.81
C ALA C 295 -12.82 5.01 41.20
N GLY C 296 -12.24 6.03 41.85
CA GLY C 296 -12.66 6.41 43.19
C GLY C 296 -12.60 5.29 44.20
N ASN C 297 -11.65 4.37 44.04
CA ASN C 297 -11.44 3.22 44.91
C ASN C 297 -12.57 2.21 44.82
N GLU C 298 -13.29 2.16 43.70
CA GLU C 298 -14.21 1.06 43.45
C GLU C 298 -13.42 -0.11 42.84
N TYR C 299 -14.12 -1.20 42.51
CA TYR C 299 -13.48 -2.48 42.28
C TYR C 299 -12.45 -2.43 41.15
N VAL C 300 -11.21 -2.80 41.46
CA VAL C 300 -10.16 -3.05 40.48
C VAL C 300 -9.43 -4.31 40.91
N GLY C 301 -9.36 -5.30 40.02
CA GLY C 301 -8.72 -6.57 40.34
C GLY C 301 -7.79 -7.09 39.25
N PHE C 302 -7.54 -8.39 39.26
CA PHE C 302 -6.56 -8.99 38.36
C PHE C 302 -6.91 -10.45 38.12
N SER C 303 -6.86 -10.87 36.86
CA SER C 303 -7.15 -12.24 36.45
C SER C 303 -5.85 -12.93 36.07
N ASN C 304 -5.32 -13.75 36.96
CA ASN C 304 -4.12 -14.52 36.61
C ASN C 304 -4.41 -15.49 35.48
N ALA C 305 -5.59 -16.10 35.50
CA ALA C 305 -5.96 -17.05 34.46
C ALA C 305 -5.89 -16.38 33.08
N THR C 306 -6.58 -15.26 32.92
CA THR C 306 -6.50 -14.47 31.70
C THR C 306 -5.06 -14.11 31.36
N PHE C 307 -4.25 -13.80 32.38
CA PHE C 307 -2.85 -13.45 32.14
C PHE C 307 -2.08 -14.62 31.55
N GLN C 308 -2.22 -15.80 32.16
CA GLN C 308 -1.52 -16.97 31.65
C GLN C 308 -1.91 -17.23 30.20
N SER C 309 -3.20 -17.13 29.89
CA SER C 309 -3.64 -17.49 28.55
C SER C 309 -3.24 -16.44 27.52
N GLU C 310 -3.09 -15.19 27.93
CA GLU C 310 -2.56 -14.18 27.02
C GLU C 310 -1.06 -14.38 26.81
N ARG C 311 -0.35 -14.90 27.82
CA ARG C 311 1.10 -15.05 27.78
C ARG C 311 1.56 -16.17 26.83
N GLU C 312 0.78 -17.24 26.71
CA GLU C 312 0.90 -18.35 25.76
C GLU C 312 0.10 -18.20 24.49
N SER C 313 -0.52 -17.07 24.25
CA SER C 313 -1.30 -16.92 23.04
C SER C 313 -0.96 -15.65 22.27
N GLY C 314 0.09 -14.94 22.67
CA GLY C 314 0.45 -13.69 22.05
C GLY C 314 1.61 -13.79 21.08
N ASP C 315 1.59 -14.80 20.20
CA ASP C 315 2.59 -14.85 19.14
C ASP C 315 2.63 -13.52 18.40
N ARG C 316 1.46 -12.96 18.11
CA ARG C 316 1.40 -11.70 17.39
C ARG C 316 2.05 -10.57 18.19
N ASN C 317 1.90 -10.61 19.52
CA ASN C 317 2.51 -9.58 20.35
C ASN C 317 4.03 -9.74 20.41
N PHE C 318 4.53 -10.98 20.42
CA PHE C 318 5.98 -11.17 20.32
C PHE C 318 6.50 -10.74 18.96
N ALA C 319 5.77 -11.04 17.88
CA ALA C 319 6.18 -10.50 16.58
C ALA C 319 6.28 -8.99 16.65
N ILE C 320 5.28 -8.33 17.26
CA ILE C 320 5.32 -6.89 17.41
C ILE C 320 6.53 -6.47 18.24
N GLY C 321 6.77 -7.18 19.35
CA GLY C 321 7.86 -6.80 20.24
C GLY C 321 9.21 -6.88 19.56
N TYR C 322 9.47 -7.97 18.83
CA TYR C 322 10.75 -8.08 18.15
C TYR C 322 10.88 -7.05 17.03
N TYR C 323 9.79 -6.79 16.29
CA TYR C 323 9.86 -5.76 15.26
C TYR C 323 10.19 -4.39 15.86
N LEU C 324 9.57 -4.04 16.99
CA LEU C 324 9.82 -2.74 17.61
C LEU C 324 11.24 -2.63 18.14
N LYS C 325 11.74 -3.70 18.75
CA LYS C 325 13.13 -3.75 19.19
C LYS C 325 14.09 -3.56 18.01
N GLU C 326 13.87 -4.33 16.93
CA GLU C 326 14.74 -4.20 15.76
C GLU C 326 14.78 -2.75 15.27
N LYS C 327 13.61 -2.12 15.15
CA LYS C 327 13.58 -0.74 14.66
C LYS C 327 13.87 0.30 15.74
N LYS C 328 14.38 -0.09 16.91
CA LYS C 328 14.83 0.86 17.94
C LYS C 328 13.71 1.79 18.40
N CYS C 329 12.52 1.23 18.66
CA CYS C 329 11.33 2.00 19.01
C CYS C 329 11.13 2.18 20.50
N PHE C 330 11.91 1.51 21.32
CA PHE C 330 11.78 1.54 22.77
C PHE C 330 12.73 2.56 23.37
N PRO C 331 12.45 3.06 24.57
CA PRO C 331 13.45 3.88 25.27
C PRO C 331 14.68 3.03 25.58
N GLU C 332 15.82 3.69 25.76
CA GLU C 332 17.06 2.95 26.02
C GLU C 332 16.94 2.20 27.34
N GLY C 333 17.56 1.03 27.41
CA GLY C 333 17.44 0.22 28.60
C GLY C 333 16.13 -0.53 28.73
N THR C 334 15.37 -0.68 27.63
CA THR C 334 14.15 -1.46 27.67
C THR C 334 14.46 -2.94 27.52
N ASP C 335 13.81 -3.74 28.35
CA ASP C 335 13.80 -5.19 28.23
C ASP C 335 12.51 -5.54 27.51
N MET C 336 12.61 -5.77 26.21
CA MET C 336 11.41 -5.95 25.40
C MET C 336 10.54 -7.08 25.94
N VAL C 337 11.14 -8.25 26.18
CA VAL C 337 10.38 -9.43 26.57
C VAL C 337 9.75 -9.24 27.96
N GLY C 338 10.39 -8.45 28.82
CA GLY C 338 9.76 -8.04 30.06
C GLY C 338 8.60 -7.06 29.88
N ILE C 339 8.70 -6.17 28.89
CA ILE C 339 7.59 -5.24 28.67
C ILE C 339 6.35 -5.98 28.19
N LEU C 340 6.52 -7.00 27.35
CA LEU C 340 5.38 -7.78 26.89
C LEU C 340 4.65 -8.45 28.05
N ASP C 341 5.41 -8.94 29.03
CA ASP C 341 4.83 -9.54 30.24
C ASP C 341 4.01 -8.51 31.01
N PHE C 342 4.57 -7.33 31.23
CA PHE C 342 3.84 -6.23 31.86
C PHE C 342 2.57 -5.93 31.08
N TYR C 343 2.69 -5.87 29.74
CA TYR C 343 1.57 -5.58 28.87
C TYR C 343 0.45 -6.60 29.03
N PHE C 344 0.82 -7.89 29.05
CA PHE C 344 -0.18 -8.93 29.30
C PHE C 344 -0.87 -8.76 30.67
N GLN C 345 -0.14 -8.27 31.66
CA GLN C 345 -0.77 -8.04 32.96
C GLN C 345 -1.78 -6.90 32.87
N LEU C 346 -1.36 -5.78 32.28
CA LEU C 346 -2.23 -4.62 32.16
C LEU C 346 -3.54 -4.99 31.47
N CYS C 347 -3.49 -5.91 30.50
CA CYS C 347 -4.71 -6.29 29.82
C CYS C 347 -5.57 -7.22 30.68
N SER C 348 -5.04 -7.76 31.76
CA SER C 348 -5.80 -8.64 32.63
C SER C 348 -6.26 -7.98 33.91
N ILE C 349 -6.08 -6.66 34.03
CA ILE C 349 -6.69 -5.95 35.13
C ILE C 349 -8.20 -6.06 35.02
N GLU C 350 -8.85 -6.30 36.16
CA GLU C 350 -10.27 -6.62 36.24
C GLU C 350 -11.07 -5.42 36.76
N VAL C 351 -12.26 -5.22 36.20
CA VAL C 351 -13.19 -4.19 36.65
C VAL C 351 -14.61 -4.74 36.62
N THR C 352 -15.55 -3.93 37.10
CA THR C 352 -16.98 -4.12 36.91
C THR C 352 -17.49 -3.02 35.99
N CYS C 353 -18.75 -3.09 35.62
CA CYS C 353 -19.28 -1.96 34.86
C CYS C 353 -19.30 -0.71 35.73
N GLU C 354 -19.61 -0.89 37.01
CA GLU C 354 -19.78 0.25 37.88
C GLU C 354 -18.45 0.95 38.15
N SER C 355 -17.42 0.18 38.55
CA SER C 355 -16.13 0.81 38.83
C SER C 355 -15.53 1.39 37.56
N ALA C 356 -15.66 0.66 36.45
CA ALA C 356 -15.13 1.18 35.19
C ALA C 356 -15.90 2.41 34.73
N SER C 357 -17.21 2.46 35.00
CA SER C 357 -17.97 3.66 34.67
C SER C 357 -17.41 4.89 35.40
N VAL C 358 -16.89 4.71 36.63
CA VAL C 358 -16.30 5.83 37.36
C VAL C 358 -14.98 6.23 36.73
N MET C 359 -14.21 5.25 36.24
CA MET C 359 -12.98 5.56 35.51
C MET C 359 -13.28 6.44 34.31
N ALA C 360 -14.32 6.10 33.54
CA ALA C 360 -14.71 6.94 32.41
C ALA C 360 -15.20 8.32 32.85
N ALA C 361 -15.82 8.40 34.03
CA ALA C 361 -16.32 9.70 34.49
C ALA C 361 -15.17 10.63 34.83
N THR C 362 -14.07 10.07 35.34
CA THR C 362 -12.86 10.85 35.54
C THR C 362 -12.39 11.47 34.24
N LEU C 363 -12.54 10.74 33.13
CA LEU C 363 -12.17 11.25 31.83
C LEU C 363 -13.19 12.26 31.33
N ALA C 364 -14.45 12.10 31.72
CA ALA C 364 -15.44 13.11 31.34
C ALA C 364 -15.26 14.41 32.10
N ASN C 365 -14.50 14.39 33.19
CA ASN C 365 -14.50 15.49 34.16
C ASN C 365 -13.13 16.14 34.29
N GLY C 366 -12.36 16.17 33.20
CA GLY C 366 -11.06 16.83 33.24
C GLY C 366 -10.02 16.19 34.14
N GLY C 367 -10.14 14.89 34.42
CA GLY C 367 -9.14 14.25 35.23
C GLY C 367 -9.38 14.36 36.71
N PHE C 368 -10.51 14.92 37.13
CA PHE C 368 -10.94 14.89 38.53
C PHE C 368 -11.95 13.77 38.73
N CYS C 369 -11.70 12.90 39.72
CA CYS C 369 -12.63 11.82 40.00
C CYS C 369 -13.92 12.38 40.57
N PRO C 370 -15.08 12.09 39.95
CA PRO C 370 -16.33 12.75 40.36
C PRO C 370 -16.86 12.27 41.71
N ILE C 371 -16.50 11.07 42.19
CA ILE C 371 -17.04 10.62 43.47
C ILE C 371 -16.07 10.85 44.62
N THR C 372 -14.91 11.42 44.35
CA THR C 372 -14.01 11.82 45.44
C THR C 372 -13.54 13.27 45.36
N GLY C 373 -13.55 13.91 44.19
CA GLY C 373 -12.99 15.24 44.00
C GLY C 373 -11.48 15.31 43.87
N GLU C 374 -10.79 14.19 43.87
CA GLU C 374 -9.34 14.16 43.76
C GLU C 374 -8.93 14.42 42.31
N ARG C 375 -7.94 15.31 42.11
CA ARG C 375 -7.32 15.47 40.80
C ARG C 375 -6.41 14.28 40.49
N VAL C 376 -6.77 13.52 39.47
CA VAL C 376 -6.10 12.28 39.16
C VAL C 376 -5.19 12.42 37.94
N LEU C 377 -5.70 13.00 36.86
CA LEU C 377 -4.93 13.15 35.62
C LEU C 377 -4.88 14.62 35.24
N SER C 378 -3.75 15.01 34.65
CA SER C 378 -3.64 16.35 34.09
C SER C 378 -4.67 16.53 32.99
N PRO C 379 -5.15 17.75 32.79
CA PRO C 379 -6.07 17.99 31.66
C PRO C 379 -5.44 17.63 30.33
N GLU C 380 -4.18 17.99 30.13
CA GLU C 380 -3.48 17.57 28.92
C GLU C 380 -3.60 16.06 28.71
N ALA C 381 -3.42 15.28 29.78
CA ALA C 381 -3.56 13.83 29.65
C ALA C 381 -4.98 13.43 29.25
N VAL C 382 -5.98 14.07 29.86
CA VAL C 382 -7.36 13.70 29.57
C VAL C 382 -7.75 14.14 28.16
N ARG C 383 -7.24 15.29 27.73
CA ARG C 383 -7.57 15.76 26.38
C ARG C 383 -6.99 14.84 25.31
N ASN C 384 -5.68 14.58 25.36
CA ASN C 384 -5.07 13.69 24.36
C ASN C 384 -5.79 12.35 24.30
N THR C 385 -6.10 11.79 25.46
CA THR C 385 -6.70 10.46 25.48
C THR C 385 -8.05 10.48 24.80
N LEU C 386 -8.88 11.47 25.13
CA LEU C 386 -10.19 11.59 24.51
C LEU C 386 -10.07 11.85 23.01
N SER C 387 -9.04 12.58 22.59
CA SER C 387 -8.87 12.81 21.16
C SER C 387 -8.58 11.51 20.44
N LEU C 388 -7.79 10.62 21.07
CA LEU C 388 -7.41 9.37 20.41
C LEU C 388 -8.46 8.27 20.58
N MET C 389 -9.29 8.34 21.62
CA MET C 389 -10.44 7.46 21.65
C MET C 389 -11.43 7.81 20.55
N HIS C 390 -11.52 9.10 20.21
CA HIS C 390 -12.44 9.56 19.16
C HIS C 390 -12.14 8.90 17.81
N SER C 391 -10.88 8.93 17.37
CA SER C 391 -10.56 8.38 16.06
C SER C 391 -10.05 6.93 16.08
N CYS C 392 -9.59 6.40 17.21
CA CYS C 392 -8.87 5.13 17.17
C CYS C 392 -9.37 4.07 18.15
N GLY C 393 -10.55 4.23 18.73
CA GLY C 393 -10.91 3.47 19.91
C GLY C 393 -11.74 2.23 19.68
N MET C 394 -12.28 2.03 18.47
CA MET C 394 -13.23 0.95 18.20
C MET C 394 -12.76 0.09 17.03
N TYR C 395 -11.46 -0.19 16.98
CA TYR C 395 -10.86 -1.10 15.96
C TYR C 395 -11.24 -0.53 14.58
N ASP C 396 -11.56 -1.39 13.61
CA ASP C 396 -11.80 -0.90 12.26
C ASP C 396 -13.08 -0.08 12.14
N PHE C 397 -13.92 -0.11 13.15
CA PHE C 397 -15.16 0.64 13.17
C PHE C 397 -14.98 2.05 13.69
N SER C 398 -13.75 2.47 14.02
CA SER C 398 -13.54 3.78 14.65
C SER C 398 -14.12 4.90 13.79
N GLY C 399 -13.79 4.91 12.49
CA GLY C 399 -14.25 5.97 11.59
C GLY C 399 -15.76 6.04 11.46
N GLN C 400 -16.42 4.88 11.39
CA GLN C 400 -17.88 4.84 11.35
C GLN C 400 -18.48 5.28 12.69
N PHE C 401 -17.86 4.83 13.79
CA PHE C 401 -18.31 5.17 15.13
C PHE C 401 -18.17 6.65 15.39
N ALA C 402 -17.05 7.25 14.94
CA ALA C 402 -16.84 8.69 15.10
C ALA C 402 -17.87 9.49 14.32
N PHE C 403 -18.21 9.01 13.13
CA PHE C 403 -19.21 9.72 12.34
C PHE C 403 -20.59 9.61 12.96
N HIS C 404 -21.03 8.39 13.29
CA HIS C 404 -22.41 8.19 13.70
C HIS C 404 -22.66 8.38 15.18
N VAL C 405 -21.70 8.05 16.04
CA VAL C 405 -21.88 8.14 17.49
C VAL C 405 -21.27 9.42 18.04
N GLY C 406 -20.09 9.79 17.54
CA GLY C 406 -19.46 11.05 17.90
C GLY C 406 -19.11 11.17 19.37
N LEU C 407 -18.70 10.09 20.02
CA LEU C 407 -18.24 10.09 21.39
C LEU C 407 -16.91 9.34 21.48
N PRO C 408 -16.03 9.78 22.36
CA PRO C 408 -14.84 8.98 22.66
C PRO C 408 -15.25 7.65 23.28
N ALA C 409 -14.78 6.56 22.70
CA ALA C 409 -15.06 5.23 23.25
C ALA C 409 -13.85 4.34 23.01
N LYS C 410 -13.70 3.31 23.84
CA LYS C 410 -12.64 2.30 23.65
C LYS C 410 -13.18 0.93 23.99
N SER C 411 -13.14 0.02 23.03
CA SER C 411 -13.63 -1.34 23.21
C SER C 411 -12.50 -2.32 23.51
N GLY C 412 -12.87 -3.45 24.15
CA GLY C 412 -11.95 -4.54 24.44
C GLY C 412 -12.62 -5.89 24.20
N VAL C 413 -11.79 -6.95 24.17
CA VAL C 413 -12.25 -8.25 23.66
C VAL C 413 -13.10 -9.03 24.66
N ALA C 414 -13.10 -8.66 25.94
CA ALA C 414 -14.02 -9.26 26.89
C ALA C 414 -15.43 -8.71 26.76
N GLY C 415 -15.67 -7.81 25.83
CA GLY C 415 -17.00 -7.28 25.57
C GLY C 415 -17.28 -5.95 26.21
N GLY C 416 -16.26 -5.20 26.61
CA GLY C 416 -16.43 -3.93 27.26
C GLY C 416 -16.29 -2.81 26.25
N ILE C 417 -17.05 -1.73 26.48
CA ILE C 417 -16.92 -0.47 25.76
C ILE C 417 -16.92 0.63 26.80
N LEU C 418 -15.81 1.34 26.88
CA LEU C 418 -15.63 2.49 27.77
C LEU C 418 -16.03 3.73 27.02
N LEU C 419 -17.07 4.39 27.51
CA LEU C 419 -17.73 5.49 26.82
C LEU C 419 -17.60 6.76 27.65
N VAL C 420 -17.23 7.86 26.99
CA VAL C 420 -17.09 9.15 27.68
C VAL C 420 -18.01 10.14 26.99
N VAL C 421 -18.87 10.78 27.76
CA VAL C 421 -19.60 11.94 27.27
C VAL C 421 -19.01 13.19 27.92
N PRO C 422 -18.11 13.90 27.24
CA PRO C 422 -17.36 14.98 27.89
C PRO C 422 -18.28 16.00 28.55
N ASN C 423 -17.90 16.38 29.78
CA ASN C 423 -18.64 17.31 30.63
C ASN C 423 -19.98 16.77 31.09
N VAL C 424 -20.33 15.53 30.74
CA VAL C 424 -21.62 14.96 31.15
C VAL C 424 -21.47 13.67 31.95
N MET C 425 -20.82 12.64 31.38
CA MET C 425 -20.84 11.37 32.10
C MET C 425 -19.83 10.41 31.51
N GLY C 426 -19.53 9.39 32.30
CA GLY C 426 -18.81 8.22 31.82
C GLY C 426 -19.69 6.99 31.95
N MET C 427 -19.43 6.00 31.10
CA MET C 427 -20.20 4.77 31.13
C MET C 427 -19.30 3.58 30.85
N MET C 428 -19.73 2.41 31.30
CA MET C 428 -19.20 1.15 30.83
C MET C 428 -20.36 0.24 30.42
N CYS C 429 -20.36 -0.19 29.17
CA CYS C 429 -21.27 -1.23 28.70
C CYS C 429 -20.48 -2.52 28.61
N TRP C 430 -21.11 -3.65 28.92
CA TRP C 430 -20.39 -4.90 28.86
C TRP C 430 -21.32 -6.01 28.40
N SER C 431 -20.98 -6.62 27.25
CA SER C 431 -21.59 -7.85 26.77
C SER C 431 -20.52 -8.63 26.04
N PRO C 432 -20.20 -9.86 26.44
CA PRO C 432 -19.06 -10.57 25.84
C PRO C 432 -19.23 -10.82 24.34
N PRO C 433 -20.43 -11.16 23.83
CA PRO C 433 -20.53 -11.46 22.38
C PRO C 433 -20.08 -10.29 21.52
N LEU C 434 -19.01 -10.52 20.74
CA LEU C 434 -18.45 -9.52 19.84
C LEU C 434 -19.00 -9.68 18.44
N ASP C 435 -18.89 -8.60 17.66
CA ASP C 435 -19.20 -8.66 16.23
C ASP C 435 -17.94 -8.95 15.44
N LYS C 436 -18.10 -9.07 14.12
CA LYS C 436 -16.99 -9.44 13.23
C LYS C 436 -15.83 -8.46 13.26
N MET C 437 -15.99 -7.27 13.81
CA MET C 437 -14.89 -6.32 13.90
C MET C 437 -14.23 -6.30 15.27
N GLY C 438 -14.74 -7.08 16.24
CA GLY C 438 -14.16 -7.09 17.56
C GLY C 438 -14.91 -6.30 18.62
N ASN C 439 -16.03 -5.67 18.27
CA ASN C 439 -16.77 -4.77 19.14
C ASN C 439 -18.01 -5.46 19.70
N SER C 440 -18.31 -5.16 20.97
CA SER C 440 -19.48 -5.75 21.60
C SER C 440 -20.72 -5.34 20.83
N VAL C 441 -21.50 -6.34 20.43
CA VAL C 441 -22.70 -6.08 19.63
C VAL C 441 -23.70 -5.27 20.43
N LYS C 442 -24.06 -5.75 21.62
CA LYS C 442 -25.02 -5.05 22.45
C LYS C 442 -24.49 -3.68 22.83
N GLY C 443 -23.19 -3.60 23.12
CA GLY C 443 -22.58 -2.32 23.42
C GLY C 443 -22.69 -1.34 22.27
N ILE C 444 -22.29 -1.78 21.07
CA ILE C 444 -22.32 -0.88 19.91
C ILE C 444 -23.74 -0.41 19.64
N HIS C 445 -24.70 -1.32 19.70
CA HIS C 445 -26.10 -0.97 19.46
C HIS C 445 -26.61 0.05 20.48
N PHE C 446 -26.28 -0.13 21.77
CA PHE C 446 -26.64 0.84 22.80
C PHE C 446 -26.09 2.23 22.51
N CYS C 447 -24.84 2.32 22.03
CA CYS C 447 -24.19 3.62 21.85
C CYS C 447 -24.75 4.36 20.65
N HIS C 448 -25.36 3.65 19.72
CA HIS C 448 -26.09 4.33 18.66
C HIS C 448 -27.39 4.90 19.19
N ASP C 449 -28.17 4.07 19.87
CA ASP C 449 -29.43 4.55 20.40
C ASP C 449 -29.22 5.73 21.33
N LEU C 450 -28.16 5.67 22.17
CA LEU C 450 -27.93 6.76 23.12
C LEU C 450 -27.78 8.10 22.41
N VAL C 451 -26.98 8.12 21.34
CA VAL C 451 -26.77 9.36 20.62
C VAL C 451 -27.92 9.65 19.67
N SER C 452 -28.68 8.64 19.27
CA SER C 452 -29.89 8.90 18.50
C SER C 452 -30.98 9.49 19.35
N LEU C 453 -30.95 9.25 20.66
CA LEU C 453 -31.94 9.81 21.58
C LEU C 453 -31.53 11.17 22.12
N CYS C 454 -30.25 11.36 22.44
CA CYS C 454 -29.80 12.54 23.16
C CYS C 454 -28.73 13.27 22.34
N ASN C 455 -28.66 14.58 22.53
CA ASN C 455 -27.74 15.42 21.76
C ASN C 455 -26.34 15.37 22.38
N PHE C 456 -25.84 14.15 22.60
CA PHE C 456 -24.52 13.90 23.17
C PHE C 456 -23.44 13.76 22.12
N HIS C 457 -23.84 13.72 20.84
CA HIS C 457 -22.87 13.69 19.76
C HIS C 457 -21.97 14.89 19.87
N ASN C 458 -20.67 14.63 19.80
CA ASN C 458 -19.66 15.66 19.89
C ASN C 458 -19.98 16.91 19.08
N TYR C 459 -20.71 16.76 17.97
CA TYR C 459 -21.03 17.88 17.10
C TYR C 459 -22.53 18.07 16.92
N ASP C 460 -23.36 17.60 17.87
CA ASP C 460 -24.71 18.12 17.98
C ASP C 460 -24.64 19.56 18.49
N ASN C 461 -25.71 20.30 18.25
CA ASN C 461 -25.75 21.68 18.69
C ASN C 461 -26.59 21.78 19.96
N LEU C 462 -26.12 22.59 20.91
CA LEU C 462 -26.80 22.66 22.20
C LEU C 462 -28.02 23.57 22.15
N ARG C 463 -28.26 24.23 21.04
CA ARG C 463 -29.34 25.18 20.87
C ARG C 463 -30.39 24.72 19.88
N HIS C 464 -29.98 24.20 18.74
CA HIS C 464 -30.90 23.69 17.74
C HIS C 464 -30.53 22.24 17.51
N PHE C 465 -31.39 21.31 17.94
CA PHE C 465 -31.00 19.91 17.87
C PHE C 465 -32.16 18.98 17.51
N ALA C 466 -33.17 19.48 16.80
CA ALA C 466 -34.15 18.64 16.07
C ALA C 466 -34.90 17.77 17.08
N LYS C 467 -35.04 16.45 16.87
CA LYS C 467 -35.94 15.76 17.79
C LYS C 467 -35.28 15.25 19.06
N LYS C 468 -34.00 15.49 19.28
CA LYS C 468 -33.38 14.81 20.38
C LYS C 468 -33.71 15.45 21.72
N LEU C 469 -33.46 14.67 22.77
CA LEU C 469 -33.65 15.05 24.15
C LEU C 469 -32.35 15.61 24.69
N ASP C 470 -32.42 16.65 25.52
CA ASP C 470 -31.22 17.16 26.21
C ASP C 470 -31.38 17.01 27.71
N PRO C 471 -30.83 15.95 28.30
CA PRO C 471 -31.02 15.71 29.75
C PRO C 471 -30.39 16.76 30.66
N ARG C 472 -29.52 17.63 30.16
CA ARG C 472 -28.97 18.73 30.96
C ARG C 472 -29.99 19.82 31.24
N ARG C 473 -31.16 19.75 30.60
CA ARG C 473 -32.15 20.81 30.65
C ARG C 473 -33.29 20.42 31.57
N GLU C 474 -33.99 21.43 32.07
CA GLU C 474 -35.11 21.20 32.97
C GLU C 474 -36.43 21.12 32.22
N GLY C 475 -36.72 22.13 31.41
CA GLY C 475 -37.93 22.15 30.61
C GLY C 475 -37.74 22.79 29.25
N PRO D 66 40.66 -49.27 -35.70
CA PRO D 66 40.71 -47.92 -35.12
C PRO D 66 40.64 -47.97 -33.61
N SER D 67 41.03 -46.89 -32.91
CA SER D 67 40.87 -46.82 -31.45
C SER D 67 41.13 -45.43 -30.88
N LEU D 68 40.29 -45.00 -29.92
CA LEU D 68 40.40 -43.64 -29.37
C LEU D 68 41.67 -43.39 -28.62
N GLU D 69 42.15 -44.37 -27.86
CA GLU D 69 43.43 -44.16 -27.22
C GLU D 69 44.49 -43.92 -28.27
N ASP D 70 44.29 -44.46 -29.47
CA ASP D 70 45.33 -44.38 -30.50
C ASP D 70 45.27 -43.05 -31.25
N LEU D 71 44.11 -42.66 -31.77
CA LEU D 71 44.08 -41.38 -32.49
C LEU D 71 44.34 -40.22 -31.55
N LEU D 72 43.87 -40.32 -30.30
CA LEU D 72 44.21 -39.29 -29.34
C LEU D 72 45.70 -39.28 -29.14
N PHE D 73 46.32 -40.46 -29.11
CA PHE D 73 47.77 -40.51 -29.00
C PHE D 73 48.40 -39.77 -30.17
N TYR D 74 47.91 -40.01 -31.39
CA TYR D 74 48.48 -39.33 -32.55
C TYR D 74 48.21 -37.83 -32.48
N THR D 75 47.03 -37.45 -31.99
CA THR D 75 46.71 -36.03 -31.85
C THR D 75 47.79 -35.32 -31.05
N ILE D 76 48.19 -35.89 -29.93
CA ILE D 76 49.18 -35.22 -29.12
C ILE D 76 50.57 -35.51 -29.64
N ALA D 77 50.79 -36.71 -30.19
CA ALA D 77 52.13 -37.11 -30.59
C ALA D 77 52.75 -36.17 -31.61
N GLU D 78 51.93 -35.51 -32.43
CA GLU D 78 52.43 -34.56 -33.42
C GLU D 78 53.50 -35.22 -34.28
N GLY D 79 53.17 -36.41 -34.80
CA GLY D 79 54.11 -37.16 -35.60
C GLY D 79 55.27 -37.78 -34.84
N GLN D 80 55.48 -37.41 -33.58
CA GLN D 80 56.62 -37.99 -32.86
C GLN D 80 56.26 -39.35 -32.28
N GLU D 81 57.31 -40.09 -31.89
CA GLU D 81 57.15 -41.48 -31.48
C GLU D 81 56.68 -41.61 -30.04
N LYS D 82 57.21 -40.78 -29.14
CA LYS D 82 56.87 -40.82 -27.72
C LYS D 82 56.55 -39.42 -27.24
N ILE D 83 55.62 -39.34 -26.29
CA ILE D 83 55.12 -38.08 -25.73
C ILE D 83 55.79 -37.82 -24.39
N PRO D 84 56.51 -36.72 -24.20
CA PRO D 84 56.90 -36.34 -22.84
C PRO D 84 55.66 -36.15 -21.99
N VAL D 85 55.70 -36.65 -20.76
CA VAL D 85 54.48 -36.67 -19.97
C VAL D 85 54.05 -35.25 -19.62
N HIS D 86 55.02 -34.35 -19.40
CA HIS D 86 54.65 -32.96 -19.13
C HIS D 86 53.94 -32.33 -20.32
N LYS D 87 54.24 -32.79 -21.53
CA LYS D 87 53.50 -32.29 -22.68
C LYS D 87 52.03 -32.71 -22.63
N PHE D 88 51.75 -33.94 -22.19
CA PHE D 88 50.36 -34.37 -22.06
C PHE D 88 49.66 -33.58 -20.98
N ILE D 89 50.34 -33.33 -19.86
CA ILE D 89 49.74 -32.57 -18.77
C ILE D 89 49.40 -31.16 -19.22
N THR D 90 50.30 -30.54 -20.00
CA THR D 90 50.09 -29.18 -20.46
C THR D 90 48.91 -29.08 -21.42
N ALA D 91 48.84 -29.99 -22.39
CA ALA D 91 47.71 -30.00 -23.31
C ALA D 91 46.41 -30.20 -22.54
N LEU D 92 46.42 -31.08 -21.56
CA LEU D 92 45.24 -31.33 -20.75
C LEU D 92 44.79 -30.07 -20.02
N LYS D 93 45.73 -29.40 -19.36
CA LYS D 93 45.39 -28.22 -18.56
C LYS D 93 44.85 -27.11 -19.44
N SER D 94 45.35 -27.00 -20.67
CA SER D 94 44.91 -25.91 -21.52
C SER D 94 43.45 -26.08 -21.93
N THR D 95 42.90 -27.29 -21.81
CA THR D 95 41.48 -27.48 -22.08
C THR D 95 40.59 -26.85 -21.01
N GLY D 96 41.16 -26.50 -19.86
CA GLY D 96 40.41 -26.07 -18.70
C GLY D 96 40.39 -27.08 -17.56
N LEU D 97 40.64 -28.35 -17.84
CA LEU D 97 40.59 -29.37 -16.81
C LEU D 97 41.73 -29.19 -15.82
N ARG D 98 41.43 -29.47 -14.55
CA ARG D 98 42.47 -29.57 -13.54
C ARG D 98 42.94 -31.02 -13.52
N THR D 99 44.23 -31.21 -13.30
CA THR D 99 44.74 -32.56 -13.17
C THR D 99 44.12 -33.26 -11.95
N SER D 100 43.58 -32.49 -11.01
CA SER D 100 42.92 -33.05 -9.85
C SER D 100 41.45 -33.38 -10.09
N ASP D 101 40.93 -33.16 -11.30
CA ASP D 101 39.54 -33.44 -11.62
C ASP D 101 39.17 -34.87 -11.18
N PRO D 102 38.13 -35.03 -10.37
CA PRO D 102 37.70 -36.37 -9.96
C PRO D 102 37.44 -37.32 -11.11
N ARG D 103 36.97 -36.85 -12.26
CA ARG D 103 36.75 -37.76 -13.37
C ARG D 103 38.06 -38.23 -14.00
N LEU D 104 39.21 -37.72 -13.54
CA LEU D 104 40.50 -38.07 -14.09
C LEU D 104 41.39 -38.84 -13.13
N LYS D 105 40.88 -39.24 -11.96
CA LYS D 105 41.72 -39.85 -10.92
C LYS D 105 42.50 -41.06 -11.43
N GLU D 106 41.82 -42.02 -12.07
CA GLU D 106 42.51 -43.22 -12.55
C GLU D 106 43.67 -42.89 -13.47
N CYS D 107 43.45 -41.94 -14.38
CA CYS D 107 44.49 -41.60 -15.35
C CYS D 107 45.70 -40.98 -14.66
N MET D 108 45.44 -40.09 -13.68
CA MET D 108 46.51 -39.47 -12.93
C MET D 108 47.19 -40.45 -12.00
N ASP D 109 46.43 -41.36 -11.39
CA ASP D 109 47.05 -42.37 -10.54
C ASP D 109 48.01 -43.20 -11.36
N MET D 110 47.62 -43.56 -12.58
CA MET D 110 48.53 -44.38 -13.35
C MET D 110 49.71 -43.55 -13.86
N LEU D 111 49.52 -42.26 -14.17
CA LEU D 111 50.68 -41.50 -14.62
C LEU D 111 51.70 -41.38 -13.49
N ARG D 112 51.23 -41.05 -12.29
CA ARG D 112 52.14 -40.94 -11.16
C ARG D 112 52.79 -42.28 -10.86
N LEU D 113 52.05 -43.37 -11.02
CA LEU D 113 52.63 -44.68 -10.84
C LEU D 113 53.77 -44.93 -11.83
N THR D 114 53.58 -44.59 -13.11
CA THR D 114 54.64 -44.87 -14.07
C THR D 114 55.86 -43.95 -13.83
N LEU D 115 55.65 -42.72 -13.36
CA LEU D 115 56.86 -41.93 -13.08
C LEU D 115 57.61 -42.47 -11.87
N GLN D 116 57.05 -43.45 -11.15
CA GLN D 116 57.78 -44.24 -10.17
C GLN D 116 58.44 -45.46 -10.80
N THR D 117 57.63 -46.33 -11.39
CA THR D 117 58.09 -47.60 -11.95
C THR D 117 59.11 -47.37 -13.06
N THR D 118 58.98 -46.28 -13.80
CA THR D 118 59.82 -46.01 -14.95
C THR D 118 60.43 -44.64 -14.71
N SER D 119 61.41 -44.58 -13.79
CA SER D 119 62.11 -43.31 -13.62
C SER D 119 63.12 -43.15 -14.76
N ASP D 120 63.02 -44.07 -15.70
CA ASP D 120 63.63 -43.96 -17.01
C ASP D 120 62.54 -43.52 -17.98
N GLY D 121 62.65 -42.29 -18.46
CA GLY D 121 61.66 -41.69 -19.32
C GLY D 121 62.01 -40.24 -19.48
N VAL D 122 61.08 -39.31 -19.30
CA VAL D 122 59.67 -39.55 -18.98
C VAL D 122 58.73 -39.80 -20.18
N MET D 123 59.19 -40.50 -21.22
CA MET D 123 58.42 -40.61 -22.46
C MET D 123 57.37 -41.70 -22.45
N LEU D 124 56.24 -41.41 -23.10
CA LEU D 124 55.12 -42.33 -23.25
C LEU D 124 55.07 -42.79 -24.71
N ASP D 125 55.18 -44.09 -24.95
CA ASP D 125 54.85 -44.60 -26.27
C ASP D 125 53.35 -44.93 -26.29
N LYS D 126 52.86 -45.39 -27.44
CA LYS D 126 51.43 -45.57 -27.61
C LYS D 126 50.83 -46.48 -26.54
N ASP D 127 51.44 -47.66 -26.35
CA ASP D 127 50.86 -48.64 -25.43
C ASP D 127 50.82 -48.12 -24.00
N LEU D 128 51.84 -47.36 -23.58
CA LEU D 128 51.84 -46.86 -22.22
C LEU D 128 50.84 -45.70 -22.07
N PHE D 129 50.81 -44.80 -23.06
CA PHE D 129 49.76 -43.80 -23.09
C PHE D 129 48.40 -44.48 -23.04
N LYS D 130 48.23 -45.54 -23.83
CA LYS D 130 46.96 -46.24 -23.87
C LYS D 130 46.54 -46.69 -22.47
N LYS D 131 47.46 -47.30 -21.73
CA LYS D 131 47.06 -47.84 -20.44
C LYS D 131 46.80 -46.76 -19.40
N CYS D 132 47.39 -45.56 -19.54
CA CYS D 132 47.10 -44.50 -18.56
C CYS D 132 45.78 -43.81 -18.82
N VAL D 133 45.45 -43.56 -20.09
CA VAL D 133 44.25 -42.80 -20.43
C VAL D 133 43.03 -43.69 -20.63
N GLN D 134 43.23 -45.01 -20.67
CA GLN D 134 42.18 -45.92 -21.12
C GLN D 134 40.92 -45.73 -20.27
N SER D 135 41.10 -45.49 -18.97
CA SER D 135 40.01 -45.39 -18.00
C SER D 135 39.15 -44.13 -18.16
N ASN D 136 39.76 -43.01 -18.56
CA ASN D 136 39.08 -41.73 -18.67
C ASN D 136 39.05 -41.22 -20.13
N ILE D 137 39.05 -42.16 -21.07
CA ILE D 137 39.31 -41.81 -22.47
C ILE D 137 38.17 -41.00 -23.06
N VAL D 138 36.92 -41.32 -22.69
CA VAL D 138 35.78 -40.61 -23.28
C VAL D 138 35.86 -39.12 -22.97
N LEU D 139 36.15 -38.78 -21.71
CA LEU D 139 36.23 -37.37 -21.32
C LEU D 139 37.45 -36.72 -21.95
N LEU D 140 38.59 -37.41 -21.95
CA LEU D 140 39.80 -36.85 -22.52
C LEU D 140 39.63 -36.53 -24.00
N THR D 141 38.75 -37.26 -24.68
CA THR D 141 38.54 -36.97 -26.09
C THR D 141 37.77 -35.67 -26.29
N GLN D 142 36.69 -35.47 -25.53
CA GLN D 142 36.00 -34.18 -25.58
C GLN D 142 36.93 -33.05 -25.19
N ALA D 143 37.82 -33.28 -24.22
CA ALA D 143 38.79 -32.24 -23.85
C ALA D 143 39.75 -31.94 -24.99
N PHE D 144 40.22 -32.98 -25.68
CA PHE D 144 41.26 -32.73 -26.68
C PHE D 144 40.72 -32.46 -28.07
N ARG D 145 39.55 -32.99 -28.43
CA ARG D 145 38.94 -32.65 -29.69
C ARG D 145 38.05 -31.40 -29.60
N ARG D 146 38.27 -30.57 -28.59
CA ARG D 146 37.59 -29.28 -28.45
C ARG D 146 36.07 -29.41 -28.45
N LYS D 147 35.56 -30.36 -27.69
CA LYS D 147 34.12 -30.61 -27.60
C LYS D 147 33.47 -29.96 -26.38
N PHE D 148 34.23 -29.19 -25.61
CA PHE D 148 33.63 -28.61 -24.41
C PHE D 148 32.78 -27.39 -24.76
N VAL D 149 31.94 -27.00 -23.81
CA VAL D 149 30.98 -25.91 -24.03
C VAL D 149 31.70 -24.64 -24.43
N ILE D 150 32.87 -24.40 -23.87
CA ILE D 150 33.73 -23.29 -24.28
C ILE D 150 35.02 -23.88 -24.84
N PRO D 151 35.12 -24.00 -26.18
CA PRO D 151 36.27 -24.71 -26.77
C PRO D 151 37.60 -24.01 -26.55
N ASP D 152 37.66 -22.71 -26.81
CA ASP D 152 38.92 -21.98 -26.65
C ASP D 152 38.91 -21.38 -25.25
N PHE D 153 39.18 -22.25 -24.27
CA PHE D 153 39.08 -21.84 -22.87
C PHE D 153 40.17 -20.86 -22.47
N MET D 154 41.34 -20.92 -23.11
CA MET D 154 42.42 -20.02 -22.70
C MET D 154 42.08 -18.59 -23.07
N SER D 155 41.50 -18.38 -24.25
CA SER D 155 41.00 -17.06 -24.62
C SER D 155 39.97 -16.55 -23.62
N PHE D 156 38.97 -17.38 -23.32
CA PHE D 156 37.90 -16.99 -22.41
C PHE D 156 38.43 -16.53 -21.04
N THR D 157 39.37 -17.27 -20.44
CA THR D 157 39.91 -16.86 -19.15
C THR D 157 40.69 -15.54 -19.25
N SER D 158 41.29 -15.27 -20.40
CA SER D 158 41.95 -13.99 -20.56
C SER D 158 40.93 -12.86 -20.49
N HIS D 159 39.71 -13.10 -20.99
CA HIS D 159 38.66 -12.09 -20.86
C HIS D 159 38.13 -12.00 -19.44
N ILE D 160 37.96 -13.15 -18.77
CA ILE D 160 37.57 -13.13 -17.35
C ILE D 160 38.59 -12.31 -16.55
N ASP D 161 39.87 -12.54 -16.81
CA ASP D 161 40.91 -11.79 -16.12
C ASP D 161 40.79 -10.30 -16.42
N GLU D 162 40.39 -9.95 -17.65
CA GLU D 162 40.23 -8.55 -17.99
C GLU D 162 39.07 -7.93 -17.24
N LEU D 163 37.92 -8.62 -17.19
CA LEU D 163 36.80 -8.13 -16.41
C LEU D 163 37.14 -8.04 -14.92
N TYR D 164 37.86 -9.05 -14.40
CA TYR D 164 38.25 -9.04 -12.99
C TYR D 164 39.01 -7.76 -12.67
N GLU D 165 39.96 -7.39 -13.53
CA GLU D 165 40.78 -6.21 -13.25
C GLU D 165 39.96 -4.92 -13.33
N SER D 166 38.97 -4.85 -14.23
CA SER D 166 38.19 -3.62 -14.36
C SER D 166 37.22 -3.47 -13.19
N ALA D 167 36.60 -4.59 -12.78
CA ALA D 167 35.82 -4.61 -11.55
C ALA D 167 36.69 -4.30 -10.34
N LYS D 168 37.94 -4.77 -10.37
CA LYS D 168 38.86 -4.62 -9.24
C LYS D 168 39.05 -3.16 -8.86
N LYS D 169 38.91 -2.25 -9.83
CA LYS D 169 39.14 -0.85 -9.57
C LYS D 169 37.92 -0.11 -9.03
N GLN D 170 36.75 -0.75 -8.96
CA GLN D 170 35.54 -0.15 -8.38
C GLN D 170 35.58 -0.24 -6.86
N SER D 171 36.25 0.72 -6.23
CA SER D 171 36.62 0.67 -4.83
C SER D 171 35.50 1.14 -3.88
N GLY D 172 34.29 1.41 -4.39
CA GLY D 172 33.21 1.90 -3.54
C GLY D 172 32.55 0.81 -2.69
N GLY D 173 31.56 1.22 -1.91
CA GLY D 173 30.77 0.30 -1.12
C GLY D 173 31.24 0.22 0.33
N LYS D 174 30.42 -0.45 1.14
CA LYS D 174 30.62 -0.54 2.59
C LYS D 174 30.46 -1.98 3.06
N VAL D 175 31.44 -2.47 3.83
CA VAL D 175 31.39 -3.82 4.39
C VAL D 175 30.31 -3.90 5.44
N ALA D 176 29.58 -5.01 5.44
CA ALA D 176 28.51 -5.24 6.42
C ALA D 176 29.08 -5.19 7.84
N ASP D 177 28.35 -4.49 8.74
CA ASP D 177 28.89 -4.15 10.04
C ASP D 177 27.95 -4.45 11.20
N TYR D 178 26.97 -5.34 11.03
CA TYR D 178 26.03 -5.61 12.11
C TYR D 178 26.52 -6.66 13.12
N ILE D 179 27.39 -7.59 12.72
CA ILE D 179 27.97 -8.57 13.65
C ILE D 179 29.48 -8.50 13.61
N PRO D 180 30.18 -8.88 14.69
CA PRO D 180 31.65 -8.80 14.70
C PRO D 180 32.38 -9.68 13.68
N GLN D 181 31.70 -10.60 12.97
CA GLN D 181 32.37 -11.53 12.05
C GLN D 181 32.32 -11.10 10.59
N LEU D 182 31.28 -10.36 10.18
CA LEU D 182 31.25 -9.81 8.83
C LEU D 182 32.01 -8.49 8.73
N ALA D 183 32.04 -7.70 9.81
CA ALA D 183 32.85 -6.48 9.84
C ALA D 183 34.32 -6.76 9.58
N LYS D 184 34.83 -7.92 9.99
CA LYS D 184 36.26 -8.26 9.94
C LYS D 184 36.76 -8.71 8.57
N PHE D 185 35.93 -8.63 7.52
CA PHE D 185 36.38 -8.93 6.16
C PHE D 185 36.81 -7.63 5.47
N SER D 186 37.88 -7.73 4.66
CA SER D 186 38.55 -6.59 4.03
C SER D 186 37.85 -6.09 2.76
N PRO D 187 37.95 -4.80 2.47
CA PRO D 187 37.50 -4.29 1.17
C PRO D 187 38.39 -4.72 0.01
N ASP D 188 39.63 -5.11 0.28
CA ASP D 188 40.52 -5.42 -0.81
C ASP D 188 40.35 -6.84 -1.31
N LEU D 189 39.60 -7.67 -0.61
CA LEU D 189 39.41 -9.01 -1.12
C LEU D 189 38.45 -9.00 -2.28
N TRP D 190 38.86 -9.65 -3.38
CA TRP D 190 38.04 -9.72 -4.58
C TRP D 190 38.46 -10.96 -5.34
N GLY D 191 37.52 -11.88 -5.57
CA GLY D 191 37.86 -13.08 -6.32
C GLY D 191 36.74 -13.61 -7.20
N VAL D 192 37.07 -14.15 -8.35
CA VAL D 192 36.09 -14.73 -9.26
C VAL D 192 36.58 -16.10 -9.67
N SER D 193 35.69 -17.08 -9.61
CA SER D 193 36.01 -18.45 -9.91
C SER D 193 34.96 -18.96 -10.88
N VAL D 194 35.41 -19.71 -11.88
CA VAL D 194 34.54 -20.20 -12.94
C VAL D 194 34.67 -21.71 -13.00
N CYS D 195 33.53 -22.39 -13.15
CA CYS D 195 33.49 -23.81 -13.48
C CYS D 195 32.42 -24.05 -14.55
N THR D 196 32.84 -24.50 -15.73
CA THR D 196 31.88 -24.69 -16.81
C THR D 196 31.06 -25.95 -16.55
N ALA D 197 30.04 -26.18 -17.38
CA ALA D 197 29.26 -27.41 -17.25
C ALA D 197 30.04 -28.64 -17.69
N ASP D 198 31.27 -28.45 -18.18
CA ASP D 198 32.15 -29.56 -18.54
C ASP D 198 33.28 -29.74 -17.53
N GLY D 199 33.31 -28.96 -16.45
CA GLY D 199 34.36 -29.06 -15.46
C GLY D 199 35.57 -28.19 -15.70
N GLN D 200 35.54 -27.34 -16.74
CA GLN D 200 36.65 -26.43 -16.97
C GLN D 200 36.71 -25.38 -15.86
N ARG D 201 37.90 -25.14 -15.32
CA ARG D 201 38.04 -24.29 -14.14
C ARG D 201 38.99 -23.14 -14.40
N HIS D 202 38.68 -21.99 -13.80
CA HIS D 202 39.56 -20.83 -13.83
C HIS D 202 39.26 -20.00 -12.60
N SER D 203 40.30 -19.38 -12.03
CA SER D 203 40.15 -18.51 -10.87
C SER D 203 41.03 -17.27 -10.97
N THR D 204 40.60 -16.18 -10.35
CA THR D 204 41.43 -14.99 -10.29
C THR D 204 41.09 -14.19 -9.04
N GLY D 205 42.12 -13.73 -8.35
CA GLY D 205 41.94 -13.08 -7.07
C GLY D 205 41.92 -14.01 -5.87
N ASP D 206 41.16 -13.61 -4.84
CA ASP D 206 41.14 -14.28 -3.54
C ASP D 206 40.04 -15.34 -3.52
N THR D 207 40.31 -16.41 -4.26
CA THR D 207 39.33 -17.45 -4.53
C THR D 207 39.43 -18.63 -3.59
N LYS D 208 40.41 -18.63 -2.70
CA LYS D 208 40.54 -19.70 -1.71
C LYS D 208 40.33 -19.18 -0.29
N VAL D 209 39.74 -18.00 -0.14
CA VAL D 209 39.44 -17.43 1.17
C VAL D 209 38.01 -17.84 1.55
N PRO D 210 37.82 -18.50 2.69
CA PRO D 210 36.46 -18.86 3.12
C PRO D 210 35.63 -17.64 3.50
N PHE D 211 34.33 -17.75 3.23
CA PHE D 211 33.36 -16.73 3.62
C PHE D 211 31.99 -17.40 3.71
N CYS D 212 31.08 -16.79 4.47
CA CYS D 212 29.80 -17.42 4.72
C CYS D 212 28.87 -17.19 3.55
N LEU D 213 27.99 -18.16 3.31
CA LEU D 213 27.11 -18.08 2.16
C LEU D 213 26.05 -16.99 2.37
N GLN D 214 25.57 -16.85 3.61
CA GLN D 214 24.50 -15.92 3.98
C GLN D 214 23.31 -16.18 3.05
N SER D 215 22.71 -15.16 2.43
CA SER D 215 21.54 -15.40 1.60
C SER D 215 21.86 -16.16 0.32
N CYS D 216 23.15 -16.40 0.01
CA CYS D 216 23.39 -17.21 -1.17
C CYS D 216 23.04 -18.67 -0.95
N VAL D 217 22.69 -19.06 0.28
CA VAL D 217 22.29 -20.43 0.56
C VAL D 217 20.82 -20.63 0.27
N LYS D 218 20.08 -19.53 0.14
CA LYS D 218 18.62 -19.60 0.00
C LYS D 218 18.20 -20.37 -1.23
N PRO D 219 18.75 -20.11 -2.42
CA PRO D 219 18.40 -20.97 -3.56
C PRO D 219 18.82 -22.42 -3.36
N LEU D 220 19.94 -22.66 -2.69
CA LEU D 220 20.37 -24.04 -2.49
C LEU D 220 19.37 -24.81 -1.66
N LYS D 221 18.90 -24.20 -0.56
CA LYS D 221 18.00 -24.98 0.28
C LYS D 221 16.60 -25.08 -0.33
N TYR D 222 16.19 -24.07 -1.11
CA TYR D 222 14.98 -24.22 -1.89
C TYR D 222 15.08 -25.39 -2.86
N ALA D 223 16.20 -25.48 -3.59
CA ALA D 223 16.43 -26.61 -4.49
C ALA D 223 16.31 -27.94 -3.76
N ILE D 224 16.91 -28.04 -2.57
CA ILE D 224 16.79 -29.27 -1.80
C ILE D 224 15.33 -29.52 -1.46
N ALA D 225 14.65 -28.47 -1.00
CA ALA D 225 13.24 -28.58 -0.66
C ALA D 225 12.41 -29.07 -1.85
N VAL D 226 12.56 -28.42 -3.01
CA VAL D 226 11.80 -28.85 -4.18
C VAL D 226 12.25 -30.23 -4.62
N ASN D 227 13.56 -30.51 -4.57
CA ASN D 227 14.02 -31.85 -4.89
C ASN D 227 13.35 -32.90 -4.02
N ASP D 228 13.24 -32.66 -2.71
CA ASP D 228 12.74 -33.75 -1.88
C ASP D 228 11.21 -33.77 -1.81
N LEU D 229 10.53 -32.63 -2.00
CA LEU D 229 9.10 -32.53 -1.77
C LEU D 229 8.29 -32.24 -3.01
N GLY D 230 8.85 -31.55 -3.99
CA GLY D 230 8.13 -31.28 -5.23
C GLY D 230 7.57 -29.88 -5.24
N THR D 231 7.39 -29.35 -6.45
CA THR D 231 6.96 -27.98 -6.68
C THR D 231 5.67 -27.65 -5.96
N GLU D 232 4.67 -28.51 -6.15
CA GLU D 232 3.35 -28.25 -5.58
C GLU D 232 3.44 -28.11 -4.06
N TYR D 233 4.04 -29.10 -3.40
CA TYR D 233 4.10 -29.09 -1.95
C TYR D 233 4.80 -27.85 -1.42
N VAL D 234 6.01 -27.59 -1.91
CA VAL D 234 6.81 -26.48 -1.40
C VAL D 234 6.02 -25.18 -1.49
N HIS D 235 5.35 -24.94 -2.64
CA HIS D 235 4.70 -23.66 -2.90
C HIS D 235 3.29 -23.60 -2.34
N ARG D 236 2.84 -24.62 -1.63
CA ARG D 236 1.76 -24.42 -0.68
C ARG D 236 2.18 -23.47 0.44
N TYR D 237 3.48 -23.34 0.70
CA TYR D 237 3.96 -22.54 1.83
C TYR D 237 4.68 -21.28 1.43
N VAL D 238 5.13 -21.16 0.18
CA VAL D 238 5.91 -20.01 -0.26
C VAL D 238 5.46 -19.66 -1.66
N GLY D 239 5.36 -18.37 -1.94
CA GLY D 239 4.95 -17.89 -3.24
C GLY D 239 6.07 -18.07 -4.23
N LYS D 240 5.83 -17.56 -5.43
CA LYS D 240 6.79 -17.74 -6.52
C LYS D 240 7.00 -16.47 -7.32
N GLU D 241 6.84 -15.30 -6.71
CA GLU D 241 6.91 -14.04 -7.43
C GLU D 241 7.72 -13.03 -6.61
N PRO D 242 8.29 -12.04 -7.27
CA PRO D 242 8.88 -10.92 -6.51
C PRO D 242 7.79 -10.05 -5.91
N SER D 243 8.11 -9.44 -4.76
CA SER D 243 7.04 -8.79 -4.01
C SER D 243 6.53 -7.54 -4.71
N GLY D 244 7.41 -6.80 -5.35
CA GLY D 244 7.10 -5.45 -5.81
C GLY D 244 8.07 -4.57 -5.05
N LEU D 245 8.79 -3.75 -5.80
CA LEU D 245 9.91 -2.96 -5.28
C LEU D 245 9.52 -1.94 -4.21
N ARG D 246 8.20 -1.85 -3.97
CA ARG D 246 7.55 -1.03 -2.94
C ARG D 246 6.78 -1.91 -1.95
N PHE D 247 7.23 -3.19 -1.78
CA PHE D 247 6.75 -4.20 -0.82
C PHE D 247 7.91 -4.96 -0.16
N ASN D 248 9.09 -4.36 -0.07
CA ASN D 248 10.21 -4.99 0.63
C ASN D 248 9.94 -5.22 2.12
N LYS D 249 8.90 -4.61 2.67
CA LYS D 249 8.68 -4.61 4.12
C LYS D 249 7.57 -5.54 4.61
N LEU D 250 6.77 -6.13 3.73
CA LEU D 250 5.74 -7.08 4.15
C LEU D 250 6.27 -8.51 4.15
N PHE D 251 5.89 -9.28 5.17
CA PHE D 251 6.35 -10.66 5.26
C PHE D 251 5.48 -11.62 4.46
N LEU D 252 4.23 -11.26 4.16
CA LEU D 252 3.29 -12.17 3.53
C LEU D 252 2.67 -11.51 2.31
N ASN D 253 2.39 -12.32 1.30
CA ASN D 253 1.61 -11.84 0.16
C ASN D 253 0.14 -11.88 0.55
N GLU D 254 -0.75 -11.65 -0.42
CA GLU D 254 -2.18 -11.58 -0.11
C GLU D 254 -2.75 -12.93 0.29
N ASP D 255 -2.13 -14.03 -0.14
CA ASP D 255 -2.52 -15.36 0.31
C ASP D 255 -1.89 -15.74 1.64
N ASP D 256 -1.26 -14.80 2.33
CA ASP D 256 -0.63 -15.07 3.63
C ASP D 256 0.47 -16.12 3.50
N LYS D 257 1.15 -16.16 2.33
CA LYS D 257 2.43 -16.84 2.20
C LYS D 257 3.53 -15.80 1.97
N PRO D 258 4.75 -16.10 2.37
CA PRO D 258 5.87 -15.24 1.97
C PRO D 258 5.93 -15.12 0.45
N HIS D 259 6.50 -14.02 -0.02
CA HIS D 259 6.39 -13.71 -1.44
C HIS D 259 7.09 -14.74 -2.31
N ASN D 260 8.29 -15.15 -1.93
CA ASN D 260 9.10 -16.08 -2.70
C ASN D 260 10.17 -16.64 -1.76
N PRO D 261 10.89 -17.69 -2.19
CA PRO D 261 11.89 -18.27 -1.30
C PRO D 261 13.15 -17.42 -1.15
N MET D 262 13.33 -16.37 -1.93
CA MET D 262 14.58 -15.63 -1.87
C MET D 262 14.58 -14.50 -0.84
N VAL D 263 13.45 -14.27 -0.15
CA VAL D 263 13.40 -13.31 0.94
C VAL D 263 13.47 -14.06 2.27
N ASN D 264 13.89 -13.37 3.33
CA ASN D 264 14.14 -14.00 4.63
C ASN D 264 12.94 -14.81 5.14
N ALA D 265 11.75 -14.23 5.09
CA ALA D 265 10.57 -14.96 5.54
C ALA D 265 10.32 -16.19 4.68
N GLY D 266 10.57 -16.09 3.37
CA GLY D 266 10.37 -17.23 2.48
C GLY D 266 11.39 -18.32 2.75
N ALA D 267 12.65 -17.92 2.99
CA ALA D 267 13.69 -18.87 3.35
C ALA D 267 13.40 -19.55 4.68
N ILE D 268 12.91 -18.77 5.67
CA ILE D 268 12.56 -19.33 6.98
C ILE D 268 11.47 -20.38 6.85
N VAL D 269 10.47 -20.13 6.00
CA VAL D 269 9.45 -21.16 5.75
C VAL D 269 10.06 -22.37 5.06
N VAL D 270 10.97 -22.14 4.11
CA VAL D 270 11.56 -23.25 3.37
C VAL D 270 12.48 -24.07 4.28
N THR D 271 13.25 -23.40 5.14
CA THR D 271 14.04 -24.11 6.14
C THR D 271 13.18 -25.08 6.93
N SER D 272 11.92 -24.71 7.20
CA SER D 272 11.05 -25.54 8.02
C SER D 272 10.47 -26.73 7.28
N LEU D 273 10.65 -26.84 5.96
CA LEU D 273 10.08 -27.97 5.24
C LEU D 273 11.05 -29.13 5.10
N ILE D 274 12.35 -28.88 5.24
CA ILE D 274 13.35 -29.89 4.90
C ILE D 274 13.47 -30.88 6.04
N LYS D 275 13.44 -32.16 5.70
CA LYS D 275 13.73 -33.24 6.65
C LYS D 275 12.98 -33.05 7.96
N GLN D 276 11.67 -32.93 7.83
CA GLN D 276 10.83 -32.68 8.99
C GLN D 276 10.89 -33.85 9.95
N GLY D 277 10.70 -33.55 11.24
CA GLY D 277 10.62 -34.56 12.29
C GLY D 277 11.93 -35.10 12.83
N VAL D 278 13.06 -34.78 12.21
CA VAL D 278 14.38 -35.12 12.76
C VAL D 278 14.96 -33.88 13.43
N ASN D 279 15.90 -34.09 14.36
CA ASN D 279 16.40 -32.96 15.12
C ASN D 279 17.33 -32.08 14.26
N ASN D 280 17.74 -30.95 14.82
CA ASN D 280 18.47 -29.97 14.03
C ASN D 280 19.85 -30.48 13.61
N ALA D 281 20.51 -31.25 14.46
CA ALA D 281 21.81 -31.81 14.12
C ALA D 281 21.76 -32.63 12.83
N GLU D 282 20.75 -33.48 12.69
CA GLU D 282 20.62 -34.32 11.50
C GLU D 282 20.10 -33.53 10.30
N LYS D 283 19.18 -32.60 10.51
CA LYS D 283 18.75 -31.74 9.43
C LYS D 283 19.94 -31.02 8.80
N PHE D 284 20.81 -30.46 9.64
CA PHE D 284 22.01 -29.77 9.17
C PHE D 284 22.91 -30.70 8.38
N ASP D 285 23.35 -31.79 9.02
CA ASP D 285 24.16 -32.79 8.34
C ASP D 285 23.54 -33.15 7.00
N TYR D 286 22.21 -33.30 6.97
CA TYR D 286 21.57 -33.74 5.75
C TYR D 286 21.75 -32.70 4.65
N VAL D 287 21.64 -31.42 5.00
CA VAL D 287 21.84 -30.34 4.03
C VAL D 287 23.31 -30.21 3.65
N MET D 288 24.21 -30.32 4.63
CA MET D 288 25.64 -30.24 4.34
C MET D 288 26.04 -31.32 3.36
N GLN D 289 25.49 -32.50 3.57
CA GLN D 289 25.72 -33.67 2.74
C GLN D 289 25.30 -33.36 1.30
N PHE D 290 24.24 -32.56 1.15
CA PHE D 290 23.80 -32.11 -0.16
C PHE D 290 24.77 -31.10 -0.77
N LEU D 291 25.21 -30.13 0.03
CA LEU D 291 26.11 -29.10 -0.47
C LEU D 291 27.45 -29.69 -0.89
N ASN D 292 27.91 -30.74 -0.19
CA ASN D 292 29.14 -31.40 -0.61
C ASN D 292 29.00 -31.99 -2.00
N LYS D 293 27.91 -32.72 -2.26
CA LYS D 293 27.70 -33.27 -3.59
C LYS D 293 27.64 -32.18 -4.65
N MET D 294 26.92 -31.08 -4.34
CA MET D 294 26.81 -29.98 -5.31
C MET D 294 28.16 -29.37 -5.62
N ALA D 295 29.04 -29.29 -4.62
CA ALA D 295 30.37 -28.69 -4.78
C ALA D 295 31.42 -29.71 -5.19
N GLY D 296 30.99 -30.89 -5.64
CA GLY D 296 31.94 -31.94 -6.02
C GLY D 296 32.93 -32.26 -4.92
N ASN D 297 32.48 -32.12 -3.67
CA ASN D 297 33.27 -32.40 -2.46
C ASN D 297 34.41 -31.40 -2.23
N GLU D 298 34.31 -30.19 -2.78
CA GLU D 298 35.26 -29.16 -2.42
C GLU D 298 34.76 -28.44 -1.18
N TYR D 299 35.50 -27.43 -0.74
CA TYR D 299 35.34 -26.94 0.63
C TYR D 299 33.92 -26.46 0.88
N VAL D 300 33.29 -27.08 1.88
CA VAL D 300 32.05 -26.62 2.47
C VAL D 300 32.25 -26.73 3.97
N GLY D 301 32.16 -25.60 4.68
CA GLY D 301 32.46 -25.54 6.09
C GLY D 301 31.38 -24.81 6.89
N PHE D 302 31.80 -24.26 8.02
CA PHE D 302 30.81 -23.69 8.93
C PHE D 302 31.48 -22.70 9.86
N SER D 303 30.88 -21.53 10.01
CA SER D 303 31.42 -20.53 10.93
C SER D 303 30.54 -20.49 12.17
N ASN D 304 31.01 -21.09 13.27
CA ASN D 304 30.26 -20.99 14.52
C ASN D 304 30.22 -19.55 15.00
N ALA D 305 31.31 -18.82 14.82
CA ALA D 305 31.33 -17.42 15.24
C ALA D 305 30.22 -16.62 14.54
N THR D 306 30.16 -16.68 13.21
CA THR D 306 29.07 -16.04 12.47
C THR D 306 27.71 -16.51 12.96
N PHE D 307 27.59 -17.78 13.31
CA PHE D 307 26.31 -18.30 13.81
C PHE D 307 25.90 -17.60 15.10
N GLN D 308 26.81 -17.54 16.07
CA GLN D 308 26.50 -16.94 17.36
C GLN D 308 26.05 -15.50 17.19
N SER D 309 26.76 -14.74 16.36
CA SER D 309 26.41 -13.34 16.21
C SER D 309 25.14 -13.17 15.39
N GLU D 310 24.84 -14.13 14.51
CA GLU D 310 23.59 -14.05 13.76
C GLU D 310 22.40 -14.29 14.69
N ARG D 311 22.56 -15.20 15.64
CA ARG D 311 21.48 -15.43 16.59
C ARG D 311 21.36 -14.32 17.62
N GLU D 312 22.41 -13.49 17.87
CA GLU D 312 22.20 -12.48 18.91
C GLU D 312 21.65 -11.20 18.29
N SER D 313 21.52 -11.17 16.96
CA SER D 313 21.25 -9.96 16.18
C SER D 313 20.08 -10.15 15.22
N GLY D 314 19.30 -11.21 15.42
CA GLY D 314 18.21 -11.50 14.53
C GLY D 314 16.88 -11.09 15.13
N ASP D 315 16.78 -9.89 15.72
CA ASP D 315 15.48 -9.45 16.19
C ASP D 315 14.45 -9.56 15.08
N ARG D 316 14.83 -9.10 13.87
CA ARG D 316 13.91 -9.13 12.74
C ARG D 316 13.53 -10.55 12.34
N ASN D 317 14.49 -11.49 12.43
CA ASN D 317 14.16 -12.87 12.09
C ASN D 317 13.26 -13.49 13.14
N PHE D 318 13.47 -13.15 14.40
CA PHE D 318 12.49 -13.57 15.40
C PHE D 318 11.15 -12.91 15.15
N ALA D 319 11.15 -11.63 14.78
CA ALA D 319 9.89 -10.99 14.40
C ALA D 319 9.18 -11.77 13.29
N ILE D 320 9.94 -12.22 12.28
CA ILE D 320 9.37 -13.00 11.18
C ILE D 320 8.80 -14.32 11.69
N GLY D 321 9.59 -15.03 12.51
CA GLY D 321 9.15 -16.34 12.96
C GLY D 321 7.88 -16.27 13.77
N TYR D 322 7.79 -15.31 14.69
CA TYR D 322 6.54 -15.22 15.44
C TYR D 322 5.40 -14.80 14.52
N TYR D 323 5.62 -13.84 13.62
CA TYR D 323 4.54 -13.49 12.70
C TYR D 323 4.09 -14.70 11.90
N LEU D 324 5.04 -15.52 11.42
CA LEU D 324 4.70 -16.67 10.59
C LEU D 324 3.92 -17.72 11.37
N LYS D 325 4.33 -17.97 12.61
CA LYS D 325 3.59 -18.89 13.49
C LYS D 325 2.16 -18.41 13.71
N GLU D 326 2.00 -17.14 14.06
CA GLU D 326 0.65 -16.61 14.30
C GLU D 326 -0.25 -16.84 13.10
N LYS D 327 0.26 -16.56 11.90
CA LYS D 327 -0.54 -16.74 10.69
C LYS D 327 -0.52 -18.17 10.16
N LYS D 328 0.01 -19.13 10.94
CA LYS D 328 -0.07 -20.56 10.64
C LYS D 328 0.60 -20.91 9.31
N CYS D 329 1.80 -20.39 9.12
CA CYS D 329 2.52 -20.57 7.86
C CYS D 329 3.49 -21.73 7.85
N PHE D 330 3.75 -22.38 8.96
CA PHE D 330 4.67 -23.50 9.06
C PHE D 330 3.93 -24.81 8.97
N PRO D 331 4.58 -25.89 8.57
CA PRO D 331 3.93 -27.20 8.63
C PRO D 331 3.63 -27.56 10.08
N GLU D 332 2.64 -28.42 10.26
CA GLU D 332 2.23 -28.82 11.59
C GLU D 332 3.40 -29.50 12.31
N GLY D 333 3.44 -29.30 13.62
CA GLY D 333 4.52 -29.84 14.43
C GLY D 333 5.83 -29.09 14.32
N THR D 334 5.82 -27.87 13.77
CA THR D 334 7.04 -27.10 13.65
C THR D 334 7.37 -26.43 14.98
N ASP D 335 8.62 -26.53 15.38
CA ASP D 335 9.14 -25.78 16.52
C ASP D 335 9.78 -24.55 15.92
N MET D 336 9.03 -23.44 15.90
CA MET D 336 9.45 -22.24 15.17
C MET D 336 10.81 -21.75 15.66
N VAL D 337 11.01 -21.69 16.98
CA VAL D 337 12.24 -21.14 17.53
C VAL D 337 13.41 -22.07 17.22
N GLY D 338 13.17 -23.38 17.14
CA GLY D 338 14.20 -24.29 16.66
C GLY D 338 14.49 -24.09 15.18
N ILE D 339 13.45 -23.80 14.38
CA ILE D 339 13.64 -23.56 12.96
C ILE D 339 14.50 -22.31 12.73
N LEU D 340 14.31 -21.28 13.55
CA LEU D 340 15.13 -20.08 13.40
C LEU D 340 16.61 -20.37 13.65
N ASP D 341 16.91 -21.19 14.67
CA ASP D 341 18.29 -21.60 14.90
C ASP D 341 18.86 -22.36 13.70
N PHE D 342 18.08 -23.30 13.16
CA PHE D 342 18.51 -24.03 11.96
C PHE D 342 18.82 -23.06 10.83
N TYR D 343 17.92 -22.09 10.60
CA TYR D 343 18.12 -21.07 9.56
C TYR D 343 19.38 -20.25 9.80
N PHE D 344 19.61 -19.81 11.03
CA PHE D 344 20.87 -19.13 11.36
C PHE D 344 22.07 -20.02 11.07
N GLN D 345 21.93 -21.34 11.19
CA GLN D 345 23.05 -22.23 10.88
C GLN D 345 23.31 -22.29 9.39
N LEU D 346 22.25 -22.52 8.61
CA LEU D 346 22.39 -22.56 7.16
C LEU D 346 23.02 -21.28 6.62
N CYS D 347 22.80 -20.13 7.27
CA CYS D 347 23.37 -18.88 6.78
C CYS D 347 24.84 -18.72 7.14
N SER D 348 25.37 -19.55 8.03
CA SER D 348 26.78 -19.47 8.42
C SER D 348 27.62 -20.56 7.79
N ILE D 349 27.05 -21.34 6.87
CA ILE D 349 27.85 -22.28 6.10
C ILE D 349 28.85 -21.51 5.25
N GLU D 350 30.09 -22.00 5.21
CA GLU D 350 31.23 -21.35 4.56
C GLU D 350 31.62 -22.07 3.28
N VAL D 351 32.01 -21.28 2.27
CA VAL D 351 32.57 -21.79 1.02
C VAL D 351 33.78 -20.94 0.65
N THR D 352 34.39 -21.28 -0.47
CA THR D 352 35.32 -20.43 -1.18
C THR D 352 34.67 -20.02 -2.50
N CYS D 353 35.33 -19.14 -3.26
CA CYS D 353 34.81 -18.86 -4.59
C CYS D 353 34.92 -20.08 -5.49
N GLU D 354 35.96 -20.90 -5.25
CA GLU D 354 36.22 -22.05 -6.09
C GLU D 354 35.17 -23.13 -5.87
N SER D 355 34.94 -23.51 -4.61
CA SER D 355 33.96 -24.58 -4.35
C SER D 355 32.56 -24.12 -4.70
N ALA D 356 32.23 -22.87 -4.39
CA ALA D 356 30.90 -22.36 -4.70
C ALA D 356 30.67 -22.22 -6.20
N SER D 357 31.71 -21.92 -6.98
CA SER D 357 31.51 -21.89 -8.43
C SER D 357 31.05 -23.26 -8.94
N VAL D 358 31.47 -24.34 -8.28
CA VAL D 358 31.04 -25.68 -8.71
C VAL D 358 29.57 -25.89 -8.37
N MET D 359 29.13 -25.38 -7.20
CA MET D 359 27.72 -25.46 -6.85
C MET D 359 26.86 -24.72 -7.89
N ALA D 360 27.28 -23.52 -8.28
CA ALA D 360 26.57 -22.82 -9.34
C ALA D 360 26.64 -23.58 -10.66
N ALA D 361 27.74 -24.27 -10.91
CA ALA D 361 27.85 -25.00 -12.16
C ALA D 361 26.92 -26.20 -12.18
N THR D 362 26.70 -26.81 -11.01
CA THR D 362 25.68 -27.85 -10.87
C THR D 362 24.31 -27.31 -11.24
N LEU D 363 24.03 -26.05 -10.86
CA LEU D 363 22.77 -25.41 -11.24
C LEU D 363 22.80 -25.04 -12.72
N ALA D 364 23.97 -24.71 -13.25
CA ALA D 364 24.01 -24.48 -14.69
C ALA D 364 23.84 -25.76 -15.49
N ASN D 365 23.93 -26.94 -14.84
CA ASN D 365 24.05 -28.23 -15.52
C ASN D 365 22.87 -29.16 -15.26
N GLY D 366 21.68 -28.61 -15.03
CA GLY D 366 20.52 -29.48 -14.87
C GLY D 366 20.60 -30.39 -13.65
N GLY D 367 21.35 -29.99 -12.63
CA GLY D 367 21.39 -30.77 -11.41
C GLY D 367 22.42 -31.85 -11.38
N PHE D 368 23.27 -31.97 -12.41
CA PHE D 368 24.43 -32.86 -12.40
C PHE D 368 25.68 -32.06 -12.08
N CYS D 369 26.46 -32.53 -11.11
CA CYS D 369 27.72 -31.89 -10.77
C CYS D 369 28.73 -32.07 -11.91
N PRO D 370 29.31 -30.99 -12.44
CA PRO D 370 30.15 -31.15 -13.64
C PRO D 370 31.48 -31.84 -13.38
N ILE D 371 32.03 -31.77 -12.17
CA ILE D 371 33.33 -32.36 -11.93
C ILE D 371 33.25 -33.74 -11.32
N THR D 372 32.04 -34.28 -11.15
CA THR D 372 31.88 -35.67 -10.71
C THR D 372 30.97 -36.51 -11.60
N GLY D 373 30.10 -35.90 -12.39
CA GLY D 373 29.10 -36.64 -13.13
C GLY D 373 27.91 -37.10 -12.30
N GLU D 374 27.87 -36.71 -11.03
CA GLU D 374 26.83 -37.11 -10.09
C GLU D 374 25.54 -36.31 -10.28
N ARG D 375 24.40 -37.01 -10.31
CA ARG D 375 23.10 -36.36 -10.24
C ARG D 375 22.83 -35.91 -8.80
N VAL D 376 22.68 -34.60 -8.60
CA VAL D 376 22.47 -34.05 -7.27
C VAL D 376 21.03 -33.61 -7.07
N LEU D 377 20.49 -32.83 -7.99
CA LEU D 377 19.14 -32.30 -7.84
C LEU D 377 18.33 -32.64 -9.08
N SER D 378 17.03 -32.85 -8.86
CA SER D 378 16.10 -33.06 -9.96
C SER D 378 16.11 -31.84 -10.87
N PRO D 379 15.83 -32.02 -12.15
CA PRO D 379 15.71 -30.85 -13.04
C PRO D 379 14.62 -29.89 -12.62
N GLU D 380 13.45 -30.42 -12.24
CA GLU D 380 12.38 -29.56 -11.71
C GLU D 380 12.90 -28.63 -10.61
N ALA D 381 13.73 -29.16 -9.69
CA ALA D 381 14.29 -28.34 -8.63
C ALA D 381 15.22 -27.27 -9.18
N VAL D 382 16.06 -27.63 -10.16
CA VAL D 382 17.02 -26.68 -10.69
C VAL D 382 16.31 -25.60 -11.49
N ARG D 383 15.26 -25.97 -12.23
CA ARG D 383 14.52 -24.97 -13.00
C ARG D 383 13.80 -23.97 -12.09
N ASN D 384 13.05 -24.44 -11.11
CA ASN D 384 12.38 -23.54 -10.17
C ASN D 384 13.37 -22.56 -9.55
N THR D 385 14.52 -23.05 -9.12
CA THR D 385 15.50 -22.21 -8.45
C THR D 385 15.99 -21.12 -9.37
N LEU D 386 16.40 -21.50 -10.57
CA LEU D 386 16.91 -20.52 -11.52
C LEU D 386 15.85 -19.50 -11.87
N SER D 387 14.59 -19.92 -11.93
CA SER D 387 13.52 -18.96 -12.21
C SER D 387 13.43 -17.92 -11.10
N LEU D 388 13.59 -18.35 -9.83
CA LEU D 388 13.44 -17.41 -8.73
C LEU D 388 14.72 -16.64 -8.41
N MET D 389 15.89 -17.21 -8.71
CA MET D 389 17.09 -16.38 -8.69
C MET D 389 17.01 -15.30 -9.76
N HIS D 390 16.41 -15.63 -10.91
CA HIS D 390 16.27 -14.67 -12.00
C HIS D 390 15.48 -13.43 -11.55
N SER D 391 14.30 -13.63 -10.97
CA SER D 391 13.47 -12.48 -10.63
C SER D 391 13.63 -11.98 -9.18
N CYS D 392 14.15 -12.77 -8.23
CA CYS D 392 14.13 -12.37 -6.83
C CYS D 392 15.50 -12.45 -6.17
N GLY D 393 16.58 -12.51 -6.93
CA GLY D 393 17.83 -12.99 -6.36
C GLY D 393 18.78 -11.94 -5.84
N MET D 394 18.53 -10.68 -6.14
CA MET D 394 19.47 -9.60 -5.87
C MET D 394 18.82 -8.48 -5.07
N TYR D 395 17.98 -8.83 -4.11
CA TYR D 395 17.35 -7.87 -3.20
C TYR D 395 16.56 -6.89 -4.09
N ASP D 396 16.55 -5.61 -3.75
CA ASP D 396 15.76 -4.65 -4.51
C ASP D 396 16.30 -4.38 -5.91
N PHE D 397 17.50 -4.85 -6.23
CA PHE D 397 18.06 -4.68 -7.55
C PHE D 397 17.64 -5.78 -8.51
N SER D 398 16.82 -6.74 -8.05
CA SER D 398 16.50 -7.90 -8.88
C SER D 398 15.93 -7.49 -10.24
N GLY D 399 14.93 -6.61 -10.26
CA GLY D 399 14.32 -6.23 -11.53
C GLY D 399 15.28 -5.56 -12.49
N GLN D 400 16.17 -4.69 -11.98
CA GLN D 400 17.19 -4.04 -12.80
C GLN D 400 18.24 -5.04 -13.27
N PHE D 401 18.63 -5.93 -12.37
CA PHE D 401 19.62 -6.96 -12.68
C PHE D 401 19.09 -7.90 -13.74
N ALA D 402 17.82 -8.30 -13.60
CA ALA D 402 17.19 -9.19 -14.58
C ALA D 402 17.09 -8.50 -15.93
N PHE D 403 16.78 -7.20 -15.93
CA PHE D 403 16.70 -6.47 -17.18
C PHE D 403 18.08 -6.35 -17.83
N HIS D 404 19.07 -5.86 -17.07
CA HIS D 404 20.35 -5.55 -17.69
C HIS D 404 21.31 -6.74 -17.77
N VAL D 405 21.24 -7.68 -16.84
CA VAL D 405 22.12 -8.84 -16.84
C VAL D 405 21.41 -10.08 -17.38
N GLY D 406 20.17 -10.32 -17.01
CA GLY D 406 19.46 -11.46 -17.56
C GLY D 406 20.08 -12.79 -17.22
N LEU D 407 20.62 -12.93 -16.01
CA LEU D 407 21.16 -14.19 -15.54
C LEU D 407 20.62 -14.53 -14.17
N PRO D 408 20.42 -15.83 -13.89
CA PRO D 408 20.12 -16.24 -12.51
C PRO D 408 21.29 -15.93 -11.59
N ALA D 409 21.01 -15.18 -10.52
CA ALA D 409 22.05 -14.84 -9.55
C ALA D 409 21.44 -14.66 -8.15
N LYS D 410 22.27 -14.87 -7.12
CA LYS D 410 21.85 -14.66 -5.73
C LYS D 410 22.99 -14.01 -4.95
N SER D 411 22.70 -12.87 -4.32
CA SER D 411 23.72 -12.18 -3.53
C SER D 411 23.53 -12.47 -2.05
N GLY D 412 24.62 -12.29 -1.29
CA GLY D 412 24.59 -12.41 0.16
C GLY D 412 25.42 -11.32 0.81
N VAL D 413 25.23 -11.13 2.13
CA VAL D 413 25.73 -9.94 2.81
C VAL D 413 27.22 -9.98 3.12
N ALA D 414 27.84 -11.16 3.01
CA ALA D 414 29.29 -11.35 3.10
C ALA D 414 30.04 -10.94 1.84
N GLY D 415 29.32 -10.49 0.82
CA GLY D 415 29.94 -10.03 -0.39
C GLY D 415 29.96 -11.02 -1.52
N GLY D 416 29.17 -12.08 -1.45
CA GLY D 416 29.12 -13.10 -2.48
C GLY D 416 27.97 -12.87 -3.44
N ILE D 417 28.17 -13.28 -4.69
CA ILE D 417 27.11 -13.34 -5.70
C ILE D 417 27.24 -14.68 -6.44
N LEU D 418 26.23 -15.52 -6.29
CA LEU D 418 26.17 -16.81 -6.98
C LEU D 418 25.51 -16.59 -8.33
N LEU D 419 26.25 -16.84 -9.41
CA LEU D 419 25.86 -16.56 -10.78
C LEU D 419 25.81 -17.84 -11.59
N VAL D 420 24.74 -18.02 -12.37
CA VAL D 420 24.58 -19.21 -13.18
C VAL D 420 24.35 -18.79 -14.62
N VAL D 421 25.20 -19.24 -15.54
CA VAL D 421 24.92 -19.08 -16.97
C VAL D 421 24.42 -20.42 -17.49
N PRO D 422 23.10 -20.60 -17.62
CA PRO D 422 22.55 -21.92 -17.93
C PRO D 422 23.19 -22.55 -19.16
N ASN D 423 23.52 -23.84 -19.03
CA ASN D 423 24.18 -24.66 -20.03
C ASN D 423 25.61 -24.24 -20.31
N VAL D 424 26.16 -23.26 -19.59
CA VAL D 424 27.53 -22.80 -19.87
C VAL D 424 28.45 -22.94 -18.66
N MET D 425 28.09 -22.35 -17.53
CA MET D 425 29.02 -22.32 -16.41
C MET D 425 28.29 -21.79 -15.19
N GLY D 426 28.93 -22.01 -14.03
CA GLY D 426 28.59 -21.36 -12.78
C GLY D 426 29.74 -20.48 -12.32
N MET D 427 29.48 -19.46 -11.52
CA MET D 427 30.53 -18.58 -11.00
C MET D 427 30.22 -18.21 -9.55
N MET D 428 31.27 -17.85 -8.83
CA MET D 428 31.12 -17.15 -7.58
C MET D 428 32.07 -15.96 -7.59
N CYS D 429 31.53 -14.75 -7.40
CA CYS D 429 32.32 -13.55 -7.13
C CYS D 429 32.16 -13.18 -5.67
N TRP D 430 33.23 -12.69 -5.05
CA TRP D 430 33.17 -12.30 -3.64
C TRP D 430 34.05 -11.09 -3.44
N SER D 431 33.44 -10.00 -3.04
CA SER D 431 34.11 -8.82 -2.53
C SER D 431 33.20 -8.31 -1.43
N PRO D 432 33.69 -8.20 -0.21
CA PRO D 432 32.81 -7.86 0.93
C PRO D 432 32.12 -6.50 0.80
N PRO D 433 32.76 -5.45 0.29
CA PRO D 433 32.05 -4.15 0.23
C PRO D 433 30.74 -4.19 -0.54
N LEU D 434 29.64 -3.89 0.17
CA LEU D 434 28.31 -3.86 -0.40
C LEU D 434 27.91 -2.45 -0.80
N ASP D 435 26.94 -2.38 -1.72
CA ASP D 435 26.32 -1.12 -2.10
C ASP D 435 25.05 -0.90 -1.27
N LYS D 436 24.42 0.25 -1.46
CA LYS D 436 23.28 0.57 -0.60
C LYS D 436 22.11 -0.41 -0.70
N MET D 437 22.11 -1.31 -1.69
CA MET D 437 21.06 -2.32 -1.77
C MET D 437 21.49 -3.68 -1.19
N GLY D 438 22.71 -3.79 -0.68
CA GLY D 438 23.19 -5.03 -0.09
C GLY D 438 24.06 -5.88 -1.00
N ASN D 439 24.23 -5.48 -2.26
CA ASN D 439 24.90 -6.28 -3.27
C ASN D 439 26.36 -5.84 -3.40
N SER D 440 27.24 -6.84 -3.56
CA SER D 440 28.66 -6.57 -3.67
C SER D 440 28.93 -5.65 -4.86
N VAL D 441 29.65 -4.57 -4.61
CA VAL D 441 29.89 -3.54 -5.62
C VAL D 441 30.69 -4.12 -6.79
N LYS D 442 31.85 -4.70 -6.48
CA LYS D 442 32.69 -5.29 -7.51
C LYS D 442 31.96 -6.44 -8.20
N GLY D 443 31.20 -7.22 -7.41
CA GLY D 443 30.41 -8.28 -8.00
C GLY D 443 29.43 -7.77 -9.03
N ILE D 444 28.65 -6.75 -8.66
CA ILE D 444 27.64 -6.20 -9.56
C ILE D 444 28.29 -5.66 -10.82
N HIS D 445 29.39 -4.92 -10.66
CA HIS D 445 30.10 -4.35 -11.80
C HIS D 445 30.59 -5.45 -12.75
N PHE D 446 31.14 -6.55 -12.19
CA PHE D 446 31.61 -7.68 -12.99
C PHE D 446 30.50 -8.30 -13.83
N CYS D 447 29.31 -8.50 -13.25
CA CYS D 447 28.24 -9.18 -13.99
C CYS D 447 27.61 -8.28 -15.05
N HIS D 448 27.73 -6.96 -14.92
CA HIS D 448 27.35 -6.08 -16.01
C HIS D 448 28.37 -6.17 -17.15
N ASP D 449 29.65 -6.02 -16.83
CA ASP D 449 30.66 -6.11 -17.87
C ASP D 449 30.61 -7.46 -18.55
N LEU D 450 30.46 -8.54 -17.78
CA LEU D 450 30.46 -9.88 -18.36
C LEU D 450 29.38 -10.01 -19.42
N VAL D 451 28.17 -9.54 -19.10
CA VAL D 451 27.08 -9.69 -20.08
C VAL D 451 27.19 -8.64 -21.19
N SER D 452 27.89 -7.52 -20.96
CA SER D 452 28.13 -6.59 -22.04
C SER D 452 29.12 -7.15 -23.04
N LEU D 453 29.95 -8.08 -22.62
CA LEU D 453 30.97 -8.68 -23.46
C LEU D 453 30.48 -9.90 -24.22
N CYS D 454 29.61 -10.70 -23.60
CA CYS D 454 29.25 -11.99 -24.15
C CYS D 454 27.75 -12.15 -24.28
N ASN D 455 27.33 -12.94 -25.26
CA ASN D 455 25.91 -13.11 -25.54
C ASN D 455 25.30 -14.11 -24.57
N PHE D 456 25.53 -13.91 -23.27
CA PHE D 456 25.03 -14.76 -22.20
C PHE D 456 23.70 -14.31 -21.61
N HIS D 457 23.23 -13.12 -21.95
CA HIS D 457 21.94 -12.64 -21.44
C HIS D 457 20.84 -13.63 -21.79
N ASN D 458 19.99 -13.91 -20.81
CA ASN D 458 18.88 -14.85 -20.95
C ASN D 458 18.18 -14.70 -22.28
N TYR D 459 18.09 -13.47 -22.76
CA TYR D 459 17.37 -13.15 -23.97
C TYR D 459 18.28 -12.50 -25.03
N ASP D 460 19.58 -12.79 -24.99
CA ASP D 460 20.38 -12.61 -26.19
C ASP D 460 20.03 -13.68 -27.21
N ASN D 461 20.37 -13.42 -28.46
CA ASN D 461 20.15 -14.37 -29.55
C ASN D 461 21.47 -15.03 -29.91
N LEU D 462 21.41 -16.32 -30.25
CA LEU D 462 22.62 -17.05 -30.58
C LEU D 462 23.07 -16.88 -32.02
N ARG D 463 22.29 -16.20 -32.86
CA ARG D 463 22.62 -16.01 -34.27
C ARG D 463 23.00 -14.58 -34.59
N HIS D 464 22.27 -13.64 -33.99
CA HIS D 464 22.51 -12.23 -34.20
C HIS D 464 22.76 -11.59 -32.85
N PHE D 465 23.98 -11.12 -32.63
CA PHE D 465 24.27 -10.55 -31.31
C PHE D 465 25.22 -9.35 -31.38
N ALA D 466 25.31 -8.68 -32.53
CA ALA D 466 25.87 -7.32 -32.62
C ALA D 466 27.31 -7.33 -32.13
N LYS D 467 27.68 -6.52 -31.14
CA LYS D 467 29.07 -6.31 -30.76
C LYS D 467 29.63 -7.43 -29.91
N LYS D 468 28.80 -8.38 -29.51
CA LYS D 468 29.17 -9.33 -28.48
C LYS D 468 30.01 -10.49 -29.00
N LEU D 469 30.73 -11.12 -28.06
CA LEU D 469 31.51 -12.32 -28.29
C LEU D 469 30.69 -13.52 -27.86
N ASP D 470 30.85 -14.64 -28.57
CA ASP D 470 30.20 -15.88 -28.15
C ASP D 470 31.27 -16.93 -27.87
N PRO D 471 31.65 -17.13 -26.60
CA PRO D 471 32.72 -18.08 -26.27
C PRO D 471 32.40 -19.53 -26.60
N ARG D 472 31.13 -19.87 -26.86
CA ARG D 472 30.81 -21.21 -27.32
C ARG D 472 31.27 -21.51 -28.73
N ARG D 473 31.75 -20.51 -29.48
CA ARG D 473 32.12 -20.66 -30.88
C ARG D 473 33.63 -20.64 -31.06
N GLU D 474 34.06 -21.14 -32.22
CA GLU D 474 35.48 -21.22 -32.57
C GLU D 474 35.93 -19.98 -33.36
N GLY D 475 35.75 -20.02 -34.68
CA GLY D 475 36.10 -18.92 -35.54
C GLY D 475 34.89 -18.29 -36.21
C14 Q94 E . -6.47 4.77 -7.74
C19 Q94 E . -8.27 1.28 -4.85
N16 Q94 E . -7.61 4.06 -5.89
N18 Q94 E . -6.98 1.70 -5.32
C01 Q94 E . 3.88 6.15 -6.25
C02 Q94 E . 2.39 6.24 -6.56
C04 Q94 E . 0.51 6.25 -8.28
C07 Q94 E . -1.96 6.56 -8.59
C09 Q94 E . -4.09 6.52 -9.86
C10 Q94 E . -4.90 7.44 -9.98
C11 Q94 E . -5.84 7.11 -8.75
C13 Q94 E . -5.07 5.20 -9.67
C17 Q94 E . -6.94 2.93 -6.08
C20 Q94 E . -8.39 -0.02 -4.06
N03 Q94 E . 1.92 6.16 -7.93
N05 Q94 E . 0.04 5.97 -9.47
N06 Q94 E . -1.30 6.13 -9.63
N08 Q94 E . -3.37 6.78 -8.56
N12 Q94 E . -5.99 5.59 -8.81
N15 Q94 E . -7.35 5.06 -6.80
O21 Q94 E . -9.23 1.95 -5.09
O24 Q94 E . 1.62 6.38 -5.68
S22 Q94 E . -5.95 3.17 -7.47
S23 Q94 E . -0.84 6.78 -7.31
C14 Q94 F . 3.09 -7.83 7.46
C19 Q94 F . -0.30 -9.03 4.04
N16 Q94 F . 2.59 -8.71 5.40
N18 Q94 F . 0.45 -7.87 4.49
C01 Q94 F . 6.52 2.15 6.90
C02 Q94 F . 6.01 0.73 7.17
C04 Q94 F . 5.87 -1.25 8.68
C07 Q94 F . 5.24 -3.68 8.76
C09 Q94 F . 4.71 -5.81 9.90
C10 Q94 F . 5.64 -6.61 10.06
C11 Q94 F . 5.34 -7.56 8.83
C13 Q94 F . 3.40 -6.80 9.66
C17 Q94 F . 1.49 -7.98 5.48
C20 Q94 F . -1.38 -8.82 3.00
N03 Q94 F . 6.35 0.09 8.41
N05 Q94 F . 5.26 -1.64 9.77
N06 Q94 F . 4.92 -2.96 9.80
N08 Q94 F . 4.98 -5.08 8.61
N12 Q94 F . 3.80 -7.58 8.68
N15 Q94 F . 3.44 -8.64 6.47
O21 Q94 F . -0.07 -10.11 4.48
O24 Q94 F . 5.32 0.17 6.39
S22 Q94 F . 1.58 -7.15 6.99
S23 Q94 F . 6.03 -2.63 7.66
#